data_4LRH
#
_entry.id   4LRH
#
_cell.length_a   90.021
_cell.length_b   144.589
_cell.length_c   216.839
_cell.angle_alpha   90.00
_cell.angle_beta   90.00
_cell.angle_gamma   90.00
#
_symmetry.space_group_name_H-M   'P 21 21 21'
#
loop_
_entity.id
_entity.type
_entity.pdbx_description
1 polymer 'Folate receptor alpha'
2 non-polymer 'FOLIC ACID'
3 non-polymer 2-acetamido-2-deoxy-beta-D-glucopyranose
4 water water
#
_entity_poly.entity_id   1
_entity_poly.type   'polypeptide(L)'
_entity_poly.pdbx_seq_one_letter_code
;QTRIAWARTELLNVCMNAKHHKEKPGPEDKLHEQCRPWRKNACCSTNTSQEAHKDVSYLYRFNWNHCGEMAPACKRHFIQ
DTCLYECSPNLGPWIQQVDQSWRKERVLNVPLCKEDCEQWWEDCRTSYTCKSNWHKGWNWTSGFNKCAVGAACQPFHFYF
PTPTVLCNEIWTHSYKVSNYSRGSGRCIQMWFDPAQGNPNEEVARFYAAAMSGTLVPR
;
_entity_poly.pdbx_strand_id   A,B,C,D,E,F,G,H
#
loop_
_chem_comp.id
_chem_comp.type
_chem_comp.name
_chem_comp.formula
FOL non-polymer 'FOLIC ACID' 'C19 H19 N7 O6'
NAG D-saccharide, beta linking 2-acetamido-2-deoxy-beta-D-glucopyranose 'C8 H15 N O6'
#
# COMPACT_ATOMS: atom_id res chain seq x y z
N ARG A 8 9.33 12.39 13.57
CA ARG A 8 9.83 13.25 12.45
C ARG A 8 8.91 13.17 11.24
N THR A 9 7.85 13.98 11.26
CA THR A 9 6.88 14.03 10.16
C THR A 9 7.21 15.18 9.21
N GLU A 10 7.69 16.28 9.79
CA GLU A 10 8.10 17.46 9.04
C GLU A 10 9.62 17.62 9.12
N LEU A 11 10.27 17.36 8.00
CA LEU A 11 11.72 17.45 7.94
C LEU A 11 12.18 18.70 7.21
N LEU A 12 11.25 19.62 6.94
CA LEU A 12 11.60 20.86 6.26
C LEU A 12 11.62 22.01 7.26
N ASN A 13 12.51 22.97 7.05
CA ASN A 13 12.64 24.12 7.95
C ASN A 13 12.69 23.69 9.41
N VAL A 14 13.63 22.80 9.72
CA VAL A 14 13.82 22.30 11.08
C VAL A 14 15.30 22.22 11.42
N CYS A 15 15.62 22.19 12.71
CA CYS A 15 17.00 22.11 13.15
C CYS A 15 17.26 20.77 13.83
N MET A 16 18.40 20.15 13.53
CA MET A 16 18.73 18.90 14.18
C MET A 16 19.04 19.23 15.65
N ASN A 17 19.02 18.22 16.50
CA ASN A 17 19.30 18.43 17.92
C ASN A 17 20.76 18.09 18.21
N ALA A 18 21.64 19.07 18.09
CA ALA A 18 23.06 18.87 18.34
C ALA A 18 23.53 19.72 19.51
N LYS A 19 24.84 19.87 19.63
CA LYS A 19 25.41 20.62 20.73
C LYS A 19 25.19 22.12 20.70
N HIS A 20 24.96 22.70 19.53
CA HIS A 20 24.80 24.15 19.47
C HIS A 20 23.54 24.67 18.78
N HIS A 21 22.92 23.84 17.95
CA HIS A 21 21.73 24.27 17.25
C HIS A 21 20.63 24.87 18.13
N LYS A 22 19.82 25.73 17.53
CA LYS A 22 18.69 26.33 18.22
C LYS A 22 17.55 25.31 18.12
N GLU A 23 16.51 25.45 18.94
CA GLU A 23 15.40 24.51 18.88
C GLU A 23 14.63 24.60 17.59
N LYS A 24 14.55 25.80 17.02
CA LYS A 24 13.85 26.00 15.77
C LYS A 24 14.45 27.12 14.94
N PRO A 25 14.43 27.00 13.60
CA PRO A 25 14.96 27.99 12.68
C PRO A 25 14.48 29.38 12.97
N GLY A 26 15.25 30.39 12.55
CA GLY A 26 14.83 31.76 12.81
C GLY A 26 15.84 32.75 12.28
N PRO A 27 15.42 33.94 11.86
CA PRO A 27 16.31 34.98 11.33
C PRO A 27 17.49 35.32 12.26
N GLU A 28 18.62 35.69 11.66
CA GLU A 28 19.84 36.05 12.40
C GLU A 28 20.66 36.97 11.50
N ASP A 29 20.39 38.25 11.56
CA ASP A 29 21.08 39.22 10.72
C ASP A 29 22.44 39.61 11.25
N LYS A 30 22.94 38.86 12.22
CA LYS A 30 24.22 39.15 12.81
C LYS A 30 25.26 38.06 12.58
N LEU A 31 24.91 37.03 11.81
CA LEU A 31 25.81 35.93 11.52
C LEU A 31 27.12 36.47 10.96
N HIS A 32 28.23 35.86 11.36
CA HIS A 32 29.56 36.28 10.90
C HIS A 32 29.80 35.96 9.44
N GLU A 33 30.81 36.58 8.84
CA GLU A 33 31.14 36.38 7.42
C GLU A 33 30.63 35.14 6.70
N GLN A 34 31.47 34.12 6.60
CA GLN A 34 31.08 32.90 5.89
C GLN A 34 29.69 32.35 6.18
N CYS A 35 29.19 32.54 7.40
CA CYS A 35 27.86 32.06 7.70
C CYS A 35 26.76 33.06 7.32
N ARG A 36 27.12 34.11 6.59
CA ARG A 36 26.17 35.13 6.16
C ARG A 36 24.99 34.66 5.31
N PRO A 37 25.24 33.72 4.39
CA PRO A 37 24.17 33.22 3.51
C PRO A 37 22.96 32.65 4.23
N TRP A 38 23.07 32.50 5.53
CA TRP A 38 21.97 31.94 6.32
C TRP A 38 21.30 32.95 7.24
N ARG A 39 21.50 34.22 7.00
CA ARG A 39 20.89 35.23 7.85
C ARG A 39 19.36 35.22 7.80
N LYS A 40 18.80 34.89 6.64
CA LYS A 40 17.35 34.85 6.47
C LYS A 40 16.72 33.84 7.39
N ASN A 41 17.32 32.67 7.47
CA ASN A 41 16.76 31.64 8.31
C ASN A 41 17.90 30.69 8.68
N ALA A 42 18.28 30.66 9.95
CA ALA A 42 19.39 29.81 10.40
C ALA A 42 19.11 29.05 11.68
N CYS A 43 19.90 28.00 11.89
CA CYS A 43 19.78 27.17 13.08
C CYS A 43 20.85 27.49 14.08
N CYS A 44 21.79 28.35 13.68
CA CYS A 44 22.91 28.74 14.53
C CYS A 44 22.74 30.15 15.12
N SER A 45 23.54 30.48 16.13
CA SER A 45 23.44 31.80 16.76
C SER A 45 24.61 32.63 16.33
N THR A 46 24.51 33.94 16.50
CA THR A 46 25.59 34.86 16.14
C THR A 46 26.92 34.36 16.68
N ASN A 47 26.89 33.90 17.93
CA ASN A 47 28.08 33.36 18.56
C ASN A 47 28.66 32.17 17.77
N THR A 48 27.84 31.15 17.54
CA THR A 48 28.29 29.98 16.80
C THR A 48 28.96 30.34 15.46
N SER A 49 28.33 31.23 14.70
CA SER A 49 28.87 31.62 13.41
C SER A 49 30.23 32.28 13.59
N GLN A 50 30.42 33.02 14.68
CA GLN A 50 31.69 33.69 14.96
C GLN A 50 32.78 32.70 15.31
N GLU A 51 32.45 31.78 16.20
CA GLU A 51 33.39 30.77 16.62
C GLU A 51 33.75 29.86 15.48
N ALA A 52 32.83 29.71 14.54
CA ALA A 52 33.05 28.86 13.37
C ALA A 52 34.29 29.28 12.56
N HIS A 53 34.66 30.56 12.62
CA HIS A 53 35.84 31.03 11.89
C HIS A 53 37.12 31.03 12.71
N LYS A 54 37.10 30.47 13.91
CA LYS A 54 38.28 30.50 14.76
C LYS A 54 38.96 29.16 15.00
N ASP A 55 40.29 29.18 15.15
CA ASP A 55 41.05 27.95 15.39
C ASP A 55 40.77 27.44 16.80
N VAL A 56 40.57 26.12 16.91
CA VAL A 56 40.26 25.51 18.20
C VAL A 56 39.13 26.32 18.83
N SER A 57 38.04 26.48 18.08
CA SER A 57 36.87 27.25 18.52
C SER A 57 36.25 26.76 19.80
N TYR A 58 35.35 27.58 20.32
CA TYR A 58 34.63 27.28 21.55
C TYR A 58 33.63 26.14 21.29
N LEU A 59 33.36 25.90 20.01
CA LEU A 59 32.42 24.87 19.59
C LEU A 59 32.81 23.44 19.93
N TYR A 60 34.02 23.05 19.54
CA TYR A 60 34.48 21.71 19.81
C TYR A 60 35.96 21.69 20.10
N ARG A 61 36.58 22.87 20.28
CA ARG A 61 38.01 22.97 20.54
C ARG A 61 38.82 22.20 19.47
N PHE A 62 38.25 22.06 18.27
CA PHE A 62 38.90 21.31 17.21
C PHE A 62 40.03 22.12 16.59
N ASN A 63 41.19 21.47 16.47
CA ASN A 63 42.37 22.11 15.93
C ASN A 63 42.62 21.68 14.50
N TRP A 64 42.54 22.64 13.59
CA TRP A 64 42.71 22.36 12.18
C TRP A 64 44.16 22.15 11.87
N ASN A 65 45.01 22.84 12.61
CA ASN A 65 46.43 22.77 12.39
C ASN A 65 47.13 21.64 13.15
N HIS A 66 46.58 20.44 13.09
CA HIS A 66 47.19 19.32 13.79
C HIS A 66 48.50 18.83 13.15
N CYS A 67 48.63 19.07 11.85
CA CYS A 67 49.84 18.69 11.13
C CYS A 67 50.42 19.93 10.52
N GLY A 68 50.66 20.94 11.34
CA GLY A 68 51.19 22.18 10.82
C GLY A 68 50.06 23.10 10.44
N GLU A 69 50.37 24.33 10.06
CA GLU A 69 49.34 25.28 9.67
C GLU A 69 48.61 24.82 8.41
N MET A 70 47.29 24.72 8.51
CA MET A 70 46.46 24.33 7.38
C MET A 70 46.33 25.56 6.52
N ALA A 71 46.47 25.38 5.21
CA ALA A 71 46.38 26.50 4.31
C ALA A 71 44.98 27.15 4.38
N PRO A 72 44.93 28.47 4.31
CA PRO A 72 43.65 29.20 4.37
C PRO A 72 42.67 28.71 3.31
N ALA A 73 43.15 28.53 2.08
CA ALA A 73 42.30 28.05 1.00
C ALA A 73 41.63 26.73 1.35
N CYS A 74 42.21 26.00 2.29
CA CYS A 74 41.65 24.73 2.70
C CYS A 74 40.75 24.90 3.94
N LYS A 75 41.09 25.80 4.83
CA LYS A 75 40.32 25.99 6.06
C LYS A 75 38.97 26.63 5.75
N ARG A 76 38.95 27.49 4.75
CA ARG A 76 37.70 28.13 4.37
C ARG A 76 36.64 27.07 4.06
N HIS A 77 37.07 25.91 3.55
CA HIS A 77 36.12 24.84 3.25
C HIS A 77 35.59 24.15 4.51
N PHE A 78 36.42 24.11 5.55
CA PHE A 78 36.00 23.53 6.82
C PHE A 78 35.12 24.56 7.58
N ILE A 79 35.38 25.83 7.37
CA ILE A 79 34.56 26.83 8.03
C ILE A 79 33.16 26.76 7.43
N GLN A 80 33.06 26.73 6.11
CA GLN A 80 31.75 26.65 5.46
C GLN A 80 30.99 25.43 5.92
N ASP A 81 31.68 24.29 5.95
CA ASP A 81 31.04 23.07 6.39
C ASP A 81 30.44 23.32 7.77
N THR A 82 31.16 24.06 8.61
CA THR A 82 30.66 24.33 9.95
C THR A 82 29.40 25.17 9.85
N CYS A 83 29.41 26.16 8.97
CA CYS A 83 28.24 27.00 8.82
C CYS A 83 27.08 26.16 8.39
N LEU A 84 27.27 25.38 7.33
CA LEU A 84 26.20 24.55 6.80
C LEU A 84 25.65 23.61 7.84
N TYR A 85 26.54 22.97 8.58
CA TYR A 85 26.13 22.00 9.57
C TYR A 85 25.46 22.64 10.77
N GLU A 86 25.98 23.79 11.16
CA GLU A 86 25.46 24.49 12.33
C GLU A 86 24.33 25.49 12.04
N CYS A 87 24.13 25.86 10.78
CA CYS A 87 23.09 26.83 10.44
C CYS A 87 21.99 26.41 9.49
N SER A 88 22.29 25.53 8.55
CA SER A 88 21.27 25.08 7.60
C SER A 88 19.99 24.47 8.20
N PRO A 89 18.85 25.00 7.77
CA PRO A 89 17.56 24.51 8.25
C PRO A 89 16.98 23.54 7.22
N ASN A 90 17.74 23.28 6.16
CA ASN A 90 17.33 22.39 5.09
C ASN A 90 18.05 21.02 5.08
N LEU A 91 18.30 20.47 6.27
CA LEU A 91 18.98 19.18 6.33
C LEU A 91 18.09 18.11 6.97
N GLY A 92 16.84 18.46 7.26
CA GLY A 92 15.93 17.49 7.86
C GLY A 92 15.86 16.12 7.18
N PRO A 93 15.81 16.05 5.83
CA PRO A 93 15.74 14.77 5.14
C PRO A 93 16.89 13.82 5.46
N TRP A 94 17.91 14.32 6.17
CA TRP A 94 19.06 13.50 6.50
C TRP A 94 19.35 13.43 7.99
N ILE A 95 18.45 13.97 8.80
CA ILE A 95 18.64 13.95 10.25
C ILE A 95 18.38 12.54 10.79
N GLN A 96 19.22 12.10 11.73
CA GLN A 96 19.09 10.79 12.35
C GLN A 96 19.52 10.85 13.80
N GLN A 97 18.93 9.99 14.61
CA GLN A 97 19.23 9.94 16.03
C GLN A 97 20.39 8.97 16.34
N VAL A 98 21.44 9.49 16.98
CA VAL A 98 22.60 8.68 17.33
C VAL A 98 22.76 8.60 18.84
N ASP A 99 22.37 9.65 19.54
CA ASP A 99 22.44 9.67 21.00
C ASP A 99 23.87 9.50 21.55
N GLN A 100 24.63 10.58 21.49
CA GLN A 100 25.99 10.56 22.00
C GLN A 100 26.26 11.71 22.96
N SER A 101 27.33 11.57 23.71
CA SER A 101 27.72 12.55 24.72
C SER A 101 27.56 14.02 24.39
N TRP A 102 27.57 14.37 23.11
CA TRP A 102 27.45 15.76 22.71
C TRP A 102 26.34 16.09 21.72
N ARG A 103 25.63 15.09 21.21
CA ARG A 103 24.54 15.39 20.27
C ARG A 103 23.60 14.22 20.15
N LYS A 104 22.31 14.49 20.35
CA LYS A 104 21.30 13.45 20.27
C LYS A 104 21.01 13.09 18.81
N GLU A 105 21.11 14.09 17.94
CA GLU A 105 20.86 13.90 16.52
C GLU A 105 22.05 14.37 15.72
N ARG A 106 22.03 14.04 14.43
CA ARG A 106 23.07 14.44 13.51
C ARG A 106 22.59 14.13 12.08
N VAL A 107 23.40 14.47 11.08
CA VAL A 107 23.03 14.20 9.68
C VAL A 107 23.94 13.14 9.08
N LEU A 108 23.38 12.33 8.19
CA LEU A 108 24.11 11.27 7.51
C LEU A 108 23.74 11.16 6.06
N ASN A 109 24.74 10.88 5.23
CA ASN A 109 24.53 10.73 3.80
C ASN A 109 23.96 11.96 3.09
N VAL A 110 24.34 13.15 3.52
CA VAL A 110 23.86 14.35 2.87
C VAL A 110 24.43 14.38 1.44
N PRO A 111 23.56 14.50 0.42
CA PRO A 111 23.98 14.53 -0.99
C PRO A 111 24.69 15.82 -1.39
N LEU A 112 25.97 15.91 -1.01
CA LEU A 112 26.81 17.07 -1.30
C LEU A 112 27.04 17.11 -2.80
N CYS A 113 26.90 18.29 -3.42
CA CYS A 113 27.08 18.37 -4.87
C CYS A 113 28.48 17.97 -5.28
N LYS A 114 28.55 17.30 -6.43
CA LYS A 114 29.81 16.83 -6.99
C LYS A 114 30.92 17.87 -6.91
N GLU A 115 30.68 19.07 -7.45
CA GLU A 115 31.66 20.15 -7.47
C GLU A 115 32.14 20.57 -6.09
N ASP A 116 31.20 20.83 -5.19
CA ASP A 116 31.53 21.26 -3.84
C ASP A 116 32.57 20.34 -3.23
N CYS A 117 32.41 19.05 -3.41
CA CYS A 117 33.33 18.08 -2.87
C CYS A 117 34.67 18.12 -3.61
N GLU A 118 34.64 18.23 -4.95
CA GLU A 118 35.88 18.28 -5.74
C GLU A 118 36.67 19.54 -5.44
N GLN A 119 35.99 20.66 -5.22
CA GLN A 119 36.69 21.90 -4.89
C GLN A 119 37.32 21.85 -3.50
N TRP A 120 36.60 21.28 -2.55
CA TRP A 120 37.10 21.15 -1.20
C TRP A 120 38.38 20.32 -1.31
N TRP A 121 38.25 19.15 -1.91
CA TRP A 121 39.39 18.25 -2.06
C TRP A 121 40.59 18.96 -2.66
N GLU A 122 40.35 19.62 -3.78
CA GLU A 122 41.40 20.29 -4.50
C GLU A 122 42.13 21.30 -3.67
N ASP A 123 41.40 22.18 -3.02
CA ASP A 123 42.00 23.22 -2.21
C ASP A 123 42.76 22.73 -0.97
N CYS A 124 42.63 21.45 -0.62
CA CYS A 124 43.35 20.94 0.53
C CYS A 124 44.56 20.09 0.16
N ARG A 125 44.91 20.02 -1.12
CA ARG A 125 46.08 19.24 -1.53
C ARG A 125 47.37 19.69 -0.81
N THR A 126 47.58 21.00 -0.67
CA THR A 126 48.79 21.49 -0.04
C THR A 126 48.77 21.44 1.48
N SER A 127 47.69 20.92 2.03
CA SER A 127 47.58 20.82 3.47
C SER A 127 47.98 19.43 3.97
N TYR A 128 48.12 19.29 5.29
CA TYR A 128 48.52 18.02 5.85
C TYR A 128 47.56 17.47 6.91
N THR A 129 47.62 16.17 7.15
CA THR A 129 46.76 15.58 8.17
C THR A 129 47.34 14.22 8.52
N CYS A 130 46.84 13.61 9.59
CA CYS A 130 47.30 12.29 10.03
C CYS A 130 46.20 11.24 10.17
N LYS A 131 44.96 11.64 9.91
CA LYS A 131 43.86 10.70 10.01
C LYS A 131 42.84 10.85 8.87
N SER A 132 42.10 9.79 8.60
CA SER A 132 41.06 9.82 7.55
C SER A 132 39.68 9.93 8.23
N ASN A 133 39.66 9.86 9.55
CA ASN A 133 38.43 9.96 10.34
C ASN A 133 38.72 10.99 11.40
N TRP A 134 38.13 12.18 11.27
CA TRP A 134 38.35 13.27 12.21
C TRP A 134 37.39 13.30 13.38
N HIS A 135 36.49 12.34 13.41
CA HIS A 135 35.51 12.26 14.50
C HIS A 135 35.98 11.48 15.71
N LYS A 136 36.70 10.37 15.45
CA LYS A 136 37.21 9.51 16.51
C LYS A 136 38.70 9.20 16.36
N GLY A 137 39.41 9.17 17.47
CA GLY A 137 40.82 8.82 17.38
C GLY A 137 41.80 9.85 17.86
N TRP A 138 41.41 11.12 17.91
CA TRP A 138 42.33 12.15 18.35
C TRP A 138 42.84 12.00 19.79
N ASN A 139 43.89 12.75 20.11
CA ASN A 139 44.44 12.74 21.46
C ASN A 139 44.09 14.12 22.00
N TRP A 140 43.08 14.18 22.86
CA TRP A 140 42.63 15.45 23.42
C TRP A 140 43.29 15.90 24.73
N THR A 141 44.25 15.12 25.21
CA THR A 141 44.93 15.43 26.46
C THR A 141 45.31 16.89 26.60
N SER A 142 45.87 17.45 25.55
CA SER A 142 46.32 18.84 25.57
C SER A 142 45.25 19.89 25.69
N GLY A 143 43.98 19.48 25.62
CA GLY A 143 42.89 20.44 25.66
C GLY A 143 42.20 20.50 24.30
N PHE A 144 42.94 20.12 23.25
CA PHE A 144 42.43 20.08 21.88
C PHE A 144 43.09 18.89 21.18
N ASN A 145 42.51 18.45 20.06
CA ASN A 145 43.01 17.28 19.36
C ASN A 145 44.40 17.43 18.76
N LYS A 146 45.17 16.35 18.89
CA LYS A 146 46.53 16.26 18.36
C LYS A 146 46.63 14.88 17.75
N CYS A 147 47.54 14.72 16.80
CA CYS A 147 47.69 13.44 16.13
C CYS A 147 47.93 12.29 17.07
N ALA A 148 47.17 11.21 16.88
CA ALA A 148 47.33 10.00 17.69
C ALA A 148 48.80 9.56 17.58
N VAL A 149 49.19 9.23 16.35
CA VAL A 149 50.56 8.82 16.03
C VAL A 149 51.28 10.00 15.37
N GLY A 150 51.86 10.86 16.20
CA GLY A 150 52.56 12.03 15.71
C GLY A 150 53.32 11.91 14.40
N ALA A 151 53.83 10.73 14.10
CA ALA A 151 54.60 10.51 12.89
C ALA A 151 53.71 10.22 11.69
N ALA A 152 52.41 10.31 11.91
CA ALA A 152 51.48 9.99 10.84
C ALA A 152 51.21 11.10 9.84
N CYS A 153 51.73 12.31 10.09
CA CYS A 153 51.48 13.41 9.17
C CYS A 153 51.96 13.14 7.76
N GLN A 154 51.08 13.34 6.80
CA GLN A 154 51.40 13.14 5.38
C GLN A 154 50.52 14.10 4.59
N PRO A 155 50.83 14.32 3.30
CA PRO A 155 50.00 15.23 2.49
C PRO A 155 48.53 14.83 2.57
N PHE A 156 47.66 15.84 2.61
CA PHE A 156 46.22 15.62 2.71
C PHE A 156 45.67 14.51 1.81
N HIS A 157 46.05 14.52 0.54
CA HIS A 157 45.57 13.52 -0.41
C HIS A 157 46.09 12.11 -0.14
N PHE A 158 47.07 12.02 0.77
CA PHE A 158 47.60 10.71 1.14
C PHE A 158 46.53 9.94 1.92
N TYR A 159 45.82 10.62 2.80
CA TYR A 159 44.76 10.00 3.60
C TYR A 159 43.39 10.09 2.92
N PHE A 160 43.27 11.04 2.02
CA PHE A 160 42.04 11.28 1.25
C PHE A 160 42.40 11.23 -0.25
N PRO A 161 42.60 10.02 -0.79
CA PRO A 161 42.95 9.77 -2.17
C PRO A 161 42.07 10.44 -3.20
N THR A 162 40.76 10.39 -2.99
CA THR A 162 39.83 10.99 -3.94
C THR A 162 38.82 11.90 -3.28
N PRO A 163 38.23 12.83 -4.04
CA PRO A 163 37.25 13.75 -3.48
C PRO A 163 36.19 13.00 -2.69
N THR A 164 35.69 11.90 -3.24
CA THR A 164 34.64 11.16 -2.53
C THR A 164 35.11 10.57 -1.19
N VAL A 165 36.38 10.18 -1.12
CA VAL A 165 36.90 9.67 0.14
C VAL A 165 36.98 10.80 1.20
N LEU A 166 37.35 11.99 0.76
CA LEU A 166 37.45 13.11 1.68
C LEU A 166 36.11 13.56 2.22
N CYS A 167 35.14 13.79 1.33
CA CYS A 167 33.83 14.25 1.77
C CYS A 167 33.01 13.20 2.50
N ASN A 168 33.22 11.93 2.17
CA ASN A 168 32.42 10.91 2.84
C ASN A 168 33.02 10.44 4.16
N GLU A 169 34.33 10.19 4.16
CA GLU A 169 35.00 9.68 5.35
C GLU A 169 35.33 10.68 6.45
N ILE A 170 35.93 11.80 6.08
CA ILE A 170 36.36 12.79 7.07
C ILE A 170 35.40 13.04 8.23
N TRP A 171 34.10 13.15 7.95
CA TRP A 171 33.11 13.38 8.99
C TRP A 171 32.20 12.16 9.20
N THR A 172 32.81 10.97 9.23
CA THR A 172 32.13 9.70 9.43
C THR A 172 30.79 9.58 8.69
N HIS A 173 30.82 9.81 7.39
CA HIS A 173 29.65 9.70 6.54
C HIS A 173 28.53 10.74 6.67
N SER A 174 28.84 11.90 7.22
CA SER A 174 27.83 12.96 7.31
C SER A 174 27.42 13.32 5.88
N TYR A 175 28.34 13.10 4.94
CA TYR A 175 28.12 13.38 3.52
C TYR A 175 28.14 12.11 2.68
N LYS A 176 27.59 12.21 1.47
CA LYS A 176 27.57 11.11 0.51
C LYS A 176 27.54 11.81 -0.83
N VAL A 177 28.72 12.22 -1.29
CA VAL A 177 28.86 12.95 -2.54
C VAL A 177 27.97 12.39 -3.64
N SER A 178 27.15 13.24 -4.25
CA SER A 178 26.24 12.85 -5.31
C SER A 178 26.89 13.03 -6.68
N ASN A 179 26.32 12.40 -7.71
CA ASN A 179 26.85 12.53 -9.06
C ASN A 179 26.27 13.80 -9.64
N TYR A 180 25.16 14.24 -9.04
CA TYR A 180 24.49 15.45 -9.45
C TYR A 180 25.40 16.64 -9.19
N SER A 181 25.29 17.65 -10.03
CA SER A 181 26.10 18.84 -9.87
C SER A 181 25.30 20.02 -9.33
N ARG A 182 26.01 21.08 -9.00
CA ARG A 182 25.39 22.28 -8.46
C ARG A 182 24.34 22.75 -9.44
N GLY A 183 23.13 23.01 -8.93
CA GLY A 183 22.09 23.51 -9.79
C GLY A 183 21.12 22.46 -10.26
N SER A 184 21.49 21.21 -10.07
CA SER A 184 20.65 20.10 -10.49
C SER A 184 19.41 20.04 -9.62
N GLY A 185 19.44 20.71 -8.47
CA GLY A 185 18.29 20.70 -7.57
C GLY A 185 18.18 19.36 -6.86
N ARG A 186 19.17 18.48 -7.03
CA ARG A 186 19.16 17.15 -6.42
C ARG A 186 20.33 16.95 -5.43
N CYS A 187 21.10 18.00 -5.20
CA CYS A 187 22.23 17.87 -4.29
C CYS A 187 22.36 19.10 -3.43
N ILE A 188 22.95 18.93 -2.24
CA ILE A 188 23.13 20.02 -1.30
C ILE A 188 24.42 20.79 -1.59
N GLN A 189 24.34 22.11 -1.48
CA GLN A 189 25.52 22.92 -1.73
C GLN A 189 25.95 23.55 -0.42
N MET A 190 27.25 23.49 -0.12
CA MET A 190 27.72 24.14 1.11
C MET A 190 28.21 25.53 0.76
N TRP A 191 28.26 25.85 -0.54
CA TRP A 191 28.68 27.17 -1.01
C TRP A 191 27.63 27.72 -1.96
N PHE A 192 27.05 28.88 -1.66
CA PHE A 192 26.06 29.45 -2.55
C PHE A 192 25.84 30.94 -2.30
N ASP A 193 25.53 31.67 -3.37
CA ASP A 193 25.28 33.11 -3.28
C ASP A 193 23.84 33.36 -2.81
N PRO A 194 23.69 33.90 -1.60
CA PRO A 194 22.36 34.17 -1.06
C PRO A 194 21.57 35.21 -1.87
N ALA A 195 22.27 35.95 -2.70
CA ALA A 195 21.64 36.97 -3.49
C ALA A 195 20.86 36.29 -4.60
N GLN A 196 21.16 35.02 -4.86
CA GLN A 196 20.47 34.28 -5.91
C GLN A 196 19.47 33.34 -5.28
N GLY A 197 19.44 33.32 -3.95
CA GLY A 197 18.51 32.46 -3.24
C GLY A 197 19.22 31.27 -2.65
N ASN A 198 18.61 30.64 -1.67
CA ASN A 198 19.16 29.44 -1.04
C ASN A 198 18.67 28.23 -1.86
N PRO A 199 19.60 27.54 -2.54
CA PRO A 199 19.28 26.36 -3.37
C PRO A 199 18.94 25.08 -2.61
N ASN A 200 19.20 25.05 -1.31
CA ASN A 200 18.91 23.85 -0.57
C ASN A 200 17.46 23.67 -0.15
N GLU A 201 16.69 24.76 -0.16
CA GLU A 201 15.26 24.72 0.19
C GLU A 201 14.55 23.74 -0.74
N GLU A 202 14.77 23.93 -2.03
CA GLU A 202 14.19 23.09 -3.08
C GLU A 202 14.69 21.66 -2.99
N VAL A 203 15.98 21.48 -2.73
CA VAL A 203 16.56 20.15 -2.63
C VAL A 203 15.94 19.32 -1.51
N ALA A 204 15.79 19.93 -0.34
CA ALA A 204 15.22 19.23 0.81
C ALA A 204 13.79 18.84 0.52
N ARG A 205 13.02 19.77 -0.02
CA ARG A 205 11.65 19.55 -0.40
C ARG A 205 11.55 18.32 -1.31
N PHE A 206 12.41 18.26 -2.33
CA PHE A 206 12.42 17.16 -3.28
C PHE A 206 12.62 15.83 -2.59
N TYR A 207 13.64 15.76 -1.74
CA TYR A 207 13.94 14.52 -1.03
C TYR A 207 12.94 14.18 0.07
N ALA A 208 12.38 15.20 0.71
CA ALA A 208 11.39 14.96 1.77
C ALA A 208 10.14 14.34 1.17
N ALA A 209 10.01 14.43 -0.15
CA ALA A 209 8.87 13.89 -0.87
C ALA A 209 9.17 12.50 -1.38
N ALA A 210 10.41 12.24 -1.77
CA ALA A 210 10.79 10.93 -2.27
C ALA A 210 10.71 9.89 -1.16
N MET A 211 10.81 10.34 0.08
CA MET A 211 10.74 9.44 1.22
C MET A 211 9.43 9.61 1.98
N SER A 212 8.55 10.47 1.46
CA SER A 212 7.25 10.70 2.08
C SER A 212 6.34 9.49 1.92
N GLY A 213 5.17 9.55 2.55
CA GLY A 213 4.22 8.46 2.47
C GLY A 213 4.78 7.19 3.08
N THR A 214 5.16 6.24 2.23
CA THR A 214 5.72 4.96 2.67
C THR A 214 7.20 4.84 2.28
N THR B 9 39.56 -21.36 5.46
CA THR B 9 40.61 -20.65 4.67
C THR B 9 42.03 -21.13 5.03
N GLU B 10 43.03 -20.39 4.55
CA GLU B 10 44.43 -20.72 4.83
C GLU B 10 45.31 -19.50 4.64
N LEU B 11 44.93 -18.66 3.68
CA LEU B 11 45.67 -17.45 3.37
C LEU B 11 45.18 -16.23 4.15
N LEU B 12 44.02 -16.35 4.78
CA LEU B 12 43.46 -15.23 5.53
C LEU B 12 43.70 -15.30 7.04
N ASN B 13 43.84 -14.14 7.66
CA ASN B 13 44.06 -14.05 9.11
C ASN B 13 45.08 -15.06 9.61
N VAL B 14 46.24 -15.10 8.97
CA VAL B 14 47.30 -16.01 9.37
C VAL B 14 48.61 -15.28 9.56
N CYS B 15 49.52 -15.91 10.32
CA CYS B 15 50.85 -15.35 10.55
C CYS B 15 51.92 -16.24 9.92
N MET B 16 52.93 -15.60 9.33
CA MET B 16 54.03 -16.31 8.70
C MET B 16 54.95 -16.89 9.77
N ASN B 17 55.69 -17.94 9.40
CA ASN B 17 56.64 -18.57 10.32
C ASN B 17 57.98 -17.86 10.20
N ALA B 18 58.03 -16.62 10.69
CA ALA B 18 59.24 -15.81 10.64
C ALA B 18 60.05 -15.91 11.92
N LYS B 19 60.80 -14.87 12.21
CA LYS B 19 61.66 -14.85 13.38
C LYS B 19 61.00 -14.37 14.68
N HIS B 20 59.94 -13.57 14.57
CA HIS B 20 59.29 -13.04 15.77
C HIS B 20 57.76 -13.16 15.79
N HIS B 21 57.19 -13.76 14.76
CA HIS B 21 55.74 -13.89 14.68
C HIS B 21 55.15 -14.97 15.60
N LYS B 22 53.89 -14.79 15.95
CA LYS B 22 53.15 -15.75 16.77
C LYS B 22 52.56 -16.70 15.74
N GLU B 23 52.06 -17.85 16.18
CA GLU B 23 51.51 -18.81 15.24
C GLU B 23 50.24 -18.31 14.56
N LYS B 24 49.47 -17.54 15.31
CA LYS B 24 48.24 -16.97 14.79
C LYS B 24 47.95 -15.59 15.38
N PRO B 25 47.14 -14.78 14.67
CA PRO B 25 46.78 -13.42 15.08
C PRO B 25 46.25 -13.35 16.50
N GLY B 26 45.86 -12.15 16.93
CA GLY B 26 45.33 -11.99 18.27
C GLY B 26 45.45 -10.57 18.78
N PRO B 27 44.40 -10.03 19.43
CA PRO B 27 44.40 -8.66 19.97
C PRO B 27 45.59 -8.36 20.87
N GLU B 28 46.12 -7.15 20.71
CA GLU B 28 47.28 -6.69 21.47
C GLU B 28 47.04 -5.21 21.75
N ASP B 29 46.35 -4.89 22.83
CA ASP B 29 46.06 -3.50 23.16
C ASP B 29 47.20 -2.77 23.85
N LYS B 30 48.43 -3.20 23.56
CA LYS B 30 49.61 -2.57 24.14
C LYS B 30 50.71 -2.25 23.13
N LEU B 31 50.40 -2.44 21.84
CA LEU B 31 51.36 -2.13 20.77
C LEU B 31 51.87 -0.70 20.89
N HIS B 32 53.16 -0.50 20.61
CA HIS B 32 53.75 0.83 20.72
C HIS B 32 53.26 1.76 19.61
N GLU B 33 53.20 3.07 19.92
CA GLU B 33 52.72 4.11 19.01
C GLU B 33 52.47 3.75 17.55
N GLN B 34 53.51 3.79 16.72
CA GLN B 34 53.35 3.50 15.30
C GLN B 34 52.67 2.18 14.94
N CYS B 35 52.70 1.21 15.85
CA CYS B 35 52.07 -0.08 15.56
C CYS B 35 50.63 -0.18 16.08
N ARG B 36 50.15 0.86 16.75
CA ARG B 36 48.80 0.89 17.28
C ARG B 36 47.71 0.42 16.33
N PRO B 37 47.75 0.85 15.05
CA PRO B 37 46.74 0.45 14.06
C PRO B 37 46.41 -1.04 14.02
N TRP B 38 47.22 -1.85 14.68
CA TRP B 38 46.99 -3.29 14.69
C TRP B 38 46.57 -3.84 16.05
N ARG B 39 46.23 -2.94 16.99
CA ARG B 39 45.82 -3.34 18.35
C ARG B 39 44.61 -4.24 18.40
N LYS B 40 43.88 -4.33 17.29
CA LYS B 40 42.68 -5.16 17.22
C LYS B 40 43.02 -6.61 16.84
N ASN B 41 44.06 -6.80 16.02
CA ASN B 41 44.44 -8.13 15.58
C ASN B 41 45.82 -8.09 14.92
N ALA B 42 46.85 -8.42 15.68
CA ALA B 42 48.23 -8.38 15.17
C ALA B 42 49.01 -9.67 15.41
N CYS B 43 50.07 -9.86 14.62
CA CYS B 43 50.93 -11.03 14.74
C CYS B 43 52.20 -10.71 15.52
N CYS B 44 52.26 -9.53 16.15
CA CYS B 44 53.43 -9.13 16.91
C CYS B 44 53.10 -8.91 18.38
N SER B 45 54.14 -8.68 19.18
CA SER B 45 53.94 -8.49 20.61
C SER B 45 54.35 -7.10 21.05
N THR B 46 54.00 -6.73 22.27
CA THR B 46 54.35 -5.43 22.81
C THR B 46 55.86 -5.18 22.73
N ASN B 47 56.63 -6.25 22.94
CA ASN B 47 58.08 -6.19 22.88
C ASN B 47 58.55 -5.91 21.46
N THR B 48 57.97 -6.63 20.50
CA THR B 48 58.34 -6.44 19.11
C THR B 48 58.04 -5.02 18.67
N SER B 49 56.83 -4.55 18.99
CA SER B 49 56.41 -3.21 18.62
C SER B 49 57.29 -2.14 19.24
N GLN B 50 57.69 -2.33 20.49
CA GLN B 50 58.55 -1.35 21.15
C GLN B 50 59.95 -1.34 20.55
N GLU B 51 60.46 -2.52 20.23
CA GLU B 51 61.79 -2.65 19.65
C GLU B 51 61.83 -2.08 18.25
N ALA B 52 60.70 -2.19 17.55
CA ALA B 52 60.58 -1.66 16.19
C ALA B 52 60.88 -0.15 16.14
N HIS B 53 60.70 0.54 17.26
CA HIS B 53 60.97 1.97 17.31
C HIS B 53 62.40 2.29 17.75
N LYS B 54 63.16 1.27 18.10
CA LYS B 54 64.53 1.46 18.56
C LYS B 54 65.57 1.24 17.49
N ASP B 55 66.68 1.97 17.60
CA ASP B 55 67.79 1.83 16.66
C ASP B 55 68.61 0.60 17.03
N VAL B 56 68.94 -0.23 16.06
CA VAL B 56 69.70 -1.45 16.33
C VAL B 56 68.97 -2.18 17.48
N SER B 57 67.71 -2.51 17.24
CA SER B 57 66.87 -3.17 18.23
C SER B 57 67.19 -4.64 18.39
N TYR B 58 66.37 -5.31 19.19
CA TYR B 58 66.51 -6.73 19.45
C TYR B 58 65.97 -7.57 18.28
N LEU B 59 65.09 -6.96 17.49
CA LEU B 59 64.46 -7.64 16.36
C LEU B 59 65.47 -8.23 15.38
N TYR B 60 66.28 -7.37 14.79
CA TYR B 60 67.26 -7.86 13.85
C TYR B 60 68.58 -7.15 14.06
N ARG B 61 68.64 -6.33 15.10
CA ARG B 61 69.86 -5.61 15.42
C ARG B 61 70.32 -4.79 14.20
N PHE B 62 69.35 -4.34 13.40
CA PHE B 62 69.60 -3.56 12.19
C PHE B 62 69.92 -2.09 12.49
N ASN B 63 70.95 -1.57 11.84
CA ASN B 63 71.35 -0.20 12.05
C ASN B 63 70.84 0.69 10.94
N TRP B 64 69.86 1.54 11.26
CA TRP B 64 69.29 2.45 10.29
C TRP B 64 70.31 3.54 9.94
N ASN B 65 71.10 3.95 10.92
CA ASN B 65 72.09 5.01 10.71
C ASN B 65 73.46 4.53 10.18
N HIS B 66 73.45 3.57 9.27
CA HIS B 66 74.70 3.07 8.70
C HIS B 66 75.48 4.11 7.89
N CYS B 67 74.86 5.23 7.57
CA CYS B 67 75.53 6.30 6.82
C CYS B 67 75.25 7.65 7.46
N GLY B 68 75.28 7.67 8.79
CA GLY B 68 75.00 8.89 9.51
C GLY B 68 73.61 8.81 10.11
N GLU B 69 73.21 9.86 10.81
CA GLU B 69 71.88 9.88 11.42
C GLU B 69 70.82 9.89 10.34
N MET B 70 69.96 8.88 10.34
CA MET B 70 68.88 8.81 9.36
C MET B 70 67.78 9.77 9.81
N ALA B 71 67.36 10.65 8.90
CA ALA B 71 66.31 11.64 9.19
C ALA B 71 65.04 10.96 9.69
N PRO B 72 64.46 11.51 10.77
CA PRO B 72 63.22 10.98 11.37
C PRO B 72 62.10 10.78 10.34
N ALA B 73 61.94 11.75 9.46
CA ALA B 73 60.93 11.68 8.41
C ALA B 73 61.08 10.42 7.57
N CYS B 74 62.29 9.85 7.52
CA CYS B 74 62.53 8.64 6.76
C CYS B 74 62.45 7.36 7.63
N LYS B 75 62.93 7.48 8.87
CA LYS B 75 62.92 6.33 9.77
C LYS B 75 61.51 5.89 10.09
N ARG B 76 60.58 6.84 10.11
CA ARG B 76 59.21 6.54 10.43
C ARG B 76 58.62 5.57 9.42
N HIS B 77 59.04 5.65 8.17
CA HIS B 77 58.53 4.72 7.17
C HIS B 77 59.10 3.32 7.34
N PHE B 78 60.33 3.25 7.84
CA PHE B 78 61.00 1.97 8.05
C PHE B 78 60.41 1.32 9.29
N ILE B 79 59.97 2.16 10.23
CA ILE B 79 59.33 1.66 11.44
C ILE B 79 57.96 1.08 11.07
N GLN B 80 57.23 1.80 10.21
CA GLN B 80 55.90 1.36 9.76
C GLN B 80 56.01 0.08 8.98
N ASP B 81 57.04 -0.03 8.15
CA ASP B 81 57.23 -1.23 7.37
C ASP B 81 57.43 -2.39 8.34
N THR B 82 58.14 -2.09 9.44
CA THR B 82 58.40 -3.08 10.45
C THR B 82 57.08 -3.48 11.12
N CYS B 83 56.25 -2.48 11.45
CA CYS B 83 54.97 -2.78 12.09
C CYS B 83 54.11 -3.64 11.18
N LEU B 84 54.13 -3.34 9.89
CA LEU B 84 53.33 -4.10 8.92
C LEU B 84 53.87 -5.52 8.75
N TYR B 85 55.17 -5.62 8.56
CA TYR B 85 55.79 -6.92 8.36
C TYR B 85 55.72 -7.84 9.57
N GLU B 86 55.76 -7.26 10.76
CA GLU B 86 55.72 -8.02 12.00
C GLU B 86 54.35 -8.15 12.68
N CYS B 87 53.34 -7.40 12.23
CA CYS B 87 52.03 -7.46 12.88
C CYS B 87 50.83 -7.74 11.95
N SER B 88 50.95 -7.39 10.68
CA SER B 88 49.85 -7.62 9.77
C SER B 88 49.42 -9.06 9.57
N PRO B 89 48.15 -9.35 9.84
CA PRO B 89 47.60 -10.71 9.68
C PRO B 89 46.86 -10.83 8.35
N ASN B 90 47.20 -9.98 7.37
CA ASN B 90 46.52 -10.03 6.08
C ASN B 90 47.50 -10.19 4.92
N LEU B 91 48.70 -10.66 5.22
CA LEU B 91 49.73 -10.84 4.20
C LEU B 91 49.78 -12.30 3.74
N GLY B 92 48.79 -13.08 4.16
CA GLY B 92 48.76 -14.49 3.79
C GLY B 92 48.94 -14.82 2.32
N PRO B 93 48.14 -14.24 1.43
CA PRO B 93 48.23 -14.49 -0.02
C PRO B 93 49.63 -14.31 -0.62
N TRP B 94 50.57 -13.80 0.15
CA TRP B 94 51.91 -13.56 -0.36
C TRP B 94 53.00 -14.30 0.43
N ILE B 95 52.59 -15.04 1.45
CA ILE B 95 53.55 -15.79 2.25
C ILE B 95 54.14 -16.94 1.45
N GLN B 96 55.48 -17.02 1.44
CA GLN B 96 56.21 -18.08 0.73
C GLN B 96 57.30 -18.69 1.61
N GLN B 97 57.51 -19.99 1.43
CA GLN B 97 58.50 -20.73 2.21
C GLN B 97 59.88 -20.58 1.56
N VAL B 98 60.83 -20.07 2.35
CA VAL B 98 62.19 -19.85 1.88
C VAL B 98 63.18 -20.81 2.53
N ASP B 99 62.91 -21.19 3.77
CA ASP B 99 63.77 -22.11 4.51
C ASP B 99 65.19 -21.59 4.66
N GLN B 100 65.35 -20.53 5.43
CA GLN B 100 66.67 -19.97 5.64
C GLN B 100 66.99 -19.83 7.11
N SER B 101 68.21 -19.38 7.40
CA SER B 101 68.70 -19.21 8.76
C SER B 101 67.72 -18.67 9.81
N TRP B 102 67.24 -17.45 9.59
CA TRP B 102 66.33 -16.79 10.54
C TRP B 102 64.82 -16.85 10.28
N ARG B 103 64.38 -17.70 9.36
CA ARG B 103 62.94 -17.81 9.06
C ARG B 103 62.60 -18.87 8.03
N LYS B 104 61.56 -19.64 8.31
CA LYS B 104 61.13 -20.68 7.39
C LYS B 104 60.29 -20.06 6.26
N GLU B 105 59.53 -19.03 6.61
CA GLU B 105 58.67 -18.36 5.65
C GLU B 105 59.02 -16.89 5.45
N ARG B 106 58.39 -16.29 4.45
CA ARG B 106 58.60 -14.88 4.13
C ARG B 106 57.43 -14.41 3.27
N VAL B 107 57.36 -13.11 2.99
CA VAL B 107 56.30 -12.55 2.15
C VAL B 107 56.94 -11.99 0.88
N LEU B 108 56.50 -12.46 -0.28
CA LEU B 108 57.05 -12.00 -1.55
C LEU B 108 55.99 -11.35 -2.43
N ASN B 109 56.38 -10.24 -3.06
CA ASN B 109 55.53 -9.49 -3.97
C ASN B 109 54.26 -8.90 -3.38
N VAL B 110 54.38 -8.28 -2.20
CA VAL B 110 53.24 -7.65 -1.56
C VAL B 110 52.92 -6.41 -2.38
N PRO B 111 51.66 -6.26 -2.84
CA PRO B 111 51.24 -5.11 -3.63
C PRO B 111 51.06 -3.85 -2.80
N LEU B 112 52.16 -3.23 -2.43
CA LEU B 112 52.12 -2.01 -1.64
C LEU B 112 51.49 -0.94 -2.52
N CYS B 113 50.60 -0.13 -1.94
CA CYS B 113 49.94 0.93 -2.70
C CYS B 113 50.91 2.00 -3.20
N LYS B 114 50.63 2.49 -4.40
CA LYS B 114 51.44 3.50 -5.08
C LYS B 114 51.84 4.67 -4.21
N GLU B 115 50.89 5.25 -3.47
CA GLU B 115 51.17 6.37 -2.59
C GLU B 115 52.09 6.05 -1.43
N ASP B 116 51.89 4.91 -0.77
CA ASP B 116 52.72 4.50 0.36
C ASP B 116 54.18 4.37 -0.06
N CYS B 117 54.40 3.81 -1.24
CA CYS B 117 55.74 3.63 -1.75
C CYS B 117 56.34 4.99 -2.21
N GLU B 118 55.52 5.87 -2.77
CA GLU B 118 56.01 7.18 -3.19
C GLU B 118 56.39 8.06 -1.99
N GLN B 119 55.53 8.08 -0.96
CA GLN B 119 55.77 8.90 0.22
C GLN B 119 56.98 8.41 0.97
N TRP B 120 57.14 7.10 0.98
CA TRP B 120 58.30 6.50 1.61
C TRP B 120 59.52 7.07 0.90
N TRP B 121 59.60 6.82 -0.39
CA TRP B 121 60.72 7.27 -1.20
C TRP B 121 61.01 8.75 -1.01
N GLU B 122 59.98 9.56 -1.08
CA GLU B 122 60.12 11.00 -0.95
C GLU B 122 60.71 11.46 0.39
N ASP B 123 60.20 10.90 1.48
CA ASP B 123 60.67 11.31 2.79
C ASP B 123 62.07 10.83 3.12
N CYS B 124 62.66 9.99 2.25
CA CYS B 124 64.00 9.49 2.48
C CYS B 124 65.02 10.17 1.58
N ARG B 125 64.61 11.23 0.91
CA ARG B 125 65.53 11.93 0.03
C ARG B 125 66.76 12.49 0.77
N THR B 126 66.52 13.15 1.89
CA THR B 126 67.61 13.75 2.66
C THR B 126 68.46 12.74 3.45
N SER B 127 68.19 11.45 3.30
CA SER B 127 68.95 10.43 4.01
C SER B 127 70.07 9.81 3.15
N TYR B 128 70.87 8.93 3.76
CA TYR B 128 71.98 8.28 3.05
C TYR B 128 72.03 6.77 3.23
N THR B 129 72.70 6.08 2.32
CA THR B 129 72.81 4.62 2.42
C THR B 129 73.98 4.14 1.57
N CYS B 130 74.30 2.86 1.67
CA CYS B 130 75.40 2.30 0.90
C CYS B 130 75.04 1.04 0.14
N LYS B 131 73.78 0.62 0.22
CA LYS B 131 73.33 -0.60 -0.44
C LYS B 131 71.91 -0.50 -0.99
N SER B 132 71.65 -1.26 -2.05
CA SER B 132 70.34 -1.28 -2.67
C SER B 132 69.63 -2.54 -2.18
N ASN B 133 70.42 -3.48 -1.67
CA ASN B 133 69.91 -4.75 -1.13
C ASN B 133 70.27 -4.70 0.35
N TRP B 134 69.25 -4.56 1.20
CA TRP B 134 69.49 -4.48 2.64
C TRP B 134 69.35 -5.81 3.35
N HIS B 135 69.16 -6.88 2.58
CA HIS B 135 69.02 -8.22 3.14
C HIS B 135 70.35 -8.98 3.19
N LYS B 136 71.18 -8.81 2.16
CA LYS B 136 72.47 -9.51 2.09
C LYS B 136 73.60 -8.52 1.79
N GLY B 137 74.82 -8.88 2.22
CA GLY B 137 75.99 -8.06 1.96
C GLY B 137 76.54 -7.20 3.09
N TRP B 138 75.77 -7.02 4.16
CA TRP B 138 76.27 -6.21 5.26
C TRP B 138 77.48 -6.82 5.97
N ASN B 139 78.11 -6.02 6.82
CA ASN B 139 79.26 -6.44 7.62
C ASN B 139 78.79 -6.54 9.08
N TRP B 140 78.56 -7.75 9.54
CA TRP B 140 78.08 -7.95 10.90
C TRP B 140 79.16 -8.34 11.90
N THR B 141 80.28 -7.63 11.85
CA THR B 141 81.39 -7.92 12.74
C THR B 141 81.16 -7.28 14.10
N SER B 142 80.77 -6.01 14.08
CA SER B 142 80.56 -5.26 15.31
C SER B 142 79.28 -5.62 16.06
N GLY B 143 78.56 -6.63 15.59
CA GLY B 143 77.34 -7.01 16.27
C GLY B 143 76.12 -6.63 15.47
N PHE B 144 76.24 -5.49 14.79
CA PHE B 144 75.18 -5.00 13.92
C PHE B 144 75.77 -4.82 12.51
N ASN B 145 74.97 -4.29 11.59
CA ASN B 145 75.42 -4.08 10.22
C ASN B 145 76.15 -2.78 9.97
N LYS B 146 77.22 -2.86 9.17
CA LYS B 146 78.03 -1.71 8.79
C LYS B 146 78.32 -1.89 7.31
N CYS B 147 78.58 -0.80 6.61
CA CYS B 147 78.85 -0.88 5.18
C CYS B 147 80.10 -1.69 4.85
N ALA B 148 80.03 -2.46 3.77
CA ALA B 148 81.16 -3.27 3.33
C ALA B 148 82.23 -2.36 2.70
N VAL B 149 81.77 -1.24 2.15
CA VAL B 149 82.68 -0.27 1.53
C VAL B 149 82.35 1.08 2.14
N GLY B 150 83.15 1.47 3.13
CA GLY B 150 82.96 2.73 3.83
C GLY B 150 82.62 3.97 3.01
N ALA B 151 83.13 4.03 1.78
CA ALA B 151 82.89 5.17 0.89
C ALA B 151 81.58 5.04 0.08
N ALA B 152 80.95 3.88 0.13
CA ALA B 152 79.72 3.67 -0.60
C ALA B 152 78.56 4.59 -0.18
N CYS B 153 78.72 5.35 0.90
CA CYS B 153 77.62 6.21 1.33
C CYS B 153 77.30 7.29 0.32
N GLN B 154 76.09 7.27 -0.20
CA GLN B 154 75.64 8.26 -1.18
C GLN B 154 74.21 8.66 -0.80
N PRO B 155 73.65 9.70 -1.44
CA PRO B 155 72.28 10.08 -1.10
C PRO B 155 71.36 8.86 -1.29
N PHE B 156 70.33 8.77 -0.46
CA PHE B 156 69.40 7.65 -0.53
C PHE B 156 68.89 7.37 -1.94
N HIS B 157 68.62 8.40 -2.71
CA HIS B 157 68.10 8.21 -4.07
C HIS B 157 69.18 7.78 -5.07
N PHE B 158 70.42 7.74 -4.60
CA PHE B 158 71.51 7.31 -5.45
C PHE B 158 71.39 5.81 -5.68
N TYR B 159 71.07 5.06 -4.62
CA TYR B 159 70.92 3.61 -4.71
C TYR B 159 69.47 3.24 -4.98
N PHE B 160 68.58 4.21 -4.83
CA PHE B 160 67.17 3.99 -5.07
C PHE B 160 66.68 5.11 -5.96
N PRO B 161 66.93 4.99 -7.28
CA PRO B 161 66.56 5.94 -8.33
C PRO B 161 65.08 6.28 -8.38
N THR B 162 64.23 5.28 -8.24
CA THR B 162 62.80 5.52 -8.30
C THR B 162 62.12 4.90 -7.08
N PRO B 163 60.83 5.23 -6.88
CA PRO B 163 60.09 4.69 -5.74
C PRO B 163 59.99 3.17 -5.87
N THR B 164 59.69 2.65 -7.06
CA THR B 164 59.57 1.20 -7.22
C THR B 164 60.83 0.43 -6.82
N VAL B 165 62.01 0.94 -7.21
CA VAL B 165 63.27 0.31 -6.86
C VAL B 165 63.46 0.27 -5.34
N LEU B 166 63.03 1.33 -4.66
CA LEU B 166 63.14 1.38 -3.21
C LEU B 166 62.36 0.25 -2.54
N CYS B 167 61.05 0.23 -2.76
CA CYS B 167 60.13 -0.74 -2.15
C CYS B 167 60.31 -2.17 -2.67
N ASN B 168 60.80 -2.31 -3.90
CA ASN B 168 61.00 -3.61 -4.49
C ASN B 168 62.38 -4.22 -4.26
N GLU B 169 63.41 -3.39 -4.14
CA GLU B 169 64.75 -3.93 -3.97
C GLU B 169 65.26 -3.96 -2.54
N ILE B 170 64.98 -2.90 -1.78
CA ILE B 170 65.48 -2.79 -0.42
C ILE B 170 65.31 -4.06 0.42
N TRP B 171 64.15 -4.69 0.31
CA TRP B 171 63.90 -5.89 1.08
C TRP B 171 63.76 -7.09 0.14
N THR B 172 64.65 -7.14 -0.85
CA THR B 172 64.71 -8.20 -1.86
C THR B 172 63.37 -8.72 -2.33
N HIS B 173 62.62 -7.85 -3.00
CA HIS B 173 61.32 -8.21 -3.55
C HIS B 173 60.27 -8.61 -2.55
N SER B 174 60.39 -8.12 -1.32
CA SER B 174 59.39 -8.41 -0.30
C SER B 174 58.11 -7.66 -0.70
N TYR B 175 58.28 -6.60 -1.50
CA TYR B 175 57.18 -5.78 -2.00
C TYR B 175 57.23 -5.75 -3.52
N LYS B 176 56.07 -5.54 -4.13
CA LYS B 176 55.98 -5.40 -5.57
C LYS B 176 54.95 -4.29 -5.75
N VAL B 177 55.39 -3.07 -5.48
CA VAL B 177 54.55 -1.87 -5.54
C VAL B 177 53.50 -1.96 -6.61
N SER B 178 52.24 -2.01 -6.20
CA SER B 178 51.13 -2.12 -7.12
C SER B 178 50.93 -0.87 -7.91
N ASN B 179 50.07 -0.96 -8.92
CA ASN B 179 49.77 0.17 -9.76
C ASN B 179 48.52 0.86 -9.21
N TYR B 180 47.76 0.13 -8.40
CA TYR B 180 46.54 0.64 -7.79
C TYR B 180 46.89 1.59 -6.67
N SER B 181 46.12 2.67 -6.54
CA SER B 181 46.36 3.66 -5.52
C SER B 181 45.66 3.29 -4.19
N ARG B 182 45.92 4.09 -3.16
CA ARG B 182 45.32 3.84 -1.85
C ARG B 182 43.80 3.84 -1.93
N GLY B 183 43.20 2.91 -1.19
CA GLY B 183 41.75 2.79 -1.13
C GLY B 183 41.13 2.00 -2.25
N SER B 184 41.92 1.64 -3.25
CA SER B 184 41.41 0.87 -4.38
C SER B 184 41.01 -0.53 -3.93
N GLY B 185 41.42 -0.90 -2.72
CA GLY B 185 41.10 -2.22 -2.21
C GLY B 185 41.81 -3.32 -3.00
N ARG B 186 42.74 -2.92 -3.86
CA ARG B 186 43.51 -3.86 -4.67
C ARG B 186 45.00 -3.89 -4.27
N CYS B 187 45.36 -3.06 -3.29
CA CYS B 187 46.75 -2.98 -2.86
C CYS B 187 46.81 -2.88 -1.35
N ILE B 188 47.97 -3.25 -0.80
CA ILE B 188 48.20 -3.22 0.64
C ILE B 188 48.77 -1.88 1.08
N GLN B 189 48.38 -1.45 2.28
CA GLN B 189 48.85 -0.18 2.82
C GLN B 189 49.54 -0.39 4.15
N MET B 190 50.61 0.36 4.39
CA MET B 190 51.30 0.23 5.66
C MET B 190 50.94 1.43 6.52
N TRP B 191 50.26 2.41 5.92
CA TRP B 191 49.80 3.60 6.61
C TRP B 191 48.29 3.68 6.49
N PHE B 192 47.59 3.71 7.62
CA PHE B 192 46.14 3.78 7.58
C PHE B 192 45.57 4.14 8.95
N ASP B 193 44.45 4.87 8.95
CA ASP B 193 43.79 5.29 10.20
C ASP B 193 42.95 4.14 10.74
N PRO B 194 43.26 3.69 11.97
CA PRO B 194 42.49 2.59 12.56
C PRO B 194 41.01 2.99 12.76
N ALA B 195 40.77 4.26 13.09
CA ALA B 195 39.41 4.76 13.31
C ALA B 195 38.50 4.50 12.10
N GLN B 196 39.08 4.39 10.91
CA GLN B 196 38.31 4.12 9.71
C GLN B 196 38.25 2.62 9.49
N GLY B 197 39.18 1.90 10.11
CA GLY B 197 39.25 0.45 9.97
C GLY B 197 40.47 0.02 9.17
N ASN B 198 40.80 -1.27 9.24
CA ASN B 198 41.95 -1.81 8.51
C ASN B 198 41.51 -2.22 7.09
N PRO B 199 42.01 -1.51 6.07
CA PRO B 199 41.69 -1.77 4.67
C PRO B 199 42.37 -3.01 4.08
N ASN B 200 43.47 -3.43 4.68
CA ASN B 200 44.17 -4.60 4.18
C ASN B 200 43.38 -5.92 4.29
N GLU B 201 42.41 -5.96 5.20
CA GLU B 201 41.60 -7.17 5.38
C GLU B 201 40.84 -7.45 4.10
N GLU B 202 40.26 -6.39 3.55
CA GLU B 202 39.50 -6.51 2.32
C GLU B 202 40.43 -6.80 1.12
N VAL B 203 41.64 -6.27 1.16
CA VAL B 203 42.60 -6.48 0.08
C VAL B 203 43.06 -7.95 0.04
N ALA B 204 43.37 -8.49 1.21
CA ALA B 204 43.83 -9.87 1.31
C ALA B 204 42.74 -10.80 0.76
N ARG B 205 41.52 -10.57 1.22
CA ARG B 205 40.37 -11.34 0.78
C ARG B 205 40.30 -11.40 -0.76
N PHE B 206 40.29 -10.23 -1.38
CA PHE B 206 40.22 -10.14 -2.84
C PHE B 206 41.22 -11.05 -3.50
N TYR B 207 42.47 -11.01 -3.05
CA TYR B 207 43.52 -11.84 -3.62
C TYR B 207 43.46 -13.31 -3.20
N ALA B 208 43.01 -13.56 -1.98
CA ALA B 208 42.92 -14.94 -1.50
C ALA B 208 41.88 -15.68 -2.35
N ALA B 209 40.97 -14.92 -2.96
CA ALA B 209 39.94 -15.48 -3.81
C ALA B 209 40.41 -15.55 -5.26
N ALA B 210 41.25 -14.60 -5.66
CA ALA B 210 41.77 -14.56 -7.02
C ALA B 210 42.78 -15.68 -7.25
N MET B 211 43.14 -16.36 -6.17
CA MET B 211 44.08 -17.47 -6.25
C MET B 211 43.31 -18.79 -6.24
N SER B 212 42.10 -18.76 -5.71
CA SER B 212 41.23 -19.95 -5.63
C SER B 212 41.95 -21.11 -4.95
N ARG C 8 1.96 20.42 -8.62
CA ARG C 8 3.38 20.22 -8.17
C ARG C 8 4.17 21.53 -8.15
N THR C 9 4.26 22.17 -9.32
CA THR C 9 5.01 23.42 -9.48
C THR C 9 4.79 24.41 -8.35
N GLU C 10 3.89 25.37 -8.55
CA GLU C 10 3.60 26.39 -7.56
C GLU C 10 2.18 26.29 -6.99
N LEU C 11 2.04 26.66 -5.73
CA LEU C 11 0.77 26.59 -5.03
C LEU C 11 0.11 27.96 -4.93
N LEU C 12 0.66 28.94 -5.64
CA LEU C 12 0.10 30.30 -5.61
C LEU C 12 -0.45 30.78 -6.95
N ASN C 13 -1.66 31.32 -6.92
CA ASN C 13 -2.31 31.86 -8.11
C ASN C 13 -2.35 30.83 -9.23
N VAL C 14 -2.83 29.64 -8.90
CA VAL C 14 -2.94 28.54 -9.87
C VAL C 14 -4.39 28.06 -10.00
N CYS C 15 -4.63 27.16 -10.95
CA CYS C 15 -5.96 26.59 -11.17
C CYS C 15 -5.83 25.09 -11.41
N MET C 16 -6.62 24.31 -10.68
CA MET C 16 -6.57 22.87 -10.85
C MET C 16 -7.02 22.48 -12.27
N ASN C 17 -6.63 21.29 -12.71
CA ASN C 17 -7.02 20.81 -14.04
C ASN C 17 -8.34 20.03 -13.95
N ALA C 18 -9.41 20.73 -13.59
CA ALA C 18 -10.70 20.10 -13.44
C ALA C 18 -11.49 20.09 -14.75
N LYS C 19 -12.81 20.02 -14.62
CA LYS C 19 -13.70 19.96 -15.77
C LYS C 19 -14.00 21.30 -16.45
N HIS C 20 -13.89 22.42 -15.73
CA HIS C 20 -14.22 23.71 -16.32
C HIS C 20 -13.19 24.82 -16.09
N HIS C 21 -12.25 24.59 -15.16
CA HIS C 21 -11.23 25.58 -14.84
C HIS C 21 -10.43 26.06 -16.04
N LYS C 22 -10.06 27.34 -16.03
CA LYS C 22 -9.26 27.93 -17.10
C LYS C 22 -7.84 27.51 -16.80
N GLU C 23 -6.98 27.46 -17.81
CA GLU C 23 -5.60 27.07 -17.59
C GLU C 23 -4.91 27.93 -16.54
N LYS C 24 -5.12 29.23 -16.62
CA LYS C 24 -4.51 30.14 -15.64
C LYS C 24 -5.49 31.25 -15.23
N PRO C 25 -5.34 31.77 -13.99
CA PRO C 25 -6.21 32.84 -13.47
C PRO C 25 -6.26 34.06 -14.39
N GLY C 26 -7.16 34.99 -14.10
CA GLY C 26 -7.29 36.18 -14.92
C GLY C 26 -8.58 36.92 -14.66
N PRO C 27 -8.57 38.26 -14.74
CA PRO C 27 -9.76 39.08 -14.52
C PRO C 27 -10.97 38.69 -15.37
N GLU C 28 -12.14 38.67 -14.76
CA GLU C 28 -13.39 38.32 -15.45
C GLU C 28 -14.46 39.24 -14.90
N ASP C 29 -14.56 40.43 -15.47
CA ASP C 29 -15.55 41.43 -15.02
C ASP C 29 -16.99 41.16 -15.48
N LYS C 30 -17.32 39.90 -15.71
CA LYS C 30 -18.66 39.55 -16.14
C LYS C 30 -19.27 38.39 -15.37
N LEU C 31 -18.59 37.98 -14.30
CA LEU C 31 -19.08 36.88 -13.46
C LEU C 31 -20.46 37.29 -12.96
N HIS C 32 -21.34 36.32 -12.80
CA HIS C 32 -22.70 36.59 -12.33
C HIS C 32 -22.76 37.13 -10.89
N GLU C 33 -23.93 37.07 -10.27
CA GLU C 33 -24.13 37.55 -8.91
C GLU C 33 -23.17 37.01 -7.86
N GLN C 34 -23.55 35.89 -7.26
CA GLN C 34 -22.77 35.26 -6.23
C GLN C 34 -21.27 35.02 -6.52
N CYS C 35 -20.90 35.04 -7.79
CA CYS C 35 -19.50 34.82 -8.12
C CYS C 35 -18.77 36.15 -8.30
N ARG C 36 -19.50 37.26 -8.15
CA ARG C 36 -18.98 38.61 -8.29
C ARG C 36 -17.65 38.89 -7.57
N PRO C 37 -17.50 38.46 -6.31
CA PRO C 37 -16.28 38.68 -5.53
C PRO C 37 -14.98 38.28 -6.21
N TRP C 38 -15.04 37.35 -7.16
CA TRP C 38 -13.85 36.90 -7.87
C TRP C 38 -13.59 37.61 -9.19
N ARG C 39 -14.24 38.75 -9.42
CA ARG C 39 -14.05 39.52 -10.64
C ARG C 39 -12.60 39.99 -10.84
N LYS C 40 -11.88 40.16 -9.73
CA LYS C 40 -10.50 40.62 -9.76
C LYS C 40 -9.55 39.58 -10.36
N ASN C 41 -9.75 38.32 -10.00
CA ASN C 41 -8.91 37.24 -10.52
C ASN C 41 -9.62 35.91 -10.29
N ALA C 42 -9.96 35.22 -11.36
CA ALA C 42 -10.67 33.93 -11.25
C ALA C 42 -10.22 32.86 -12.24
N CYS C 43 -10.56 31.62 -11.93
CA CYS C 43 -10.23 30.49 -12.79
C CYS C 43 -11.45 30.09 -13.61
N CYS C 44 -12.62 30.58 -13.23
CA CYS C 44 -13.86 30.25 -13.91
C CYS C 44 -14.15 31.25 -15.01
N SER C 45 -15.06 30.88 -15.92
CA SER C 45 -15.45 31.75 -17.01
C SER C 45 -16.84 32.33 -16.73
N THR C 46 -17.27 33.26 -17.57
CA THR C 46 -18.57 33.88 -17.39
C THR C 46 -19.64 32.80 -17.42
N ASN C 47 -19.65 32.02 -18.49
CA ASN C 47 -20.63 30.97 -18.63
C ASN C 47 -20.69 30.10 -17.39
N THR C 48 -19.53 29.71 -16.89
CA THR C 48 -19.47 28.85 -15.71
C THR C 48 -20.17 29.47 -14.51
N SER C 49 -19.89 30.75 -14.26
CA SER C 49 -20.48 31.44 -13.12
C SER C 49 -21.97 31.61 -13.30
N GLN C 50 -22.40 31.87 -14.52
CA GLN C 50 -23.81 32.06 -14.81
C GLN C 50 -24.57 30.75 -14.66
N GLU C 51 -23.93 29.64 -15.01
CA GLU C 51 -24.55 28.32 -14.90
C GLU C 51 -24.68 27.87 -13.45
N ALA C 52 -23.70 28.22 -12.61
CA ALA C 52 -23.71 27.85 -11.20
C ALA C 52 -25.00 28.27 -10.51
N HIS C 53 -25.68 29.29 -11.05
CA HIS C 53 -26.92 29.79 -10.47
C HIS C 53 -28.16 29.12 -11.05
N LYS C 54 -27.97 28.21 -12.00
CA LYS C 54 -29.11 27.54 -12.61
C LYS C 54 -29.36 26.15 -12.02
N ASP C 55 -30.61 25.72 -12.01
CA ASP C 55 -30.96 24.41 -11.49
C ASP C 55 -30.60 23.34 -12.52
N VAL C 56 -29.83 22.35 -12.10
CA VAL C 56 -29.43 21.30 -13.03
C VAL C 56 -28.75 22.00 -14.21
N SER C 57 -27.69 22.74 -13.90
CA SER C 57 -26.93 23.48 -14.91
C SER C 57 -26.08 22.64 -15.87
N TYR C 58 -25.44 23.33 -16.80
CA TYR C 58 -24.57 22.72 -17.79
C TYR C 58 -23.32 22.14 -17.12
N LEU C 59 -22.78 22.88 -16.15
CA LEU C 59 -21.58 22.49 -15.41
C LEU C 59 -21.48 20.99 -15.12
N TYR C 60 -22.37 20.50 -14.25
CA TYR C 60 -22.37 19.09 -13.91
C TYR C 60 -23.77 18.49 -13.99
N ARG C 61 -24.73 19.32 -14.37
CA ARG C 61 -26.11 18.86 -14.48
C ARG C 61 -26.55 18.29 -13.14
N PHE C 62 -26.22 19.00 -12.06
CA PHE C 62 -26.55 18.58 -10.71
C PHE C 62 -27.89 19.17 -10.30
N ASN C 63 -28.74 18.31 -9.75
CA ASN C 63 -30.06 18.69 -9.30
C ASN C 63 -30.08 18.92 -7.78
N TRP C 64 -30.23 20.19 -7.39
CA TRP C 64 -30.29 20.54 -5.98
C TRP C 64 -31.60 20.08 -5.36
N ASN C 65 -32.66 20.07 -6.18
CA ASN C 65 -33.99 19.70 -5.73
C ASN C 65 -34.27 18.20 -5.86
N HIS C 66 -33.34 17.37 -5.41
CA HIS C 66 -33.55 15.93 -5.51
C HIS C 66 -34.60 15.42 -4.52
N CYS C 67 -34.73 16.11 -3.39
CA CYS C 67 -35.73 15.74 -2.39
C CYS C 67 -36.69 16.89 -2.22
N GLY C 68 -37.40 17.24 -3.29
CA GLY C 68 -38.34 18.33 -3.20
C GLY C 68 -37.62 19.63 -3.51
N GLU C 69 -38.29 20.76 -3.33
CA GLU C 69 -37.67 22.04 -3.63
C GLU C 69 -36.70 22.39 -2.51
N MET C 70 -35.48 22.77 -2.89
CA MET C 70 -34.47 23.15 -1.90
C MET C 70 -34.66 24.62 -1.50
N ALA C 71 -34.69 24.88 -0.20
CA ALA C 71 -34.87 26.22 0.33
C ALA C 71 -33.80 27.14 -0.21
N PRO C 72 -34.19 28.37 -0.57
CA PRO C 72 -33.25 29.36 -1.10
C PRO C 72 -32.08 29.67 -0.16
N ALA C 73 -32.38 29.82 1.13
CA ALA C 73 -31.35 30.11 2.13
C ALA C 73 -30.28 29.02 2.16
N CYS C 74 -30.63 27.83 1.66
CA CYS C 74 -29.70 26.70 1.62
C CYS C 74 -28.96 26.65 0.28
N LYS C 75 -29.72 26.62 -0.80
CA LYS C 75 -29.18 26.55 -2.14
C LYS C 75 -28.20 27.70 -2.41
N ARG C 76 -28.31 28.79 -1.67
CA ARG C 76 -27.39 29.91 -1.88
C ARG C 76 -25.97 29.56 -1.45
N HIS C 77 -25.88 28.64 -0.49
CA HIS C 77 -24.56 28.26 -0.02
C HIS C 77 -23.89 27.35 -1.03
N PHE C 78 -24.69 26.52 -1.70
CA PHE C 78 -24.14 25.60 -2.71
C PHE C 78 -23.63 26.36 -3.92
N ILE C 79 -24.32 27.43 -4.28
CA ILE C 79 -23.89 28.26 -5.40
C ILE C 79 -22.52 28.87 -5.07
N GLN C 80 -22.38 29.43 -3.86
CA GLN C 80 -21.11 30.03 -3.43
C GLN C 80 -20.04 28.97 -3.49
N ASP C 81 -20.34 27.81 -2.92
CA ASP C 81 -19.38 26.71 -2.96
C ASP C 81 -18.92 26.51 -4.41
N THR C 82 -19.86 26.57 -5.35
CA THR C 82 -19.54 26.41 -6.75
C THR C 82 -18.62 27.53 -7.22
N CYS C 83 -18.94 28.77 -6.84
CA CYS C 83 -18.11 29.90 -7.23
C CYS C 83 -16.71 29.76 -6.69
N LEU C 84 -16.59 29.27 -5.46
CA LEU C 84 -15.28 29.08 -4.84
C LEU C 84 -14.47 27.99 -5.53
N TYR C 85 -15.07 26.81 -5.68
CA TYR C 85 -14.39 25.69 -6.30
C TYR C 85 -14.02 25.96 -7.75
N GLU C 86 -14.82 26.77 -8.43
CA GLU C 86 -14.56 27.08 -9.83
C GLU C 86 -13.66 28.29 -10.06
N CYS C 87 -13.93 29.39 -9.36
CA CYS C 87 -13.17 30.62 -9.57
C CYS C 87 -11.96 30.87 -8.67
N SER C 88 -11.96 30.31 -7.48
CA SER C 88 -10.85 30.55 -6.58
C SER C 88 -9.46 30.20 -7.12
N PRO C 89 -8.53 31.17 -7.09
CA PRO C 89 -7.17 30.99 -7.56
C PRO C 89 -6.23 30.79 -6.35
N ASN C 90 -6.81 30.65 -5.16
CA ASN C 90 -6.01 30.48 -3.96
C ASN C 90 -6.23 29.13 -3.33
N LEU C 91 -6.38 28.09 -4.16
CA LEU C 91 -6.59 26.74 -3.65
C LEU C 91 -5.43 25.80 -3.97
N GLY C 92 -4.39 26.34 -4.57
CA GLY C 92 -3.24 25.51 -4.92
C GLY C 92 -2.69 24.63 -3.82
N PRO C 93 -2.46 25.17 -2.62
CA PRO C 93 -1.93 24.38 -1.50
C PRO C 93 -2.72 23.12 -1.20
N TRP C 94 -3.91 23.02 -1.78
CA TRP C 94 -4.78 21.87 -1.52
C TRP C 94 -5.10 21.04 -2.75
N ILE C 95 -4.69 21.53 -3.93
CA ILE C 95 -4.89 20.81 -5.17
C ILE C 95 -4.12 19.48 -5.19
N GLN C 96 -4.70 18.47 -5.80
CA GLN C 96 -4.08 17.15 -5.88
C GLN C 96 -4.56 16.43 -7.14
N GLN C 97 -3.74 15.51 -7.64
CA GLN C 97 -4.08 14.77 -8.84
C GLN C 97 -4.84 13.49 -8.50
N VAL C 98 -5.93 13.24 -9.21
CA VAL C 98 -6.73 12.06 -8.97
C VAL C 98 -6.95 11.25 -10.23
N ASP C 99 -7.02 11.93 -11.37
CA ASP C 99 -7.23 11.27 -12.67
C ASP C 99 -8.52 10.45 -12.78
N GLN C 100 -9.65 11.13 -12.80
CA GLN C 100 -10.95 10.51 -12.93
C GLN C 100 -11.63 11.15 -14.15
N SER C 101 -12.17 10.31 -15.03
CA SER C 101 -12.76 10.76 -16.29
C SER C 101 -13.08 12.25 -16.49
N TRP C 102 -13.73 12.93 -15.55
CA TRP C 102 -14.05 14.34 -15.79
C TRP C 102 -13.03 15.37 -15.27
N ARG C 103 -12.10 14.97 -14.40
CA ARG C 103 -11.10 15.91 -13.90
C ARG C 103 -9.79 15.23 -13.52
N LYS C 104 -8.68 15.84 -13.92
CA LYS C 104 -7.37 15.30 -13.61
C LYS C 104 -6.94 15.69 -12.18
N GLU C 105 -7.22 16.93 -11.82
CA GLU C 105 -6.92 17.46 -10.50
C GLU C 105 -8.19 17.87 -9.78
N ARG C 106 -8.08 18.08 -8.47
CA ARG C 106 -9.22 18.52 -7.67
C ARG C 106 -8.65 19.06 -6.37
N VAL C 107 -9.50 19.35 -5.39
CA VAL C 107 -9.03 19.87 -4.11
C VAL C 107 -9.41 18.96 -2.95
N LEU C 108 -8.50 18.83 -1.99
CA LEU C 108 -8.74 17.99 -0.83
C LEU C 108 -8.31 18.66 0.47
N ASN C 109 -9.17 18.56 1.47
CA ASN C 109 -8.89 19.12 2.78
C ASN C 109 -8.70 20.64 2.82
N VAL C 110 -9.59 21.36 2.16
CA VAL C 110 -9.52 22.82 2.19
C VAL C 110 -10.05 23.30 3.54
N PRO C 111 -9.20 23.97 4.35
CA PRO C 111 -9.57 24.48 5.68
C PRO C 111 -10.64 25.59 5.65
N LEU C 112 -11.89 25.20 5.49
CA LEU C 112 -13.00 26.14 5.45
C LEU C 112 -13.18 26.76 6.82
N CYS C 113 -13.33 28.08 6.89
CA CYS C 113 -13.48 28.74 8.18
C CYS C 113 -14.69 28.24 8.92
N LYS C 114 -14.52 28.05 10.22
CA LYS C 114 -15.57 27.54 11.10
C LYS C 114 -16.93 28.16 10.87
N GLU C 115 -17.02 29.49 10.85
CA GLU C 115 -18.31 30.17 10.68
C GLU C 115 -19.01 29.83 9.37
N ASP C 116 -18.27 29.90 8.28
CA ASP C 116 -18.85 29.60 6.98
C ASP C 116 -19.50 28.21 6.97
N CYS C 117 -18.82 27.22 7.52
CA CYS C 117 -19.38 25.89 7.51
C CYS C 117 -20.64 25.81 8.39
N GLU C 118 -20.62 26.49 9.53
CA GLU C 118 -21.77 26.48 10.42
C GLU C 118 -22.97 27.10 9.74
N GLN C 119 -22.81 28.34 9.29
CA GLN C 119 -23.89 29.04 8.58
C GLN C 119 -24.51 28.18 7.49
N TRP C 120 -23.66 27.60 6.65
CA TRP C 120 -24.12 26.73 5.57
C TRP C 120 -25.00 25.65 6.20
N TRP C 121 -24.47 25.00 7.20
CA TRP C 121 -25.19 23.95 7.90
C TRP C 121 -26.55 24.46 8.37
N GLU C 122 -26.52 25.51 9.19
CA GLU C 122 -27.72 26.09 9.76
C GLU C 122 -28.79 26.50 8.73
N ASP C 123 -28.37 27.12 7.64
CA ASP C 123 -29.33 27.54 6.62
C ASP C 123 -29.97 26.38 5.85
N CYS C 124 -29.34 25.21 5.89
CA CYS C 124 -29.88 24.06 5.19
C CYS C 124 -30.73 23.16 6.07
N ARG C 125 -31.02 23.63 7.29
CA ARG C 125 -31.82 22.86 8.21
C ARG C 125 -33.19 22.51 7.63
N THR C 126 -33.83 23.47 6.97
CA THR C 126 -35.17 23.24 6.41
C THR C 126 -35.21 22.55 5.04
N SER C 127 -34.09 21.98 4.62
CA SER C 127 -34.03 21.30 3.34
C SER C 127 -33.94 19.81 3.54
N TYR C 128 -33.99 19.07 2.44
CA TYR C 128 -33.95 17.62 2.48
C TYR C 128 -32.89 17.01 1.56
N THR C 129 -32.65 15.71 1.71
CA THR C 129 -31.68 14.99 0.87
C THR C 129 -31.76 13.49 1.16
N CYS C 130 -31.04 12.69 0.37
CA CYS C 130 -31.07 11.24 0.53
C CYS C 130 -29.67 10.67 0.57
N LYS C 131 -28.66 11.53 0.59
CA LYS C 131 -27.29 11.03 0.60
C LYS C 131 -26.33 11.92 1.37
N SER C 132 -25.23 11.35 1.82
CA SER C 132 -24.21 12.10 2.53
C SER C 132 -23.01 12.29 1.59
N ASN C 133 -22.96 11.49 0.52
CA ASN C 133 -21.89 11.58 -0.47
C ASN C 133 -22.54 12.01 -1.76
N TRP C 134 -22.36 13.27 -2.14
CA TRP C 134 -22.97 13.81 -3.36
C TRP C 134 -22.08 13.67 -4.57
N HIS C 135 -21.07 12.82 -4.45
CA HIS C 135 -20.14 12.62 -5.56
C HIS C 135 -20.34 11.26 -6.24
N LYS C 136 -20.81 10.27 -5.49
CA LYS C 136 -20.98 8.92 -6.04
C LYS C 136 -22.28 8.32 -5.56
N GLY C 137 -22.93 7.57 -6.43
CA GLY C 137 -24.17 6.89 -6.07
C GLY C 137 -25.48 7.40 -6.65
N TRP C 138 -25.43 8.45 -7.46
CA TRP C 138 -26.67 8.98 -8.02
C TRP C 138 -27.13 8.20 -9.25
N ASN C 139 -28.43 8.27 -9.53
CA ASN C 139 -29.01 7.61 -10.69
C ASN C 139 -29.10 8.64 -11.82
N TRP C 140 -28.08 8.67 -12.67
CA TRP C 140 -28.05 9.64 -13.76
C TRP C 140 -28.79 9.21 -15.03
N THR C 141 -29.72 8.28 -14.90
CA THR C 141 -30.46 7.79 -16.05
C THR C 141 -31.31 8.85 -16.72
N SER C 142 -32.02 9.63 -15.90
CA SER C 142 -32.90 10.68 -16.41
C SER C 142 -32.19 11.88 -17.04
N GLY C 143 -30.88 11.94 -16.90
CA GLY C 143 -30.14 13.07 -17.46
C GLY C 143 -29.59 13.98 -16.37
N PHE C 144 -30.03 13.73 -15.15
CA PHE C 144 -29.60 14.48 -13.98
C PHE C 144 -29.79 13.57 -12.77
N ASN C 145 -28.97 13.80 -11.75
CA ASN C 145 -29.00 12.99 -10.54
C ASN C 145 -30.35 12.95 -9.83
N LYS C 146 -30.79 11.73 -9.52
CA LYS C 146 -32.03 11.48 -8.79
C LYS C 146 -31.70 10.54 -7.62
N CYS C 147 -32.51 10.57 -6.58
CA CYS C 147 -32.22 9.70 -5.45
C CYS C 147 -32.16 8.23 -5.81
N ALA C 148 -31.04 7.60 -5.44
CA ALA C 148 -30.81 6.18 -5.66
C ALA C 148 -31.93 5.37 -4.99
N VAL C 149 -32.45 5.92 -3.90
CA VAL C 149 -33.55 5.31 -3.16
C VAL C 149 -34.58 6.41 -2.84
N GLY C 150 -35.56 6.55 -3.73
CA GLY C 150 -36.59 7.56 -3.57
C GLY C 150 -37.14 7.75 -2.16
N ALA C 151 -37.20 6.67 -1.39
CA ALA C 151 -37.72 6.73 -0.02
C ALA C 151 -36.67 7.13 1.03
N ALA C 152 -35.50 7.57 0.56
CA ALA C 152 -34.43 7.95 1.47
C ALA C 152 -34.44 9.43 1.87
N CYS C 153 -35.37 10.21 1.31
CA CYS C 153 -35.43 11.62 1.66
C CYS C 153 -35.70 11.85 3.13
N GLN C 154 -34.80 12.61 3.75
CA GLN C 154 -34.91 12.95 5.17
C GLN C 154 -34.38 14.36 5.36
N PRO C 155 -34.69 14.99 6.51
CA PRO C 155 -34.19 16.36 6.76
C PRO C 155 -32.68 16.43 6.55
N PHE C 156 -32.22 17.57 6.07
CA PHE C 156 -30.79 17.77 5.78
C PHE C 156 -29.88 17.35 6.93
N HIS C 157 -30.22 17.75 8.14
CA HIS C 157 -29.37 17.39 9.27
C HIS C 157 -29.38 15.92 9.66
N PHE C 158 -30.21 15.14 8.97
CA PHE C 158 -30.30 13.72 9.21
C PHE C 158 -29.05 13.07 8.62
N TYR C 159 -28.74 13.44 7.39
CA TYR C 159 -27.58 12.90 6.71
C TYR C 159 -26.32 13.71 7.05
N PHE C 160 -26.49 14.87 7.65
CA PHE C 160 -25.38 15.72 8.04
C PHE C 160 -25.60 16.24 9.46
N PRO C 161 -25.44 15.36 10.46
CA PRO C 161 -25.61 15.64 11.90
C PRO C 161 -24.98 16.94 12.42
N THR C 162 -23.78 17.24 11.93
CA THR C 162 -23.09 18.45 12.37
C THR C 162 -22.45 19.16 11.20
N PRO C 163 -22.10 20.43 11.40
CA PRO C 163 -21.48 21.21 10.34
C PRO C 163 -20.25 20.53 9.74
N THR C 164 -19.36 20.04 10.59
CA THR C 164 -18.17 19.37 10.09
C THR C 164 -18.50 18.22 9.12
N VAL C 165 -19.49 17.41 9.48
CA VAL C 165 -19.89 16.29 8.62
C VAL C 165 -20.43 16.81 7.28
N LEU C 166 -21.14 17.93 7.33
CA LEU C 166 -21.71 18.48 6.12
C LEU C 166 -20.66 19.02 5.18
N CYS C 167 -19.66 19.73 5.69
CA CYS C 167 -18.64 20.31 4.83
C CYS C 167 -17.55 19.34 4.45
N ASN C 168 -17.33 18.33 5.27
CA ASN C 168 -16.28 17.35 4.97
C ASN C 168 -16.79 16.19 4.10
N GLU C 169 -18.01 15.75 4.34
CA GLU C 169 -18.55 14.62 3.60
C GLU C 169 -19.25 14.94 2.28
N ILE C 170 -20.07 15.98 2.28
CA ILE C 170 -20.85 16.34 1.09
C ILE C 170 -20.08 16.19 -0.23
N TRP C 171 -18.87 16.74 -0.27
CA TRP C 171 -18.03 16.69 -1.48
C TRP C 171 -16.80 15.82 -1.28
N THR C 172 -17.03 14.68 -0.65
CA THR C 172 -16.01 13.68 -0.36
C THR C 172 -14.65 14.29 0.03
N HIS C 173 -14.61 14.82 1.23
CA HIS C 173 -13.40 15.42 1.78
C HIS C 173 -12.77 16.51 0.94
N SER C 174 -13.57 17.24 0.17
CA SER C 174 -13.03 18.31 -0.64
C SER C 174 -12.62 19.42 0.35
N TYR C 175 -13.34 19.45 1.47
CA TYR C 175 -13.12 20.41 2.53
C TYR C 175 -12.66 19.70 3.79
N LYS C 176 -12.05 20.47 4.69
CA LYS C 176 -11.56 19.98 5.97
C LYS C 176 -11.83 21.14 6.93
N VAL C 177 -13.06 21.24 7.43
CA VAL C 177 -13.42 22.33 8.32
C VAL C 177 -12.30 22.63 9.32
N SER C 178 -12.01 23.92 9.51
CA SER C 178 -10.96 24.37 10.43
C SER C 178 -11.54 24.83 11.76
N ASN C 179 -10.69 24.88 12.78
CA ASN C 179 -11.11 25.35 14.10
C ASN C 179 -10.94 26.86 14.14
N TYR C 180 -10.12 27.39 13.23
CA TYR C 180 -9.89 28.83 13.12
C TYR C 180 -11.16 29.51 12.62
N SER C 181 -11.33 30.79 12.92
CA SER C 181 -12.53 31.51 12.52
C SER C 181 -12.22 32.52 11.45
N ARG C 182 -13.27 33.05 10.84
CA ARG C 182 -13.17 34.06 9.78
C ARG C 182 -12.27 35.22 10.21
N GLY C 183 -11.30 35.54 9.36
CA GLY C 183 -10.40 36.64 9.65
C GLY C 183 -9.14 36.24 10.36
N SER C 184 -9.06 34.99 10.80
CA SER C 184 -7.89 34.49 11.50
C SER C 184 -6.69 34.39 10.56
N GLY C 185 -6.95 34.31 9.26
CA GLY C 185 -5.86 34.21 8.31
C GLY C 185 -5.28 32.81 8.25
N ARG C 186 -6.02 31.84 8.79
CA ARG C 186 -5.58 30.45 8.81
C ARG C 186 -6.62 29.52 8.18
N CYS C 187 -7.65 30.09 7.56
CA CYS C 187 -8.71 29.31 6.95
C CYS C 187 -9.27 29.99 5.72
N ILE C 188 -9.88 29.20 4.83
CA ILE C 188 -10.47 29.71 3.60
C ILE C 188 -11.92 30.09 3.84
N GLN C 189 -12.34 31.21 3.24
CA GLN C 189 -13.71 31.69 3.36
C GLN C 189 -14.40 31.61 2.02
N MET C 190 -15.62 31.05 1.99
CA MET C 190 -16.34 30.98 0.73
C MET C 190 -17.25 32.19 0.63
N TRP C 191 -17.38 32.90 1.74
CA TRP C 191 -18.20 34.10 1.78
C TRP C 191 -17.32 35.24 2.25
N PHE C 192 -17.20 36.28 1.44
CA PHE C 192 -16.37 37.41 1.84
C PHE C 192 -16.68 38.61 0.98
N ASP C 193 -16.61 39.79 1.59
CA ASP C 193 -16.87 41.07 0.94
C ASP C 193 -15.63 41.51 0.18
N PRO C 194 -15.69 41.49 -1.17
CA PRO C 194 -14.54 41.90 -1.99
C PRO C 194 -14.10 43.32 -1.69
N ALA C 195 -15.04 44.19 -1.32
CA ALA C 195 -14.74 45.59 -0.99
C ALA C 195 -13.77 45.67 0.20
N GLN C 196 -13.67 44.58 0.95
CA GLN C 196 -12.76 44.52 2.09
C GLN C 196 -11.46 43.83 1.69
N GLY C 197 -11.50 43.06 0.60
CA GLY C 197 -10.31 42.36 0.13
C GLY C 197 -10.51 40.86 0.22
N ASN C 198 -9.82 40.11 -0.65
CA ASN C 198 -9.92 38.66 -0.68
C ASN C 198 -9.02 38.10 0.42
N PRO C 199 -9.62 37.55 1.48
CA PRO C 199 -8.90 36.99 2.61
C PRO C 199 -8.15 35.69 2.36
N ASN C 200 -8.48 35.01 1.27
CA ASN C 200 -7.83 33.75 0.96
C ASN C 200 -6.42 33.89 0.39
N GLU C 201 -6.15 35.02 -0.26
CA GLU C 201 -4.83 35.27 -0.82
C GLU C 201 -3.74 35.09 0.23
N GLU C 202 -3.96 35.64 1.42
CA GLU C 202 -3.00 35.51 2.49
C GLU C 202 -3.01 34.08 3.04
N VAL C 203 -4.19 33.49 3.17
CA VAL C 203 -4.33 32.12 3.68
C VAL C 203 -3.57 31.12 2.78
N ALA C 204 -3.68 31.32 1.48
CA ALA C 204 -3.00 30.47 0.51
C ALA C 204 -1.48 30.67 0.63
N ARG C 205 -1.06 31.93 0.57
CA ARG C 205 0.36 32.26 0.66
C ARG C 205 0.94 31.70 1.94
N PHE C 206 0.13 31.66 3.00
CA PHE C 206 0.58 31.12 4.27
C PHE C 206 0.85 29.62 4.17
N TYR C 207 -0.22 28.85 3.95
CA TYR C 207 -0.09 27.41 3.86
C TYR C 207 0.90 26.93 2.79
N ALA C 208 1.08 27.71 1.73
CA ALA C 208 2.01 27.33 0.67
C ALA C 208 3.42 27.24 1.22
N ALA C 209 3.81 28.26 1.98
CA ALA C 209 5.15 28.31 2.56
C ALA C 209 5.31 27.26 3.62
N ALA C 210 4.23 26.95 4.32
CA ALA C 210 4.27 25.95 5.36
C ALA C 210 4.58 24.55 4.81
N MET C 211 4.06 24.26 3.64
CA MET C 211 4.28 22.96 3.03
C MET C 211 5.44 22.93 2.03
N SER C 212 6.00 24.10 1.74
CA SER C 212 7.12 24.18 0.82
C SER C 212 8.42 24.41 1.58
N GLY C 213 8.33 24.53 2.90
CA GLY C 213 9.52 24.74 3.70
C GLY C 213 10.00 26.17 3.77
N THR C 214 9.70 26.96 2.74
CA THR C 214 10.10 28.36 2.71
C THR C 214 9.34 29.14 3.79
N LEU C 215 9.50 30.46 3.80
CA LEU C 215 8.83 31.27 4.81
C LEU C 215 7.88 32.32 4.24
N VAL C 216 6.97 32.78 5.12
CA VAL C 216 5.96 33.78 4.78
C VAL C 216 6.55 34.95 3.99
N ILE D 4 -26.69 -38.79 -25.56
CA ILE D 4 -26.44 -37.62 -24.67
C ILE D 4 -26.74 -36.33 -25.44
N ALA D 5 -27.52 -36.46 -26.52
CA ALA D 5 -27.89 -35.31 -27.36
C ALA D 5 -28.40 -34.16 -26.48
N TRP D 6 -27.57 -33.13 -26.33
CA TRP D 6 -27.93 -31.99 -25.49
C TRP D 6 -28.44 -30.80 -26.31
N ALA D 7 -29.76 -30.76 -26.51
CA ALA D 7 -30.39 -29.68 -27.26
C ALA D 7 -30.58 -28.47 -26.36
N ARG D 8 -31.51 -27.59 -26.71
CA ARG D 8 -31.77 -26.38 -25.93
C ARG D 8 -32.98 -25.62 -26.49
N THR D 9 -34.03 -25.50 -25.67
CA THR D 9 -35.26 -24.82 -26.07
C THR D 9 -35.19 -23.32 -25.81
N GLU D 10 -34.61 -22.92 -24.69
CA GLU D 10 -34.48 -21.51 -24.34
C GLU D 10 -33.32 -20.89 -25.14
N LEU D 11 -33.67 -20.15 -26.19
CA LEU D 11 -32.66 -19.55 -27.05
C LEU D 11 -32.59 -18.03 -27.04
N LEU D 12 -33.74 -17.37 -27.16
CA LEU D 12 -33.74 -15.92 -27.18
C LEU D 12 -33.66 -15.27 -25.81
N ASN D 13 -32.86 -14.19 -25.73
CA ASN D 13 -32.65 -13.43 -24.50
C ASN D 13 -32.21 -14.33 -23.34
N VAL D 14 -31.04 -14.94 -23.47
CA VAL D 14 -30.51 -15.83 -22.45
C VAL D 14 -29.04 -15.57 -22.19
N CYS D 15 -28.48 -16.22 -21.17
CA CYS D 15 -27.05 -16.08 -20.85
C CYS D 15 -26.44 -17.45 -20.58
N MET D 16 -25.42 -17.78 -21.35
CA MET D 16 -24.75 -19.06 -21.20
C MET D 16 -24.25 -19.23 -19.78
N ASN D 17 -23.80 -20.44 -19.46
CA ASN D 17 -23.26 -20.71 -18.14
C ASN D 17 -21.73 -20.68 -18.21
N ALA D 18 -21.16 -19.48 -18.22
CA ALA D 18 -19.70 -19.34 -18.31
C ALA D 18 -19.11 -18.95 -16.98
N LYS D 19 -17.90 -18.39 -17.01
CA LYS D 19 -17.18 -17.99 -15.81
C LYS D 19 -17.61 -16.66 -15.17
N HIS D 20 -18.20 -15.76 -15.93
CA HIS D 20 -18.58 -14.45 -15.37
C HIS D 20 -20.02 -14.04 -15.64
N HIS D 21 -20.67 -14.73 -16.56
CA HIS D 21 -22.05 -14.41 -16.93
C HIS D 21 -23.05 -14.45 -15.77
N LYS D 22 -24.08 -13.62 -15.88
CA LYS D 22 -25.16 -13.58 -14.90
C LYS D 22 -26.14 -14.70 -15.29
N GLU D 23 -27.18 -14.90 -14.49
CA GLU D 23 -28.14 -15.96 -14.79
C GLU D 23 -28.98 -15.61 -16.00
N LYS D 24 -29.35 -14.34 -16.11
CA LYS D 24 -30.15 -13.88 -17.24
C LYS D 24 -29.98 -12.37 -17.53
N PRO D 25 -30.31 -11.96 -18.78
CA PRO D 25 -30.20 -10.57 -19.25
C PRO D 25 -30.75 -9.55 -18.27
N GLY D 26 -30.47 -8.28 -18.55
CA GLY D 26 -30.96 -7.21 -17.71
C GLY D 26 -30.17 -5.94 -17.88
N PRO D 27 -30.79 -4.77 -17.68
CA PRO D 27 -30.16 -3.45 -17.82
C PRO D 27 -28.95 -3.23 -16.91
N GLU D 28 -27.88 -2.69 -17.50
CA GLU D 28 -26.65 -2.40 -16.77
C GLU D 28 -26.18 -1.03 -17.25
N ASP D 29 -26.87 0.02 -16.80
CA ASP D 29 -26.57 1.38 -17.20
C ASP D 29 -25.20 1.90 -16.77
N LYS D 30 -24.34 1.01 -16.30
CA LYS D 30 -23.00 1.41 -15.87
C LYS D 30 -21.87 0.67 -16.58
N LEU D 31 -22.16 0.02 -17.70
CA LEU D 31 -21.14 -0.71 -18.45
C LEU D 31 -20.04 0.25 -18.88
N HIS D 32 -18.79 -0.23 -18.93
CA HIS D 32 -17.66 0.61 -19.32
C HIS D 32 -17.69 0.97 -20.78
N GLU D 33 -16.95 1.99 -21.17
CA GLU D 33 -16.97 2.47 -22.54
C GLU D 33 -17.33 1.49 -23.66
N GLN D 34 -16.36 0.77 -24.22
CA GLN D 34 -16.63 -0.14 -25.32
C GLN D 34 -17.82 -1.09 -25.15
N CYS D 35 -18.14 -1.49 -23.93
CA CYS D 35 -19.28 -2.39 -23.70
C CYS D 35 -20.61 -1.62 -23.59
N ARG D 36 -20.54 -0.28 -23.58
CA ARG D 36 -21.72 0.57 -23.51
C ARG D 36 -22.93 0.10 -24.35
N PRO D 37 -22.70 -0.25 -25.63
CA PRO D 37 -23.77 -0.70 -26.52
C PRO D 37 -24.72 -1.75 -25.95
N TRP D 38 -24.40 -2.29 -24.78
CA TRP D 38 -25.27 -3.31 -24.18
C TRP D 38 -25.95 -2.87 -22.90
N ARG D 39 -25.94 -1.57 -22.62
CA ARG D 39 -26.57 -1.05 -21.41
C ARG D 39 -28.05 -1.35 -21.38
N LYS D 40 -28.67 -1.41 -22.56
CA LYS D 40 -30.09 -1.70 -22.66
C LYS D 40 -30.39 -3.08 -22.09
N ASN D 41 -29.62 -4.07 -22.51
CA ASN D 41 -29.82 -5.44 -22.04
C ASN D 41 -28.53 -6.22 -22.27
N ALA D 42 -27.91 -6.68 -21.19
CA ALA D 42 -26.66 -7.41 -21.24
C ALA D 42 -26.55 -8.55 -20.22
N CYS D 43 -25.61 -9.45 -20.46
CA CYS D 43 -25.37 -10.57 -19.57
C CYS D 43 -24.23 -10.30 -18.63
N CYS D 44 -23.39 -9.33 -18.97
CA CYS D 44 -22.23 -9.03 -18.13
C CYS D 44 -22.58 -8.08 -17.00
N SER D 45 -21.60 -7.77 -16.18
CA SER D 45 -21.81 -6.85 -15.06
C SER D 45 -20.98 -5.58 -15.24
N THR D 46 -21.25 -4.57 -14.41
CA THR D 46 -20.51 -3.32 -14.45
C THR D 46 -19.03 -3.60 -14.21
N ASN D 47 -18.75 -4.63 -13.41
CA ASN D 47 -17.38 -5.01 -13.08
C ASN D 47 -16.68 -5.67 -14.26
N THR D 48 -17.36 -6.65 -14.86
CA THR D 48 -16.81 -7.37 -15.99
C THR D 48 -16.36 -6.41 -17.11
N SER D 49 -17.23 -5.46 -17.42
CA SER D 49 -16.95 -4.49 -18.48
C SER D 49 -15.69 -3.69 -18.19
N GLN D 50 -15.56 -3.20 -16.96
CA GLN D 50 -14.38 -2.41 -16.56
C GLN D 50 -13.11 -3.23 -16.64
N GLU D 51 -13.23 -4.55 -16.61
CA GLU D 51 -12.08 -5.43 -16.70
C GLU D 51 -11.76 -5.80 -18.14
N ALA D 52 -12.77 -5.73 -19.00
CA ALA D 52 -12.58 -6.06 -20.41
C ALA D 52 -11.70 -5.03 -21.08
N HIS D 53 -11.31 -4.00 -20.33
CA HIS D 53 -10.46 -2.95 -20.87
C HIS D 53 -9.13 -2.87 -20.12
N LYS D 54 -8.78 -3.92 -19.39
CA LYS D 54 -7.52 -3.92 -18.65
C LYS D 54 -6.58 -5.04 -19.09
N ASP D 55 -5.29 -4.76 -19.15
CA ASP D 55 -4.31 -5.77 -19.54
C ASP D 55 -4.20 -6.76 -18.39
N VAL D 56 -4.18 -8.06 -18.72
CA VAL D 56 -4.10 -9.09 -17.69
C VAL D 56 -5.20 -8.79 -16.66
N SER D 57 -6.42 -8.71 -17.16
CA SER D 57 -7.58 -8.39 -16.35
C SER D 57 -7.91 -9.44 -15.32
N TYR D 58 -8.99 -9.18 -14.60
CA TYR D 58 -9.50 -10.06 -13.56
C TYR D 58 -10.31 -11.20 -14.16
N LEU D 59 -10.83 -11.00 -15.36
CA LEU D 59 -11.62 -12.02 -16.02
C LEU D 59 -10.86 -13.33 -16.21
N TYR D 60 -9.70 -13.26 -16.87
CA TYR D 60 -8.91 -14.46 -17.11
C TYR D 60 -7.43 -14.20 -16.94
N ARG D 61 -7.09 -12.99 -16.47
CA ARG D 61 -5.69 -12.64 -16.28
C ARG D 61 -4.92 -12.81 -17.59
N PHE D 62 -5.64 -12.71 -18.71
CA PHE D 62 -5.07 -12.87 -20.05
C PHE D 62 -4.24 -11.67 -20.47
N ASN D 63 -3.07 -11.94 -21.03
CA ASN D 63 -2.15 -10.90 -21.47
C ASN D 63 -2.17 -10.74 -22.97
N TRP D 64 -2.70 -9.62 -23.44
CA TRP D 64 -2.76 -9.34 -24.86
C TRP D 64 -1.36 -9.06 -25.41
N ASN D 65 -0.47 -8.61 -24.54
CA ASN D 65 0.90 -8.28 -24.93
C ASN D 65 1.91 -9.42 -24.75
N HIS D 66 1.52 -10.64 -25.14
CA HIS D 66 2.41 -11.78 -24.99
C HIS D 66 3.63 -11.72 -25.87
N CYS D 67 3.55 -10.93 -26.94
CA CYS D 67 4.66 -10.75 -27.84
C CYS D 67 4.94 -9.27 -28.02
N GLY D 68 5.08 -8.55 -26.92
CA GLY D 68 5.33 -7.13 -26.99
C GLY D 68 4.03 -6.38 -26.85
N GLU D 69 4.08 -5.06 -26.95
CA GLU D 69 2.89 -4.25 -26.83
C GLU D 69 1.95 -4.46 -28.02
N MET D 70 0.70 -4.81 -27.74
CA MET D 70 -0.28 -5.01 -28.79
C MET D 70 -0.90 -3.67 -29.20
N ALA D 71 -0.77 -3.32 -30.48
CA ALA D 71 -1.33 -2.06 -30.98
C ALA D 71 -2.77 -1.87 -30.53
N PRO D 72 -3.13 -0.64 -30.17
CA PRO D 72 -4.48 -0.32 -29.73
C PRO D 72 -5.53 -0.68 -30.78
N ALA D 73 -5.23 -0.44 -32.04
CA ALA D 73 -6.19 -0.74 -33.10
C ALA D 73 -6.58 -2.22 -33.11
N CYS D 74 -5.68 -3.07 -32.64
CA CYS D 74 -5.91 -4.50 -32.60
C CYS D 74 -6.55 -4.88 -31.26
N LYS D 75 -6.08 -4.31 -30.17
CA LYS D 75 -6.63 -4.62 -28.86
C LYS D 75 -8.11 -4.27 -28.76
N ARG D 76 -8.51 -3.14 -29.36
CA ARG D 76 -9.90 -2.71 -29.29
C ARG D 76 -10.81 -3.79 -29.78
N HIS D 77 -10.38 -4.52 -30.80
CA HIS D 77 -11.20 -5.60 -31.33
C HIS D 77 -11.32 -6.74 -30.34
N PHE D 78 -10.25 -6.99 -29.58
CA PHE D 78 -10.26 -8.04 -28.59
C PHE D 78 -11.10 -7.60 -27.39
N ILE D 79 -11.22 -6.28 -27.22
CA ILE D 79 -12.01 -5.72 -26.12
C ILE D 79 -13.49 -5.81 -26.46
N GLN D 80 -13.83 -5.47 -27.70
CA GLN D 80 -15.22 -5.53 -28.17
C GLN D 80 -15.64 -6.97 -28.26
N ASP D 81 -14.69 -7.85 -28.53
CA ASP D 81 -14.97 -9.28 -28.62
C ASP D 81 -15.41 -9.75 -27.24
N THR D 82 -14.65 -9.36 -26.23
CA THR D 82 -14.97 -9.73 -24.87
C THR D 82 -16.32 -9.16 -24.47
N CYS D 83 -16.66 -7.95 -24.91
CA CYS D 83 -17.95 -7.36 -24.57
C CYS D 83 -19.06 -8.23 -25.13
N LEU D 84 -18.96 -8.60 -26.40
CA LEU D 84 -19.98 -9.43 -27.00
C LEU D 84 -20.11 -10.76 -26.27
N TYR D 85 -18.99 -11.43 -26.07
CA TYR D 85 -18.99 -12.72 -25.41
C TYR D 85 -19.52 -12.72 -23.99
N GLU D 86 -19.26 -11.63 -23.27
CA GLU D 86 -19.68 -11.49 -21.89
C GLU D 86 -21.00 -10.75 -21.68
N CYS D 87 -21.44 -9.97 -22.65
CA CYS D 87 -22.68 -9.21 -22.47
C CYS D 87 -23.83 -9.53 -23.42
N SER D 88 -23.52 -10.00 -24.62
CA SER D 88 -24.59 -10.28 -25.58
C SER D 88 -25.63 -11.28 -25.13
N PRO D 89 -26.90 -10.88 -25.15
CA PRO D 89 -28.02 -11.73 -24.76
C PRO D 89 -28.66 -12.37 -26.00
N ASN D 90 -27.97 -12.28 -27.13
CA ASN D 90 -28.48 -12.84 -28.38
C ASN D 90 -27.56 -13.88 -29.00
N LEU D 91 -26.86 -14.62 -28.15
CA LEU D 91 -25.95 -15.67 -28.62
C LEU D 91 -26.53 -17.05 -28.40
N GLY D 92 -27.65 -17.11 -27.69
CA GLY D 92 -28.28 -18.38 -27.38
C GLY D 92 -28.27 -19.46 -28.46
N PRO D 93 -28.71 -19.14 -29.68
CA PRO D 93 -28.75 -20.11 -30.79
C PRO D 93 -27.45 -20.89 -31.05
N TRP D 94 -26.36 -20.45 -30.43
CA TRP D 94 -25.07 -21.10 -30.63
C TRP D 94 -24.43 -21.64 -29.36
N ILE D 95 -25.10 -21.44 -28.23
CA ILE D 95 -24.60 -21.95 -26.97
C ILE D 95 -24.55 -23.47 -27.00
N GLN D 96 -23.50 -24.03 -26.42
CA GLN D 96 -23.35 -25.48 -26.35
C GLN D 96 -22.64 -25.87 -25.05
N GLN D 97 -23.10 -26.96 -24.45
CA GLN D 97 -22.54 -27.45 -23.20
C GLN D 97 -21.24 -28.19 -23.45
N VAL D 98 -20.14 -27.63 -22.94
CA VAL D 98 -18.83 -28.23 -23.13
C VAL D 98 -18.31 -28.84 -21.84
N ASP D 99 -18.82 -28.35 -20.72
CA ASP D 99 -18.44 -28.87 -19.41
C ASP D 99 -16.93 -28.85 -19.15
N GLN D 100 -16.40 -27.67 -18.82
CA GLN D 100 -14.99 -27.55 -18.53
C GLN D 100 -14.74 -26.68 -17.31
N SER D 101 -13.69 -27.03 -16.59
CA SER D 101 -13.29 -26.36 -15.35
C SER D 101 -13.84 -24.96 -15.10
N TRP D 102 -13.72 -24.06 -16.09
CA TRP D 102 -14.18 -22.69 -15.90
C TRP D 102 -15.53 -22.32 -16.53
N ARG D 103 -16.12 -23.20 -17.33
CA ARG D 103 -17.42 -22.91 -17.93
C ARG D 103 -18.16 -24.17 -18.36
N LYS D 104 -19.43 -24.26 -17.98
CA LYS D 104 -20.22 -25.44 -18.32
C LYS D 104 -20.62 -25.32 -19.78
N GLU D 105 -20.88 -24.09 -20.20
CA GLU D 105 -21.26 -23.81 -21.57
C GLU D 105 -20.36 -22.73 -22.19
N ARG D 106 -20.43 -22.66 -23.52
CA ARG D 106 -19.67 -21.70 -24.32
C ARG D 106 -20.45 -21.49 -25.61
N VAL D 107 -19.82 -20.87 -26.59
CA VAL D 107 -20.47 -20.64 -27.87
C VAL D 107 -19.61 -21.26 -28.94
N LEU D 108 -20.26 -21.69 -30.02
CA LEU D 108 -19.57 -22.29 -31.17
C LEU D 108 -20.22 -21.98 -32.51
N ASN D 109 -19.39 -21.74 -33.52
CA ASN D 109 -19.86 -21.44 -34.88
C ASN D 109 -20.75 -20.19 -34.99
N VAL D 110 -20.52 -19.22 -34.10
CA VAL D 110 -21.31 -17.99 -34.14
C VAL D 110 -21.01 -17.33 -35.47
N PRO D 111 -22.05 -17.12 -36.31
CA PRO D 111 -21.90 -16.49 -37.64
C PRO D 111 -21.52 -15.02 -37.57
N LEU D 112 -20.24 -14.77 -37.32
CA LEU D 112 -19.72 -13.41 -37.25
C LEU D 112 -19.77 -12.83 -38.66
N CYS D 113 -20.26 -11.60 -38.78
CA CYS D 113 -20.36 -10.94 -40.08
C CYS D 113 -18.99 -10.84 -40.75
N LYS D 114 -19.01 -10.96 -42.07
CA LYS D 114 -17.81 -10.92 -42.88
C LYS D 114 -16.92 -9.71 -42.59
N GLU D 115 -17.50 -8.50 -42.69
CA GLU D 115 -16.75 -7.26 -42.46
C GLU D 115 -16.10 -7.20 -41.09
N ASP D 116 -16.85 -7.56 -40.06
CA ASP D 116 -16.35 -7.53 -38.69
C ASP D 116 -15.08 -8.32 -38.52
N CYS D 117 -15.06 -9.52 -39.10
CA CYS D 117 -13.91 -10.40 -39.04
C CYS D 117 -12.72 -9.83 -39.84
N GLU D 118 -12.96 -9.47 -41.10
CA GLU D 118 -11.89 -8.91 -41.92
C GLU D 118 -11.23 -7.70 -41.26
N GLN D 119 -12.05 -6.80 -40.74
CA GLN D 119 -11.51 -5.60 -40.08
C GLN D 119 -10.64 -5.95 -38.89
N TRP D 120 -11.04 -6.99 -38.15
CA TRP D 120 -10.31 -7.46 -36.97
C TRP D 120 -8.96 -8.01 -37.43
N TRP D 121 -8.99 -8.81 -38.49
CA TRP D 121 -7.78 -9.40 -39.05
C TRP D 121 -6.87 -8.31 -39.60
N GLU D 122 -7.47 -7.19 -40.02
CA GLU D 122 -6.74 -6.09 -40.61
C GLU D 122 -6.02 -5.25 -39.59
N ASP D 123 -6.71 -4.90 -38.51
CA ASP D 123 -6.11 -4.06 -37.49
C ASP D 123 -5.03 -4.76 -36.67
N CYS D 124 -4.90 -6.07 -36.83
CA CYS D 124 -3.89 -6.80 -36.08
C CYS D 124 -2.63 -7.11 -36.86
N ARG D 125 -2.62 -6.74 -38.14
CA ARG D 125 -1.46 -6.98 -38.98
C ARG D 125 -0.16 -6.49 -38.31
N THR D 126 -0.24 -5.35 -37.62
CA THR D 126 0.92 -4.77 -36.97
C THR D 126 1.28 -5.41 -35.66
N SER D 127 0.31 -6.06 -35.03
CA SER D 127 0.59 -6.71 -33.76
C SER D 127 1.31 -8.05 -33.95
N TYR D 128 1.66 -8.70 -32.84
CA TYR D 128 2.38 -9.97 -32.90
C TYR D 128 1.79 -11.04 -31.98
N THR D 129 2.21 -12.28 -32.18
CA THR D 129 1.74 -13.39 -31.37
C THR D 129 2.63 -14.60 -31.58
N CYS D 130 2.40 -15.66 -30.81
CA CYS D 130 3.17 -16.89 -30.91
C CYS D 130 2.33 -18.15 -31.05
N LYS D 131 1.00 -18.01 -30.97
CA LYS D 131 0.09 -19.16 -31.06
C LYS D 131 -1.16 -18.91 -31.91
N SER D 132 -1.66 -19.95 -32.55
CA SER D 132 -2.86 -19.84 -33.36
C SER D 132 -4.05 -20.35 -32.58
N ASN D 133 -3.80 -20.80 -31.36
CA ASN D 133 -4.87 -21.29 -30.50
C ASN D 133 -4.63 -20.61 -29.17
N TRP D 134 -5.43 -19.59 -28.88
CA TRP D 134 -5.31 -18.81 -27.64
C TRP D 134 -6.10 -19.36 -26.45
N HIS D 135 -6.77 -20.49 -26.67
CA HIS D 135 -7.56 -21.13 -25.62
C HIS D 135 -6.82 -22.22 -24.84
N LYS D 136 -5.81 -22.82 -25.46
CA LYS D 136 -5.05 -23.91 -24.83
C LYS D 136 -3.59 -23.86 -25.21
N GLY D 137 -2.70 -24.22 -24.30
CA GLY D 137 -1.29 -24.24 -24.62
C GLY D 137 -0.37 -23.20 -24.01
N TRP D 138 -0.94 -22.14 -23.45
CA TRP D 138 -0.11 -21.11 -22.85
C TRP D 138 0.67 -21.57 -21.63
N ASN D 139 1.61 -20.75 -21.19
CA ASN D 139 2.42 -21.02 -20.00
C ASN D 139 1.95 -20.04 -18.93
N TRP D 140 1.17 -20.50 -17.97
CA TRP D 140 0.66 -19.62 -16.94
C TRP D 140 1.50 -19.58 -15.65
N THR D 141 2.76 -20.00 -15.75
CA THR D 141 3.65 -20.01 -14.59
C THR D 141 3.67 -18.71 -13.79
N SER D 142 3.72 -17.57 -14.48
CA SER D 142 3.81 -16.29 -13.80
C SER D 142 2.46 -15.72 -13.37
N GLY D 143 1.37 -16.41 -13.67
CA GLY D 143 0.07 -15.89 -13.31
C GLY D 143 -0.71 -15.51 -14.54
N PHE D 144 -0.02 -14.94 -15.52
CA PHE D 144 -0.66 -14.57 -16.77
C PHE D 144 0.05 -15.36 -17.88
N ASN D 145 -0.66 -15.59 -18.99
CA ASN D 145 -0.12 -16.36 -20.10
C ASN D 145 1.09 -15.77 -20.77
N LYS D 146 2.09 -16.63 -20.98
CA LYS D 146 3.33 -16.26 -21.67
C LYS D 146 3.57 -17.30 -22.78
N CYS D 147 4.32 -16.92 -23.80
CA CYS D 147 4.56 -17.83 -24.92
C CYS D 147 5.17 -19.16 -24.50
N ALA D 148 4.56 -20.24 -24.97
CA ALA D 148 5.05 -21.58 -24.67
C ALA D 148 6.48 -21.72 -25.23
N VAL D 149 6.79 -20.89 -26.22
CA VAL D 149 8.11 -20.88 -26.85
C VAL D 149 8.45 -19.43 -27.15
N GLY D 150 9.24 -18.81 -26.28
CA GLY D 150 9.60 -17.42 -26.45
C GLY D 150 10.00 -16.95 -27.83
N ALA D 151 10.60 -17.83 -28.63
CA ALA D 151 11.03 -17.46 -29.97
C ALA D 151 9.93 -17.59 -31.03
N ALA D 152 8.73 -17.97 -30.59
CA ALA D 152 7.62 -18.16 -31.52
C ALA D 152 6.95 -16.87 -31.93
N CYS D 153 7.39 -15.73 -31.38
CA CYS D 153 6.79 -14.46 -31.76
C CYS D 153 7.05 -14.11 -33.22
N GLN D 154 5.95 -13.88 -33.94
CA GLN D 154 5.99 -13.52 -35.35
C GLN D 154 4.82 -12.56 -35.63
N PRO D 155 4.77 -11.98 -36.82
CA PRO D 155 3.66 -11.07 -37.14
C PRO D 155 2.36 -11.82 -36.97
N PHE D 156 1.31 -11.12 -36.57
CA PHE D 156 0.01 -11.73 -36.36
C PHE D 156 -0.44 -12.63 -37.52
N HIS D 157 -0.37 -12.12 -38.74
CA HIS D 157 -0.80 -12.87 -39.89
C HIS D 157 -0.02 -14.15 -40.14
N PHE D 158 1.11 -14.30 -39.46
CA PHE D 158 1.93 -15.49 -39.61
C PHE D 158 1.13 -16.68 -39.11
N TYR D 159 0.59 -16.56 -37.90
CA TYR D 159 -0.22 -17.63 -37.33
C TYR D 159 -1.68 -17.54 -37.80
N PHE D 160 -2.05 -16.42 -38.44
CA PHE D 160 -3.40 -16.20 -38.96
C PHE D 160 -3.32 -15.71 -40.41
N PRO D 161 -3.09 -16.65 -41.33
CA PRO D 161 -2.98 -16.39 -42.76
C PRO D 161 -4.13 -15.61 -43.34
N THR D 162 -5.35 -15.98 -42.98
CA THR D 162 -6.51 -15.30 -43.54
C THR D 162 -7.44 -14.80 -42.46
N PRO D 163 -8.35 -13.86 -42.79
CA PRO D 163 -9.31 -13.30 -41.83
C PRO D 163 -10.14 -14.42 -41.22
N THR D 164 -10.63 -15.33 -42.07
CA THR D 164 -11.44 -16.46 -41.62
C THR D 164 -10.67 -17.37 -40.66
N VAL D 165 -9.41 -17.67 -40.99
CA VAL D 165 -8.58 -18.48 -40.08
C VAL D 165 -8.38 -17.83 -38.69
N LEU D 166 -8.34 -16.50 -38.63
CA LEU D 166 -8.16 -15.80 -37.37
C LEU D 166 -9.40 -15.87 -36.48
N CYS D 167 -10.55 -15.48 -37.02
CA CYS D 167 -11.79 -15.48 -36.26
C CYS D 167 -12.31 -16.88 -35.89
N ASN D 168 -11.93 -17.88 -36.68
CA ASN D 168 -12.37 -19.24 -36.43
C ASN D 168 -11.43 -20.03 -35.51
N GLU D 169 -10.13 -19.77 -35.63
CA GLU D 169 -9.16 -20.50 -34.83
C GLU D 169 -8.82 -19.89 -33.48
N ILE D 170 -8.53 -18.60 -33.46
CA ILE D 170 -8.15 -17.90 -32.23
C ILE D 170 -8.83 -18.42 -30.94
N TRP D 171 -10.16 -18.48 -30.93
CA TRP D 171 -10.90 -18.95 -29.76
C TRP D 171 -11.52 -20.31 -30.04
N THR D 172 -10.70 -21.21 -30.56
CA THR D 172 -11.11 -22.57 -30.91
C THR D 172 -12.54 -22.74 -31.39
N HIS D 173 -12.85 -22.13 -32.53
CA HIS D 173 -14.15 -22.21 -33.16
C HIS D 173 -15.32 -21.54 -32.48
N SER D 174 -15.07 -20.59 -31.59
CA SER D 174 -16.17 -19.90 -30.93
C SER D 174 -16.94 -19.18 -32.03
N TYR D 175 -16.20 -18.80 -33.07
CA TYR D 175 -16.77 -18.12 -34.23
C TYR D 175 -16.66 -18.99 -35.47
N LYS D 176 -17.47 -18.65 -36.47
CA LYS D 176 -17.46 -19.31 -37.76
C LYS D 176 -17.91 -18.24 -38.75
N VAL D 177 -16.95 -17.43 -39.22
CA VAL D 177 -17.22 -16.33 -40.13
C VAL D 177 -18.27 -16.64 -41.19
N SER D 178 -19.26 -15.78 -41.31
CA SER D 178 -20.33 -15.95 -42.28
C SER D 178 -20.02 -15.14 -43.54
N ASN D 179 -20.51 -15.60 -44.69
CA ASN D 179 -20.28 -14.89 -45.93
C ASN D 179 -21.23 -13.70 -46.01
N TYR D 180 -22.20 -13.66 -45.10
CA TYR D 180 -23.15 -12.56 -45.05
C TYR D 180 -22.49 -11.29 -44.50
N SER D 181 -22.94 -10.14 -44.95
CA SER D 181 -22.34 -8.89 -44.51
C SER D 181 -23.16 -8.20 -43.42
N ARG D 182 -22.60 -7.13 -42.86
CA ARG D 182 -23.27 -6.37 -41.82
C ARG D 182 -24.61 -5.76 -42.31
N GLY D 183 -25.66 -5.95 -41.52
CA GLY D 183 -26.97 -5.44 -41.90
C GLY D 183 -27.83 -6.46 -42.60
N SER D 184 -27.26 -7.61 -42.95
CA SER D 184 -28.00 -8.65 -43.65
C SER D 184 -28.94 -9.38 -42.69
N GLY D 185 -28.74 -9.17 -41.39
CA GLY D 185 -29.55 -9.84 -40.40
C GLY D 185 -29.37 -11.35 -40.44
N ARG D 186 -28.22 -11.80 -40.92
CA ARG D 186 -27.93 -13.24 -41.00
C ARG D 186 -26.56 -13.56 -40.40
N CYS D 187 -26.01 -12.60 -39.65
CA CYS D 187 -24.71 -12.74 -39.00
C CYS D 187 -24.60 -11.77 -37.85
N ILE D 188 -23.87 -12.17 -36.81
CA ILE D 188 -23.71 -11.34 -35.61
C ILE D 188 -22.62 -10.32 -35.79
N GLN D 189 -22.87 -9.12 -35.29
CA GLN D 189 -21.88 -8.05 -35.42
C GLN D 189 -21.32 -7.78 -34.05
N MET D 190 -20.01 -7.86 -33.89
CA MET D 190 -19.44 -7.58 -32.57
C MET D 190 -19.18 -6.08 -32.48
N TRP D 191 -19.62 -5.36 -33.51
CA TRP D 191 -19.48 -3.92 -33.58
C TRP D 191 -20.77 -3.34 -34.14
N PHE D 192 -21.30 -2.33 -33.45
CA PHE D 192 -22.53 -1.68 -33.90
C PHE D 192 -22.79 -0.45 -33.05
N ASP D 193 -23.54 0.50 -33.61
CA ASP D 193 -23.87 1.73 -32.88
C ASP D 193 -25.21 1.58 -32.15
N PRO D 194 -25.18 1.68 -30.82
CA PRO D 194 -26.40 1.56 -30.01
C PRO D 194 -27.41 2.69 -30.28
N ALA D 195 -26.90 3.82 -30.76
CA ALA D 195 -27.76 4.97 -31.06
C ALA D 195 -28.66 4.66 -32.27
N GLN D 196 -28.53 3.45 -32.80
CA GLN D 196 -29.33 3.03 -33.94
C GLN D 196 -30.05 1.74 -33.62
N GLY D 197 -29.61 1.08 -32.55
CA GLY D 197 -30.24 -0.16 -32.15
C GLY D 197 -29.33 -1.37 -32.24
N ASN D 198 -29.72 -2.46 -31.59
CA ASN D 198 -28.94 -3.69 -31.61
C ASN D 198 -29.45 -4.58 -32.75
N PRO D 199 -28.57 -4.87 -33.74
CA PRO D 199 -28.92 -5.70 -34.89
C PRO D 199 -28.96 -7.20 -34.61
N ASN D 200 -28.25 -7.63 -33.57
CA ASN D 200 -28.18 -9.04 -33.23
C ASN D 200 -29.50 -9.61 -32.78
N GLU D 201 -30.37 -8.76 -32.22
CA GLU D 201 -31.68 -9.19 -31.75
C GLU D 201 -32.43 -9.89 -32.87
N GLU D 202 -32.56 -9.21 -34.00
CA GLU D 202 -33.23 -9.75 -35.17
C GLU D 202 -32.49 -10.98 -35.71
N VAL D 203 -31.17 -11.00 -35.55
CA VAL D 203 -30.35 -12.12 -36.03
C VAL D 203 -30.57 -13.38 -35.19
N ALA D 204 -30.63 -13.18 -33.88
CA ALA D 204 -30.86 -14.28 -32.95
C ALA D 204 -32.25 -14.88 -33.22
N ARG D 205 -33.24 -13.99 -33.41
CA ARG D 205 -34.62 -14.38 -33.72
C ARG D 205 -34.68 -15.30 -34.93
N PHE D 206 -34.04 -14.90 -36.01
CA PHE D 206 -34.01 -15.71 -37.23
C PHE D 206 -33.38 -17.09 -37.03
N TYR D 207 -32.13 -17.10 -36.57
CA TYR D 207 -31.39 -18.34 -36.39
C TYR D 207 -31.96 -19.27 -35.34
N ALA D 208 -32.86 -18.75 -34.51
CA ALA D 208 -33.47 -19.57 -33.47
C ALA D 208 -34.69 -20.32 -34.03
N ALA D 209 -35.45 -19.63 -34.88
CA ALA D 209 -36.65 -20.21 -35.48
C ALA D 209 -36.30 -21.36 -36.42
N ALA D 210 -35.16 -21.23 -37.10
CA ALA D 210 -34.72 -22.26 -38.05
C ALA D 210 -34.38 -23.57 -37.35
N MET D 211 -33.83 -23.45 -36.14
CA MET D 211 -33.45 -24.62 -35.37
C MET D 211 -34.66 -25.39 -34.87
N SER D 212 -35.68 -24.68 -34.43
CA SER D 212 -36.89 -25.31 -33.91
C SER D 212 -38.10 -24.39 -34.03
N GLY D 213 -39.12 -24.86 -34.75
CA GLY D 213 -40.32 -24.07 -34.94
C GLY D 213 -40.57 -23.72 -36.39
N ALA E 7 -0.77 -13.34 -5.75
CA ALA E 7 -1.17 -14.77 -5.70
C ALA E 7 -0.07 -15.66 -6.27
N ARG E 8 -0.18 -16.97 -6.04
CA ARG E 8 0.80 -17.94 -6.54
C ARG E 8 0.07 -19.04 -7.32
N THR E 9 0.78 -19.73 -8.21
CA THR E 9 0.17 -20.80 -9.00
C THR E 9 1.11 -21.97 -9.28
N GLU E 10 2.40 -21.69 -9.37
CA GLU E 10 3.37 -22.75 -9.60
C GLU E 10 3.58 -23.51 -8.30
N LEU E 11 3.03 -24.72 -8.22
CA LEU E 11 3.13 -25.56 -7.02
C LEU E 11 4.25 -26.60 -7.04
N LEU E 12 3.93 -27.78 -7.56
CA LEU E 12 4.88 -28.88 -7.64
C LEU E 12 6.32 -28.52 -8.00
N ASN E 13 7.27 -29.23 -7.38
CA ASN E 13 8.69 -29.04 -7.62
C ASN E 13 9.12 -27.57 -7.72
N VAL E 14 9.16 -26.88 -6.57
CA VAL E 14 9.56 -25.47 -6.52
C VAL E 14 10.22 -25.16 -5.19
N CYS E 15 10.69 -23.92 -5.03
CA CYS E 15 11.32 -23.49 -3.78
C CYS E 15 10.75 -22.16 -3.40
N MET E 16 10.26 -22.04 -2.16
CA MET E 16 9.69 -20.81 -1.67
C MET E 16 10.73 -19.70 -1.70
N ASN E 17 10.29 -18.46 -1.52
CA ASN E 17 11.22 -17.34 -1.51
C ASN E 17 11.51 -16.98 -0.06
N ALA E 18 12.50 -17.65 0.52
CA ALA E 18 12.89 -17.43 1.91
C ALA E 18 14.25 -16.77 2.04
N LYS E 19 14.93 -17.04 3.14
CA LYS E 19 16.22 -16.44 3.43
C LYS E 19 17.44 -17.24 2.95
N HIS E 20 17.25 -18.52 2.65
CA HIS E 20 18.38 -19.35 2.22
C HIS E 20 18.04 -20.33 1.09
N HIS E 21 16.85 -20.21 0.53
CA HIS E 21 16.42 -21.11 -0.54
C HIS E 21 17.00 -20.77 -1.90
N LYS E 22 17.27 -21.79 -2.71
CA LYS E 22 17.78 -21.56 -4.05
C LYS E 22 16.57 -21.10 -4.85
N GLU E 23 16.78 -20.78 -6.12
CA GLU E 23 15.67 -20.31 -6.93
C GLU E 23 14.79 -21.46 -7.40
N LYS E 24 15.39 -22.59 -7.71
CA LYS E 24 14.64 -23.75 -8.17
C LYS E 24 15.29 -25.07 -7.78
N PRO E 25 14.47 -26.13 -7.64
CA PRO E 25 14.89 -27.48 -7.27
C PRO E 25 16.09 -28.03 -8.04
N GLY E 26 17.28 -27.90 -7.47
CA GLY E 26 18.48 -28.41 -8.14
C GLY E 26 19.12 -29.56 -7.37
N PRO E 27 19.31 -30.71 -8.02
CA PRO E 27 19.93 -31.87 -7.38
C PRO E 27 21.30 -31.58 -6.76
N GLU E 28 21.37 -31.68 -5.45
CA GLU E 28 22.61 -31.44 -4.70
C GLU E 28 23.14 -32.78 -4.18
N ASP E 29 24.06 -33.37 -4.94
CA ASP E 29 24.64 -34.65 -4.61
C ASP E 29 25.68 -34.63 -3.48
N LYS E 30 25.65 -33.58 -2.66
CA LYS E 30 26.60 -33.49 -1.57
C LYS E 30 26.09 -32.73 -0.35
N LEU E 31 24.87 -33.03 0.09
CA LEU E 31 24.29 -32.37 1.24
C LEU E 31 24.91 -33.02 2.48
N HIS E 32 24.76 -32.38 3.64
CA HIS E 32 25.32 -32.91 4.88
C HIS E 32 24.61 -34.19 5.32
N GLU E 33 24.91 -34.68 6.51
CA GLU E 33 24.33 -35.92 6.99
C GLU E 33 22.81 -36.01 7.05
N GLN E 34 22.17 -35.33 7.98
CA GLN E 34 20.72 -35.42 8.10
C GLN E 34 19.93 -34.93 6.89
N CYS E 35 20.52 -34.05 6.09
CA CYS E 35 19.83 -33.53 4.91
C CYS E 35 19.99 -34.45 3.69
N ARG E 36 20.84 -35.48 3.81
CA ARG E 36 21.09 -36.43 2.73
C ARG E 36 19.88 -36.83 1.88
N PRO E 37 18.77 -37.24 2.52
CA PRO E 37 17.55 -37.65 1.81
C PRO E 37 17.09 -36.76 0.65
N TRP E 38 17.60 -35.52 0.61
CA TRP E 38 17.22 -34.57 -0.43
C TRP E 38 18.34 -34.30 -1.46
N ARG E 39 19.16 -35.32 -1.72
CA ARG E 39 20.23 -35.19 -2.70
C ARG E 39 19.72 -35.19 -4.14
N LYS E 40 18.74 -36.06 -4.42
CA LYS E 40 18.17 -36.15 -5.76
C LYS E 40 17.53 -34.85 -6.24
N ASN E 41 17.16 -33.98 -5.30
CA ASN E 41 16.52 -32.71 -5.63
C ASN E 41 16.28 -31.89 -4.37
N ALA E 42 17.05 -30.82 -4.21
CA ALA E 42 16.93 -29.96 -3.02
C ALA E 42 16.90 -28.46 -3.31
N CYS E 43 16.48 -27.69 -2.32
CA CYS E 43 16.43 -26.24 -2.45
C CYS E 43 17.51 -25.60 -1.58
N CYS E 44 18.33 -26.41 -0.92
CA CYS E 44 19.35 -25.90 -0.01
C CYS E 44 20.75 -26.17 -0.53
N SER E 45 21.67 -25.27 -0.18
CA SER E 45 23.04 -25.38 -0.63
C SER E 45 23.82 -26.28 0.31
N THR E 46 25.00 -26.73 -0.14
CA THR E 46 25.84 -27.59 0.69
C THR E 46 26.17 -26.88 1.99
N ASN E 47 26.24 -25.54 1.94
CA ASN E 47 26.55 -24.75 3.12
C ASN E 47 25.37 -24.72 4.07
N THR E 48 24.17 -24.58 3.52
CA THR E 48 22.96 -24.54 4.32
C THR E 48 22.75 -25.85 5.08
N SER E 49 23.07 -26.97 4.44
CA SER E 49 22.89 -28.27 5.06
C SER E 49 23.87 -28.51 6.20
N GLN E 50 25.03 -27.87 6.14
CA GLN E 50 26.03 -28.04 7.18
C GLN E 50 25.75 -27.15 8.40
N GLU E 51 25.20 -25.96 8.13
CA GLU E 51 24.87 -25.02 9.19
C GLU E 51 23.67 -25.51 10.01
N ALA E 52 22.76 -26.21 9.35
CA ALA E 52 21.59 -26.73 10.03
C ALA E 52 22.01 -27.62 11.18
N HIS E 53 23.22 -28.17 11.07
CA HIS E 53 23.72 -29.08 12.09
C HIS E 53 24.58 -28.38 13.13
N LYS E 54 24.57 -27.05 13.12
CA LYS E 54 25.37 -26.28 14.08
C LYS E 54 24.54 -25.46 15.06
N ASP E 55 25.16 -25.12 16.20
CA ASP E 55 24.49 -24.33 17.24
C ASP E 55 24.70 -22.87 16.94
N VAL E 56 23.64 -22.09 17.00
CA VAL E 56 23.74 -20.66 16.71
C VAL E 56 24.37 -20.52 15.32
N SER E 57 23.90 -21.34 14.40
CA SER E 57 24.39 -21.37 13.02
C SER E 57 24.28 -20.05 12.28
N TYR E 58 24.74 -20.07 11.03
CA TYR E 58 24.72 -18.90 10.16
C TYR E 58 23.32 -18.68 9.60
N LEU E 59 22.56 -19.75 9.43
CA LEU E 59 21.20 -19.69 8.89
C LEU E 59 20.32 -18.66 9.61
N TYR E 60 20.27 -18.73 10.93
CA TYR E 60 19.46 -17.79 11.67
C TYR E 60 20.09 -17.43 13.00
N ARG E 61 21.25 -18.02 13.27
CA ARG E 61 21.97 -17.76 14.52
C ARG E 61 21.08 -18.13 15.69
N PHE E 62 20.21 -19.13 15.47
CA PHE E 62 19.26 -19.57 16.50
C PHE E 62 19.94 -20.40 17.59
N ASN E 63 19.62 -20.09 18.84
CA ASN E 63 20.22 -20.78 19.97
C ASN E 63 19.35 -21.93 20.48
N TRP E 64 19.68 -23.14 20.05
CA TRP E 64 18.95 -24.33 20.46
C TRP E 64 19.04 -24.54 21.97
N ASN E 65 20.16 -24.12 22.56
CA ASN E 65 20.38 -24.28 23.99
C ASN E 65 20.05 -23.05 24.82
N HIS E 66 18.84 -22.50 24.62
CA HIS E 66 18.44 -21.30 25.35
C HIS E 66 18.11 -21.56 26.82
N CYS E 67 18.03 -22.83 27.18
CA CYS E 67 17.75 -23.23 28.55
C CYS E 67 18.66 -24.39 28.94
N GLY E 68 19.93 -24.29 28.56
CA GLY E 68 20.88 -25.34 28.88
C GLY E 68 21.08 -26.18 27.63
N GLU E 69 21.86 -27.25 27.74
CA GLU E 69 22.12 -28.10 26.60
C GLU E 69 20.87 -28.91 26.19
N MET E 70 20.46 -28.78 24.92
CA MET E 70 19.29 -29.52 24.44
C MET E 70 19.70 -30.96 24.12
N ALA E 71 18.96 -31.93 24.67
CA ALA E 71 19.25 -33.34 24.45
C ALA E 71 19.42 -33.64 22.96
N PRO E 72 20.47 -34.41 22.60
CA PRO E 72 20.75 -34.78 21.21
C PRO E 72 19.54 -35.41 20.53
N ALA E 73 18.77 -36.21 21.28
CA ALA E 73 17.60 -36.88 20.74
C ALA E 73 16.48 -35.90 20.45
N CYS E 74 16.64 -34.66 20.91
CA CYS E 74 15.65 -33.62 20.65
C CYS E 74 16.15 -32.69 19.54
N LYS E 75 17.42 -32.31 19.59
CA LYS E 75 17.99 -31.42 18.60
C LYS E 75 17.93 -32.01 17.20
N ARG E 76 18.17 -33.32 17.11
CA ARG E 76 18.14 -34.00 15.83
C ARG E 76 16.84 -33.72 15.10
N HIS E 77 15.75 -33.57 15.84
CA HIS E 77 14.47 -33.30 15.20
C HIS E 77 14.44 -31.89 14.67
N PHE E 78 14.97 -30.94 15.44
CA PHE E 78 15.01 -29.55 15.02
C PHE E 78 15.94 -29.38 13.82
N ILE E 79 16.91 -30.29 13.69
CA ILE E 79 17.85 -30.27 12.58
C ILE E 79 17.14 -30.81 11.35
N GLN E 80 16.46 -31.93 11.50
CA GLN E 80 15.73 -32.52 10.37
C GLN E 80 14.64 -31.55 9.97
N ASP E 81 14.08 -30.85 10.94
CA ASP E 81 13.04 -29.89 10.63
C ASP E 81 13.61 -28.86 9.68
N THR E 82 14.84 -28.44 9.94
CA THR E 82 15.50 -27.45 9.10
C THR E 82 15.80 -27.99 7.71
N CYS E 83 16.21 -29.25 7.62
CA CYS E 83 16.49 -29.87 6.33
C CYS E 83 15.24 -29.90 5.46
N LEU E 84 14.08 -30.09 6.06
CA LEU E 84 12.81 -30.11 5.31
C LEU E 84 12.44 -28.70 4.81
N TYR E 85 12.46 -27.74 5.72
CA TYR E 85 12.10 -26.38 5.38
C TYR E 85 13.11 -25.71 4.49
N GLU E 86 14.32 -26.25 4.42
CA GLU E 86 15.35 -25.63 3.61
C GLU E 86 15.63 -26.33 2.30
N CYS E 87 15.24 -27.59 2.16
CA CYS E 87 15.51 -28.32 0.92
C CYS E 87 14.30 -28.94 0.23
N SER E 88 13.29 -29.34 0.98
CA SER E 88 12.11 -29.95 0.38
C SER E 88 11.43 -29.12 -0.70
N PRO E 89 11.35 -29.66 -1.93
CA PRO E 89 10.73 -28.98 -3.07
C PRO E 89 9.28 -29.37 -3.22
N ASN E 90 8.74 -30.07 -2.22
CA ASN E 90 7.36 -30.53 -2.29
C ASN E 90 6.47 -29.78 -1.29
N LEU E 91 6.82 -28.54 -1.00
CA LEU E 91 6.05 -27.76 -0.05
C LEU E 91 5.22 -26.69 -0.74
N GLY E 92 5.28 -26.66 -2.06
CA GLY E 92 4.55 -25.66 -2.81
C GLY E 92 3.11 -25.39 -2.42
N PRO E 93 2.27 -26.44 -2.36
CA PRO E 93 0.86 -26.31 -1.99
C PRO E 93 0.56 -25.55 -0.68
N TRP E 94 1.61 -25.23 0.07
CA TRP E 94 1.45 -24.54 1.35
C TRP E 94 2.23 -23.25 1.42
N ILE E 95 3.03 -22.99 0.39
CA ILE E 95 3.81 -21.78 0.33
C ILE E 95 2.88 -20.57 0.18
N GLN E 96 2.98 -19.64 1.12
CA GLN E 96 2.15 -18.45 1.09
C GLN E 96 3.01 -17.20 1.23
N GLN E 97 2.46 -16.05 0.89
CA GLN E 97 3.19 -14.78 0.94
C GLN E 97 2.98 -14.07 2.26
N VAL E 98 4.07 -13.66 2.89
CA VAL E 98 4.01 -12.99 4.18
C VAL E 98 4.65 -11.62 4.13
N ASP E 99 5.68 -11.49 3.29
CA ASP E 99 6.37 -10.21 3.10
C ASP E 99 6.91 -9.61 4.39
N GLN E 100 7.82 -10.32 5.05
CA GLN E 100 8.39 -9.81 6.28
C GLN E 100 9.86 -9.51 6.15
N SER E 101 10.44 -9.00 7.23
CA SER E 101 11.86 -8.62 7.26
C SER E 101 12.87 -9.58 6.64
N TRP E 102 12.67 -10.89 6.80
CA TRP E 102 13.62 -11.85 6.26
C TRP E 102 13.10 -12.85 5.23
N ARG E 103 11.87 -12.65 4.77
CA ARG E 103 11.34 -13.56 3.76
C ARG E 103 10.03 -13.09 3.14
N LYS E 104 9.91 -13.33 1.83
CA LYS E 104 8.73 -12.95 1.07
C LYS E 104 7.67 -14.03 1.19
N GLU E 105 8.12 -15.28 1.23
CA GLU E 105 7.21 -16.40 1.37
C GLU E 105 7.58 -17.30 2.57
N ARG E 106 6.79 -18.35 2.77
CA ARG E 106 7.03 -19.31 3.84
C ARG E 106 5.91 -20.35 3.78
N VAL E 107 6.03 -21.42 4.53
CA VAL E 107 4.99 -22.45 4.52
C VAL E 107 4.03 -22.28 5.70
N LEU E 108 2.78 -22.70 5.50
CA LEU E 108 1.76 -22.62 6.55
C LEU E 108 0.80 -23.81 6.51
N ASN E 109 0.54 -24.40 7.67
CA ASN E 109 -0.34 -25.55 7.76
C ASN E 109 0.10 -26.78 6.96
N VAL E 110 1.40 -27.05 6.94
CA VAL E 110 1.92 -28.22 6.26
C VAL E 110 1.43 -29.45 7.03
N PRO E 111 0.65 -30.32 6.39
CA PRO E 111 0.10 -31.54 7.03
C PRO E 111 1.18 -32.53 7.44
N LEU E 112 1.83 -32.26 8.58
CA LEU E 112 2.90 -33.10 9.11
C LEU E 112 2.29 -34.40 9.57
N CYS E 113 2.88 -35.53 9.17
CA CYS E 113 2.35 -36.82 9.54
C CYS E 113 2.27 -37.05 11.04
N LYS E 114 1.13 -37.55 11.49
CA LYS E 114 0.89 -37.82 12.90
C LYS E 114 2.10 -38.38 13.65
N GLU E 115 2.67 -39.46 13.14
CA GLU E 115 3.84 -40.08 13.78
C GLU E 115 5.03 -39.16 13.91
N ASP E 116 5.32 -38.38 12.87
CA ASP E 116 6.46 -37.48 12.90
C ASP E 116 6.36 -36.43 14.00
N CYS E 117 5.15 -35.90 14.19
CA CYS E 117 4.94 -34.87 15.19
C CYS E 117 4.94 -35.45 16.60
N GLU E 118 4.38 -36.64 16.77
CA GLU E 118 4.36 -37.29 18.07
C GLU E 118 5.78 -37.63 18.53
N GLN E 119 6.60 -38.22 17.65
CA GLN E 119 7.98 -38.56 17.97
C GLN E 119 8.77 -37.34 18.35
N TRP E 120 8.64 -36.28 17.57
CA TRP E 120 9.35 -35.05 17.86
C TRP E 120 9.06 -34.63 19.32
N TRP E 121 7.77 -34.63 19.65
CA TRP E 121 7.29 -34.25 20.98
C TRP E 121 7.93 -35.15 22.03
N GLU E 122 7.79 -36.45 21.83
CA GLU E 122 8.33 -37.44 22.73
C GLU E 122 9.83 -37.27 23.02
N ASP E 123 10.63 -37.14 21.96
CA ASP E 123 12.07 -37.01 22.08
C ASP E 123 12.53 -35.72 22.76
N CYS E 124 11.64 -34.74 22.88
CA CYS E 124 12.03 -33.50 23.53
C CYS E 124 11.62 -33.36 25.00
N ARG E 125 10.89 -34.34 25.52
CA ARG E 125 10.43 -34.33 26.90
C ARG E 125 11.53 -33.95 27.91
N THR E 126 12.74 -34.47 27.71
CA THR E 126 13.85 -34.19 28.62
C THR E 126 14.50 -32.86 28.42
N SER E 127 14.17 -32.16 27.34
CA SER E 127 14.78 -30.86 27.10
C SER E 127 13.96 -29.71 27.69
N TYR E 128 14.55 -28.52 27.81
CA TYR E 128 13.86 -27.37 28.38
C TYR E 128 13.72 -26.20 27.40
N THR E 129 12.82 -25.29 27.71
CA THR E 129 12.61 -24.12 26.88
C THR E 129 11.89 -23.04 27.69
N CYS E 130 11.76 -21.84 27.13
CA CYS E 130 11.06 -20.75 27.81
C CYS E 130 9.98 -20.07 27.01
N LYS E 131 9.73 -20.56 25.80
CA LYS E 131 8.72 -19.97 24.94
C LYS E 131 7.95 -20.99 24.12
N SER E 132 6.70 -20.64 23.76
CA SER E 132 5.86 -21.51 22.95
C SER E 132 5.89 -21.02 21.51
N ASN E 133 6.21 -19.75 21.33
CA ASN E 133 6.32 -19.15 20.00
C ASN E 133 7.80 -18.85 19.76
N TRP E 134 8.50 -19.73 19.06
CA TRP E 134 9.93 -19.54 18.80
C TRP E 134 10.25 -18.60 17.63
N HIS E 135 9.25 -17.87 17.17
CA HIS E 135 9.44 -16.94 16.05
C HIS E 135 9.50 -15.48 16.50
N LYS E 136 8.83 -15.16 17.59
CA LYS E 136 8.79 -13.79 18.09
C LYS E 136 9.04 -13.72 19.59
N GLY E 137 9.70 -12.67 20.06
CA GLY E 137 9.93 -12.52 21.48
C GLY E 137 11.34 -12.60 22.03
N TRP E 138 12.19 -13.40 21.40
CA TRP E 138 13.56 -13.54 21.89
C TRP E 138 14.31 -12.22 22.06
N ASN E 139 15.42 -12.28 22.79
CA ASN E 139 16.29 -11.13 23.04
C ASN E 139 17.64 -11.45 22.36
N TRP E 140 17.84 -10.88 21.17
CA TRP E 140 19.06 -11.12 20.39
C TRP E 140 20.24 -10.21 20.72
N THR E 141 20.16 -9.50 21.85
CA THR E 141 21.21 -8.58 22.26
C THR E 141 22.59 -9.21 22.18
N SER E 142 22.69 -10.49 22.51
CA SER E 142 23.99 -11.16 22.49
C SER E 142 24.44 -11.60 21.11
N GLY E 143 23.54 -11.52 20.13
CA GLY E 143 23.90 -11.95 18.79
C GLY E 143 23.05 -13.15 18.41
N PHE E 144 22.57 -13.85 19.42
CA PHE E 144 21.70 -15.02 19.23
C PHE E 144 20.57 -14.90 20.24
N ASN E 145 19.47 -15.61 20.01
CA ASN E 145 18.31 -15.55 20.91
C ASN E 145 18.54 -16.09 22.32
N LYS E 146 18.10 -15.31 23.30
CA LYS E 146 18.19 -15.66 24.72
C LYS E 146 16.79 -15.42 25.26
N CYS E 147 16.42 -16.12 26.33
CA CYS E 147 15.07 -16.00 26.88
C CYS E 147 14.69 -14.58 27.21
N ALA E 148 13.43 -14.25 26.92
CA ALA E 148 12.88 -12.93 27.20
C ALA E 148 12.82 -12.73 28.71
N VAL E 149 12.50 -13.80 29.44
CA VAL E 149 12.41 -13.79 30.89
C VAL E 149 13.23 -14.96 31.42
N GLY E 150 14.44 -14.65 31.89
CA GLY E 150 15.36 -15.67 32.40
C GLY E 150 14.77 -16.79 33.21
N ALA E 151 13.93 -16.43 34.19
CA ALA E 151 13.31 -17.42 35.07
C ALA E 151 12.13 -18.17 34.43
N ALA E 152 12.03 -18.16 33.10
CA ALA E 152 10.90 -18.82 32.47
C ALA E 152 11.20 -20.21 31.97
N CYS E 153 12.43 -20.69 32.18
CA CYS E 153 12.79 -22.02 31.68
C CYS E 153 12.03 -23.10 32.43
N GLN E 154 11.29 -23.90 31.68
CA GLN E 154 10.50 -24.99 32.24
C GLN E 154 10.66 -26.19 31.31
N PRO E 155 10.17 -27.36 31.74
CA PRO E 155 10.29 -28.54 30.87
C PRO E 155 9.61 -28.28 29.52
N PHE E 156 10.09 -28.94 28.47
CA PHE E 156 9.53 -28.75 27.13
C PHE E 156 8.02 -28.89 27.04
N HIS E 157 7.47 -29.95 27.63
CA HIS E 157 6.03 -30.16 27.63
C HIS E 157 5.19 -29.16 28.47
N PHE E 158 5.87 -28.27 29.18
CA PHE E 158 5.16 -27.27 29.98
C PHE E 158 4.57 -26.23 29.03
N TYR E 159 5.37 -25.84 28.03
CA TYR E 159 4.96 -24.88 27.03
C TYR E 159 4.32 -25.56 25.82
N PHE E 160 4.53 -26.86 25.70
CA PHE E 160 3.95 -27.65 24.61
C PHE E 160 3.27 -28.88 25.20
N PRO E 161 2.09 -28.71 25.81
CA PRO E 161 1.32 -29.76 26.45
C PRO E 161 1.07 -31.04 25.62
N THR E 162 0.93 -30.86 24.32
CA THR E 162 0.67 -31.99 23.43
C THR E 162 1.48 -31.88 22.14
N PRO E 163 1.61 -32.99 21.43
CA PRO E 163 2.37 -32.97 20.17
C PRO E 163 1.78 -31.94 19.20
N THR E 164 0.46 -31.90 19.11
CA THR E 164 -0.18 -30.98 18.19
C THR E 164 0.15 -29.52 18.53
N VAL E 165 0.17 -29.21 19.81
CA VAL E 165 0.51 -27.86 20.22
C VAL E 165 1.96 -27.51 19.91
N LEU E 166 2.86 -28.50 19.98
CA LEU E 166 4.27 -28.28 19.69
C LEU E 166 4.46 -27.93 18.23
N CYS E 167 4.18 -28.89 17.34
CA CYS E 167 4.34 -28.71 15.89
C CYS E 167 3.59 -27.50 15.31
N ASN E 168 2.38 -27.25 15.78
CA ASN E 168 1.61 -26.14 15.27
C ASN E 168 2.01 -24.78 15.83
N GLU E 169 2.38 -24.72 17.11
CA GLU E 169 2.72 -23.45 17.73
C GLU E 169 4.16 -23.00 17.60
N ILE E 170 5.08 -23.93 17.78
CA ILE E 170 6.50 -23.60 17.79
C ILE E 170 6.96 -22.71 16.65
N TRP E 171 6.52 -23.03 15.43
CA TRP E 171 6.90 -22.24 14.26
C TRP E 171 5.70 -21.49 13.66
N THR E 172 4.99 -20.79 14.54
CA THR E 172 3.81 -20.00 14.19
C THR E 172 2.98 -20.59 13.05
N HIS E 173 2.53 -21.82 13.26
CA HIS E 173 1.69 -22.50 12.28
C HIS E 173 2.35 -22.94 10.99
N SER E 174 3.67 -23.04 10.96
CA SER E 174 4.33 -23.52 9.75
C SER E 174 3.82 -24.95 9.47
N TYR E 175 3.38 -25.64 10.52
CA TYR E 175 2.86 -26.99 10.39
C TYR E 175 1.42 -27.05 10.89
N LYS E 176 0.73 -28.10 10.49
CA LYS E 176 -0.63 -28.34 10.95
C LYS E 176 -0.79 -29.86 10.94
N VAL E 177 -0.34 -30.49 12.03
CA VAL E 177 -0.38 -31.94 12.16
C VAL E 177 -1.61 -32.54 11.51
N SER E 178 -1.38 -33.60 10.73
CA SER E 178 -2.47 -34.31 10.05
C SER E 178 -2.98 -35.47 10.89
N ASN E 179 -4.14 -36.00 10.54
CA ASN E 179 -4.68 -37.13 11.25
C ASN E 179 -4.16 -38.39 10.57
N TYR E 180 -3.75 -38.22 9.31
CA TYR E 180 -3.24 -39.33 8.51
C TYR E 180 -1.85 -39.71 8.98
N SER E 181 -1.59 -41.01 9.01
CA SER E 181 -0.30 -41.53 9.44
C SER E 181 0.72 -41.56 8.32
N ARG E 182 1.96 -41.86 8.67
CA ARG E 182 3.03 -41.94 7.67
C ARG E 182 2.70 -43.01 6.65
N GLY E 183 3.12 -42.78 5.42
CA GLY E 183 2.87 -43.72 4.34
C GLY E 183 1.43 -43.75 3.85
N SER E 184 0.66 -42.70 4.12
CA SER E 184 -0.75 -42.64 3.70
C SER E 184 -0.88 -41.69 2.52
N GLY E 185 0.23 -41.13 2.08
CA GLY E 185 0.19 -40.22 0.94
C GLY E 185 -0.72 -39.02 1.13
N ARG E 186 -1.09 -38.76 2.38
CA ARG E 186 -1.97 -37.64 2.71
C ARG E 186 -1.35 -36.70 3.75
N CYS E 187 -0.05 -36.86 4.02
CA CYS E 187 0.66 -36.02 4.99
C CYS E 187 2.15 -35.94 4.63
N ILE E 188 2.81 -34.90 5.11
CA ILE E 188 4.24 -34.72 4.85
C ILE E 188 5.12 -35.37 5.92
N GLN E 189 6.10 -36.15 5.48
CA GLN E 189 7.03 -36.84 6.39
C GLN E 189 8.32 -36.08 6.44
N MET E 190 8.71 -35.58 7.61
CA MET E 190 9.97 -34.87 7.67
C MET E 190 11.08 -35.88 7.93
N TRP E 191 10.70 -37.14 8.03
CA TRP E 191 11.65 -38.24 8.26
C TRP E 191 11.27 -39.37 7.33
N PHE E 192 12.18 -39.70 6.42
CA PHE E 192 11.94 -40.79 5.48
C PHE E 192 13.25 -41.35 4.93
N ASP E 193 13.18 -42.57 4.41
CA ASP E 193 14.36 -43.23 3.83
C ASP E 193 14.41 -43.02 2.32
N PRO E 194 15.46 -42.32 1.83
CA PRO E 194 15.62 -42.06 0.40
C PRO E 194 15.75 -43.35 -0.42
N ALA E 195 16.21 -44.43 0.23
CA ALA E 195 16.38 -45.72 -0.43
C ALA E 195 15.02 -46.28 -0.84
N GLN E 196 13.96 -45.67 -0.32
CA GLN E 196 12.62 -46.11 -0.66
C GLN E 196 11.95 -45.06 -1.54
N GLY E 197 12.50 -43.85 -1.50
CA GLY E 197 11.97 -42.75 -2.29
C GLY E 197 11.28 -41.67 -1.47
N ASN E 198 11.41 -40.42 -1.90
CA ASN E 198 10.78 -39.32 -1.19
C ASN E 198 9.28 -39.53 -1.27
N PRO E 199 8.61 -39.72 -0.12
CA PRO E 199 7.15 -39.94 -0.06
C PRO E 199 6.30 -38.69 -0.15
N ASN E 200 6.92 -37.52 -0.13
CA ASN E 200 6.19 -36.25 -0.20
C ASN E 200 5.75 -35.89 -1.62
N GLU E 201 6.46 -36.43 -2.61
CA GLU E 201 6.16 -36.15 -3.99
C GLU E 201 4.72 -36.49 -4.29
N GLU E 202 4.26 -37.65 -3.83
CA GLU E 202 2.88 -38.06 -4.08
C GLU E 202 1.90 -37.23 -3.25
N VAL E 203 2.38 -36.70 -2.13
CA VAL E 203 1.54 -35.90 -1.25
C VAL E 203 1.38 -34.49 -1.77
N ALA E 204 2.45 -33.94 -2.35
CA ALA E 204 2.41 -32.58 -2.89
C ALA E 204 1.53 -32.56 -4.12
N ARG E 205 1.54 -33.67 -4.86
CA ARG E 205 0.73 -33.82 -6.06
C ARG E 205 -0.75 -33.90 -5.70
N PHE E 206 -1.09 -34.76 -4.74
CA PHE E 206 -2.46 -34.92 -4.29
C PHE E 206 -3.08 -33.58 -3.86
N TYR E 207 -2.39 -32.88 -2.98
CA TYR E 207 -2.88 -31.60 -2.45
C TYR E 207 -2.85 -30.48 -3.47
N ALA E 208 -2.08 -30.66 -4.54
CA ALA E 208 -2.01 -29.63 -5.58
C ALA E 208 -3.27 -29.71 -6.43
N ALA E 209 -3.73 -30.93 -6.67
CA ALA E 209 -4.94 -31.15 -7.46
C ALA E 209 -6.18 -30.78 -6.64
N ALA E 210 -6.06 -30.84 -5.33
CA ALA E 210 -7.18 -30.50 -4.45
C ALA E 210 -7.45 -28.99 -4.49
N MET E 211 -6.46 -28.22 -4.90
CA MET E 211 -6.59 -26.77 -4.97
C MET E 211 -6.99 -26.33 -6.37
N SER E 212 -6.43 -27.00 -7.38
CA SER E 212 -6.71 -26.69 -8.78
C SER E 212 -6.51 -25.21 -9.08
N ARG F 8 -21.28 -18.18 19.05
CA ARG F 8 -21.21 -17.28 20.23
C ARG F 8 -19.83 -16.65 20.32
N THR F 9 -18.84 -17.30 19.72
CA THR F 9 -17.46 -16.82 19.75
C THR F 9 -17.14 -15.70 18.76
N GLU F 10 -17.64 -15.83 17.54
CA GLU F 10 -17.43 -14.83 16.49
C GLU F 10 -18.54 -13.77 16.53
N LEU F 11 -18.15 -12.50 16.38
CA LEU F 11 -19.11 -11.40 16.41
C LEU F 11 -19.07 -10.51 15.16
N LEU F 12 -17.94 -10.48 14.46
CA LEU F 12 -17.85 -9.65 13.27
C LEU F 12 -18.18 -10.38 11.98
N ASN F 13 -18.81 -9.68 11.04
CA ASN F 13 -19.19 -10.25 9.76
C ASN F 13 -19.90 -11.60 9.91
N VAL F 14 -21.01 -11.60 10.64
CA VAL F 14 -21.76 -12.83 10.86
C VAL F 14 -23.26 -12.61 10.64
N CYS F 15 -23.98 -13.71 10.45
CA CYS F 15 -25.43 -13.66 10.24
C CYS F 15 -26.15 -14.51 11.27
N MET F 16 -27.03 -13.88 12.05
CA MET F 16 -27.78 -14.59 13.07
C MET F 16 -28.51 -15.77 12.45
N ASN F 17 -28.90 -16.73 13.28
CA ASN F 17 -29.62 -17.89 12.80
C ASN F 17 -31.12 -17.62 12.93
N ALA F 18 -31.66 -16.93 11.93
CA ALA F 18 -33.08 -16.57 11.89
C ALA F 18 -33.86 -17.36 10.85
N LYS F 19 -35.04 -16.84 10.52
CA LYS F 19 -35.93 -17.49 9.57
C LYS F 19 -35.52 -17.36 8.11
N HIS F 20 -34.96 -16.21 7.72
CA HIS F 20 -34.57 -16.03 6.33
C HIS F 20 -33.11 -15.70 6.08
N HIS F 21 -32.31 -15.73 7.14
CA HIS F 21 -30.88 -15.42 6.99
C HIS F 21 -30.04 -16.54 6.39
N LYS F 22 -29.01 -16.16 5.65
CA LYS F 22 -28.08 -17.11 5.06
C LYS F 22 -27.22 -17.63 6.21
N GLU F 23 -26.26 -18.48 5.91
CA GLU F 23 -25.40 -19.00 6.97
C GLU F 23 -24.29 -18.00 7.29
N LYS F 24 -23.78 -17.36 6.25
CA LYS F 24 -22.72 -16.38 6.42
C LYS F 24 -22.86 -15.25 5.40
N PRO F 25 -22.26 -14.09 5.67
CA PRO F 25 -22.31 -12.93 4.77
C PRO F 25 -21.88 -13.27 3.37
N GLY F 26 -22.06 -12.32 2.44
CA GLY F 26 -21.67 -12.55 1.06
C GLY F 26 -22.31 -11.56 0.12
N PRO F 27 -21.60 -11.13 -0.93
CA PRO F 27 -22.14 -10.18 -1.90
C PRO F 27 -23.49 -10.57 -2.49
N GLU F 28 -24.33 -9.57 -2.74
CA GLU F 28 -25.65 -9.76 -3.30
C GLU F 28 -25.95 -8.56 -4.21
N ASP F 29 -25.22 -8.43 -5.30
CA ASP F 29 -25.38 -7.30 -6.21
C ASP F 29 -26.75 -7.19 -6.90
N LYS F 30 -27.76 -7.83 -6.31
CA LYS F 30 -29.09 -7.79 -6.88
C LYS F 30 -30.21 -7.61 -5.86
N LEU F 31 -29.87 -7.08 -4.69
CA LEU F 31 -30.87 -6.83 -3.66
C LEU F 31 -31.84 -5.80 -4.23
N HIS F 32 -33.04 -5.70 -3.67
CA HIS F 32 -34.02 -4.75 -4.19
C HIS F 32 -33.63 -3.29 -3.98
N GLU F 33 -34.57 -2.38 -4.10
CA GLU F 33 -34.28 -0.96 -3.96
C GLU F 33 -33.83 -0.49 -2.58
N GLN F 34 -34.74 -0.47 -1.61
CA GLN F 34 -34.38 -0.02 -0.27
C GLN F 34 -33.26 -0.81 0.42
N CYS F 35 -33.04 -2.06 0.01
CA CYS F 35 -31.98 -2.83 0.63
C CYS F 35 -30.64 -2.69 -0.13
N ARG F 36 -30.58 -1.80 -1.11
CA ARG F 36 -29.38 -1.57 -1.91
C ARG F 36 -28.10 -1.39 -1.12
N PRO F 37 -28.12 -0.55 -0.06
CA PRO F 37 -26.95 -0.29 0.77
C PRO F 37 -26.19 -1.52 1.28
N TRP F 38 -26.78 -2.70 1.13
CA TRP F 38 -26.14 -3.93 1.60
C TRP F 38 -25.71 -4.87 0.47
N ARG F 39 -25.44 -4.32 -0.71
CA ARG F 39 -25.04 -5.14 -1.85
C ARG F 39 -23.61 -5.68 -1.75
N LYS F 40 -22.70 -4.90 -1.17
CA LYS F 40 -21.32 -5.32 -1.03
C LYS F 40 -21.15 -6.57 -0.18
N ASN F 41 -22.08 -6.76 0.75
CA ASN F 41 -22.02 -7.91 1.64
C ASN F 41 -23.25 -7.94 2.53
N ALA F 42 -24.14 -8.89 2.28
CA ALA F 42 -25.37 -9.01 3.05
C ALA F 42 -25.67 -10.42 3.51
N CYS F 43 -26.69 -10.53 4.36
CA CYS F 43 -27.11 -11.80 4.90
C CYS F 43 -28.47 -12.18 4.33
N CYS F 44 -28.94 -11.41 3.35
CA CYS F 44 -30.25 -11.63 2.76
C CYS F 44 -30.14 -12.01 1.30
N SER F 45 -31.11 -12.80 0.84
CA SER F 45 -31.15 -13.24 -0.55
C SER F 45 -31.90 -12.22 -1.39
N THR F 46 -31.73 -12.29 -2.72
CA THR F 46 -32.41 -11.37 -3.62
C THR F 46 -33.92 -11.47 -3.42
N ASN F 47 -34.36 -12.63 -2.97
CA ASN F 47 -35.77 -12.85 -2.74
C ASN F 47 -36.23 -12.12 -1.49
N THR F 48 -35.55 -12.40 -0.37
CA THR F 48 -35.87 -11.79 0.92
C THR F 48 -36.00 -10.26 0.80
N SER F 49 -35.04 -9.64 0.13
CA SER F 49 -35.06 -8.20 -0.02
C SER F 49 -36.24 -7.75 -0.83
N GLN F 50 -36.58 -8.54 -1.86
CA GLN F 50 -37.71 -8.22 -2.72
C GLN F 50 -39.04 -8.23 -1.98
N GLU F 51 -39.21 -9.21 -1.10
CA GLU F 51 -40.42 -9.32 -0.31
C GLU F 51 -40.52 -8.21 0.74
N ALA F 52 -39.38 -7.67 1.16
CA ALA F 52 -39.32 -6.61 2.17
C ALA F 52 -40.23 -5.45 1.86
N HIS F 53 -40.25 -5.02 0.60
CA HIS F 53 -41.08 -3.89 0.20
C HIS F 53 -42.54 -4.24 -0.10
N LYS F 54 -42.95 -5.47 0.20
CA LYS F 54 -44.32 -5.92 -0.09
C LYS F 54 -45.21 -5.93 1.12
N ASP F 55 -46.51 -5.77 0.87
CA ASP F 55 -47.52 -5.80 1.92
C ASP F 55 -47.88 -7.26 2.18
N VAL F 56 -47.84 -7.66 3.44
CA VAL F 56 -48.15 -9.05 3.79
C VAL F 56 -47.22 -9.95 2.95
N SER F 57 -45.94 -9.58 2.97
CA SER F 57 -44.93 -10.32 2.22
C SER F 57 -44.74 -11.77 2.65
N TYR F 58 -43.96 -12.49 1.86
CA TYR F 58 -43.66 -13.89 2.10
C TYR F 58 -42.83 -14.06 3.34
N LEU F 59 -42.03 -13.04 3.67
CA LEU F 59 -41.16 -13.08 4.85
C LEU F 59 -41.88 -13.49 6.12
N TYR F 60 -42.82 -12.67 6.58
CA TYR F 60 -43.54 -13.02 7.79
C TYR F 60 -45.04 -12.89 7.62
N ARG F 61 -45.48 -12.52 6.42
CA ARG F 61 -46.89 -12.35 6.12
C ARG F 61 -47.46 -11.24 7.02
N PHE F 62 -46.61 -10.27 7.37
CA PHE F 62 -47.00 -9.15 8.24
C PHE F 62 -47.81 -8.10 7.49
N ASN F 63 -48.82 -7.56 8.15
CA ASN F 63 -49.70 -6.55 7.57
C ASN F 63 -49.48 -5.18 8.20
N TRP F 64 -48.78 -4.31 7.47
CA TRP F 64 -48.48 -2.97 7.95
C TRP F 64 -49.74 -2.15 8.04
N ASN F 65 -50.77 -2.59 7.34
CA ASN F 65 -52.04 -1.86 7.31
C ASN F 65 -53.11 -2.42 8.21
N HIS F 66 -52.82 -2.61 9.49
CA HIS F 66 -53.81 -3.14 10.42
C HIS F 66 -54.87 -2.13 10.83
N CYS F 67 -54.47 -0.87 10.92
CA CYS F 67 -55.39 0.19 11.27
C CYS F 67 -55.43 1.16 10.11
N GLY F 68 -55.96 0.69 8.99
CA GLY F 68 -56.04 1.54 7.82
C GLY F 68 -54.81 1.40 6.96
N GLU F 69 -54.66 2.30 5.99
CA GLU F 69 -53.53 2.28 5.08
C GLU F 69 -52.38 3.09 5.65
N MET F 70 -51.31 2.42 6.08
CA MET F 70 -50.14 3.11 6.63
C MET F 70 -49.51 4.07 5.63
N ALA F 71 -49.22 5.27 6.08
CA ALA F 71 -48.64 6.27 5.20
C ALA F 71 -47.30 5.81 4.68
N PRO F 72 -47.01 6.07 3.40
CA PRO F 72 -45.74 5.64 2.82
C PRO F 72 -44.54 6.18 3.60
N ALA F 73 -44.65 7.40 4.11
CA ALA F 73 -43.56 8.04 4.84
C ALA F 73 -43.20 7.26 6.09
N CYS F 74 -44.17 6.50 6.60
CA CYS F 74 -43.96 5.67 7.78
C CYS F 74 -43.50 4.27 7.37
N LYS F 75 -44.23 3.68 6.44
CA LYS F 75 -43.93 2.34 5.96
C LYS F 75 -42.49 2.20 5.50
N ARG F 76 -41.97 3.21 4.81
CA ARG F 76 -40.61 3.17 4.31
C ARG F 76 -39.59 2.90 5.41
N HIS F 77 -39.99 3.14 6.65
CA HIS F 77 -39.10 2.90 7.79
C HIS F 77 -39.11 1.42 8.14
N PHE F 78 -40.31 0.83 8.20
CA PHE F 78 -40.45 -0.58 8.52
C PHE F 78 -39.75 -1.44 7.47
N ILE F 79 -39.64 -0.91 6.25
CA ILE F 79 -38.97 -1.62 5.17
C ILE F 79 -37.47 -1.57 5.44
N GLN F 80 -36.95 -0.36 5.68
CA GLN F 80 -35.52 -0.20 5.98
C GLN F 80 -35.16 -1.03 7.19
N ASP F 81 -36.01 -1.01 8.21
CA ASP F 81 -35.75 -1.81 9.41
C ASP F 81 -35.61 -3.26 8.98
N THR F 82 -36.52 -3.70 8.13
CA THR F 82 -36.51 -5.06 7.63
C THR F 82 -35.21 -5.33 6.88
N CYS F 83 -34.75 -4.38 6.08
CA CYS F 83 -33.48 -4.57 5.35
C CYS F 83 -32.32 -4.74 6.34
N LEU F 84 -32.23 -3.89 7.35
CA LEU F 84 -31.17 -3.95 8.34
C LEU F 84 -31.18 -5.28 9.08
N TYR F 85 -32.34 -5.66 9.61
CA TYR F 85 -32.46 -6.92 10.33
C TYR F 85 -32.25 -8.16 9.46
N GLU F 86 -32.53 -8.05 8.17
CA GLU F 86 -32.39 -9.20 7.28
C GLU F 86 -31.10 -9.24 6.47
N CYS F 87 -30.38 -8.12 6.38
CA CYS F 87 -29.14 -8.11 5.60
C CYS F 87 -27.86 -7.71 6.34
N SER F 88 -28.00 -6.83 7.34
CA SER F 88 -26.83 -6.38 8.09
C SER F 88 -25.95 -7.49 8.66
N PRO F 89 -24.68 -7.52 8.25
CA PRO F 89 -23.72 -8.52 8.72
C PRO F 89 -22.91 -7.95 9.88
N ASN F 90 -23.42 -6.88 10.48
CA ASN F 90 -22.71 -6.21 11.55
C ASN F 90 -23.52 -6.11 12.84
N LEU F 91 -24.42 -7.05 13.06
CA LEU F 91 -25.22 -7.02 14.27
C LEU F 91 -24.76 -8.06 15.30
N GLY F 92 -23.69 -8.78 14.95
CA GLY F 92 -23.17 -9.83 15.80
C GLY F 92 -23.18 -9.57 17.29
N PRO F 93 -22.55 -8.47 17.74
CA PRO F 93 -22.49 -8.12 19.16
C PRO F 93 -23.84 -8.13 19.88
N TRP F 94 -24.94 -8.03 19.14
CA TRP F 94 -26.25 -7.99 19.77
C TRP F 94 -27.06 -9.25 19.59
N ILE F 95 -26.50 -10.20 18.88
CA ILE F 95 -27.17 -11.47 18.65
C ILE F 95 -27.27 -12.24 19.97
N GLN F 96 -28.36 -13.00 20.12
CA GLN F 96 -28.58 -13.81 21.32
C GLN F 96 -29.45 -15.00 21.01
N GLN F 97 -29.24 -16.08 21.75
CA GLN F 97 -30.01 -17.29 21.55
C GLN F 97 -31.40 -17.18 22.19
N VAL F 98 -32.43 -17.33 21.38
CA VAL F 98 -33.80 -17.23 21.86
C VAL F 98 -34.51 -18.57 21.75
N ASP F 99 -34.29 -19.27 20.64
CA ASP F 99 -34.89 -20.57 20.43
C ASP F 99 -36.42 -20.61 20.37
N GLN F 100 -37.03 -19.66 19.66
CA GLN F 100 -38.48 -19.63 19.53
C GLN F 100 -38.80 -20.20 18.14
N SER F 101 -39.91 -20.93 18.03
CA SER F 101 -40.25 -21.59 16.78
C SER F 101 -39.68 -21.07 15.46
N TRP F 102 -39.82 -19.78 15.14
CA TRP F 102 -39.33 -19.28 13.86
C TRP F 102 -37.88 -18.80 13.80
N ARG F 103 -37.13 -18.85 14.90
CA ARG F 103 -35.74 -18.41 14.87
C ARG F 103 -34.94 -18.85 16.09
N LYS F 104 -33.73 -19.32 15.84
CA LYS F 104 -32.86 -19.79 16.92
C LYS F 104 -32.28 -18.58 17.63
N GLU F 105 -31.81 -17.63 16.83
CA GLU F 105 -31.22 -16.41 17.36
C GLU F 105 -31.99 -15.17 16.90
N ARG F 106 -31.64 -14.02 17.49
CA ARG F 106 -32.23 -12.74 17.16
C ARG F 106 -31.39 -11.67 17.83
N VAL F 107 -31.52 -10.42 17.39
CA VAL F 107 -30.75 -9.34 17.96
C VAL F 107 -31.51 -8.66 19.10
N LEU F 108 -30.77 -8.19 20.11
CA LEU F 108 -31.36 -7.52 21.26
C LEU F 108 -30.61 -6.24 21.64
N ASN F 109 -31.37 -5.27 22.10
CA ASN F 109 -30.83 -4.00 22.52
C ASN F 109 -29.80 -3.41 21.57
N VAL F 110 -30.13 -3.34 20.28
CA VAL F 110 -29.22 -2.74 19.32
C VAL F 110 -29.25 -1.22 19.48
N PRO F 111 -28.07 -0.58 19.64
CA PRO F 111 -27.96 0.87 19.80
C PRO F 111 -28.32 1.65 18.55
N LEU F 112 -29.61 1.74 18.27
CA LEU F 112 -30.10 2.47 17.10
C LEU F 112 -29.82 3.95 17.34
N CYS F 113 -29.24 4.61 16.34
CA CYS F 113 -28.90 6.03 16.46
C CYS F 113 -30.12 6.89 16.73
N LYS F 114 -29.91 7.90 17.55
CA LYS F 114 -30.96 8.83 17.97
C LYS F 114 -31.79 9.37 16.80
N GLU F 115 -31.11 9.94 15.80
CA GLU F 115 -31.81 10.52 14.66
C GLU F 115 -32.72 9.52 13.97
N ASP F 116 -32.18 8.35 13.64
CA ASP F 116 -32.95 7.32 12.96
C ASP F 116 -34.24 7.00 13.71
N CYS F 117 -34.13 6.82 15.02
CA CYS F 117 -35.29 6.48 15.84
C CYS F 117 -36.28 7.65 15.87
N GLU F 118 -35.76 8.87 15.95
CA GLU F 118 -36.62 10.05 15.98
C GLU F 118 -37.41 10.20 14.68
N GLN F 119 -36.73 10.21 13.55
CA GLN F 119 -37.41 10.32 12.25
C GLN F 119 -38.44 9.23 12.03
N TRP F 120 -38.09 7.99 12.36
CA TRP F 120 -39.01 6.90 12.23
C TRP F 120 -40.26 7.22 13.06
N TRP F 121 -40.06 7.85 14.21
CA TRP F 121 -41.18 8.22 15.09
C TRP F 121 -42.00 9.36 14.49
N GLU F 122 -41.32 10.35 13.95
CA GLU F 122 -41.95 11.50 13.36
C GLU F 122 -42.77 11.16 12.11
N ASP F 123 -42.18 10.42 11.18
CA ASP F 123 -42.89 10.07 9.96
C ASP F 123 -44.10 9.16 10.16
N CYS F 124 -44.25 8.60 11.36
CA CYS F 124 -45.40 7.73 11.60
C CYS F 124 -46.51 8.43 12.37
N ARG F 125 -46.38 9.74 12.51
CA ARG F 125 -47.36 10.52 13.24
C ARG F 125 -48.78 10.37 12.65
N THR F 126 -48.86 10.52 11.34
CA THR F 126 -50.13 10.45 10.62
C THR F 126 -50.71 9.07 10.54
N SER F 127 -49.89 8.05 10.79
CA SER F 127 -50.37 6.68 10.74
C SER F 127 -51.14 6.26 11.99
N TYR F 128 -51.69 5.04 11.94
CA TYR F 128 -52.47 4.48 13.05
C TYR F 128 -52.06 3.05 13.41
N THR F 129 -52.45 2.59 14.60
CA THR F 129 -52.11 1.25 15.04
C THR F 129 -52.91 0.89 16.29
N CYS F 130 -52.93 -0.39 16.65
CA CYS F 130 -53.68 -0.84 17.81
C CYS F 130 -52.78 -1.53 18.82
N LYS F 131 -51.47 -1.53 18.60
CA LYS F 131 -50.55 -2.23 19.50
C LYS F 131 -49.21 -1.56 19.66
N SER F 132 -48.54 -1.86 20.77
CA SER F 132 -47.21 -1.32 21.05
C SER F 132 -46.18 -2.47 20.98
N ASN F 133 -46.69 -3.69 21.03
CA ASN F 133 -45.86 -4.90 20.90
C ASN F 133 -46.31 -5.62 19.62
N TRP F 134 -45.59 -5.39 18.52
CA TRP F 134 -45.92 -5.99 17.24
C TRP F 134 -45.34 -7.40 17.06
N HIS F 135 -44.71 -7.93 18.11
CA HIS F 135 -44.12 -9.27 18.06
C HIS F 135 -45.08 -10.36 18.55
N LYS F 136 -45.99 -10.00 19.44
CA LYS F 136 -46.96 -10.96 19.97
C LYS F 136 -48.32 -10.33 20.23
N GLY F 137 -49.38 -11.07 19.95
CA GLY F 137 -50.69 -10.55 20.23
C GLY F 137 -51.65 -10.48 19.08
N TRP F 138 -51.14 -10.44 17.86
CA TRP F 138 -52.01 -10.35 16.70
C TRP F 138 -52.91 -11.57 16.48
N ASN F 139 -53.95 -11.37 15.68
CA ASN F 139 -54.87 -12.45 15.34
C ASN F 139 -54.50 -12.86 13.92
N TRP F 140 -53.86 -14.03 13.78
CA TRP F 140 -53.45 -14.52 12.45
C TRP F 140 -54.42 -15.48 11.77
N THR F 141 -55.71 -15.32 12.02
CA THR F 141 -56.72 -16.18 11.42
C THR F 141 -56.79 -16.08 9.90
N SER F 142 -56.98 -14.87 9.39
CA SER F 142 -57.12 -14.65 7.95
C SER F 142 -55.90 -14.98 7.11
N GLY F 143 -54.80 -15.33 7.76
CA GLY F 143 -53.60 -15.66 7.01
C GLY F 143 -52.50 -14.68 7.33
N PHE F 144 -52.92 -13.46 7.69
CA PHE F 144 -52.04 -12.37 8.09
C PHE F 144 -52.58 -11.77 9.39
N ASN F 145 -51.82 -10.88 10.01
CA ASN F 145 -52.22 -10.27 11.27
C ASN F 145 -53.28 -9.18 11.17
N LYS F 146 -54.19 -9.19 12.15
CA LYS F 146 -55.28 -8.22 12.25
C LYS F 146 -55.37 -7.84 13.72
N CYS F 147 -55.92 -6.66 14.00
CA CYS F 147 -56.00 -6.23 15.40
C CYS F 147 -56.73 -7.23 16.28
N ALA F 148 -56.28 -7.31 17.53
CA ALA F 148 -56.90 -8.19 18.51
C ALA F 148 -58.21 -7.56 18.94
N VAL F 149 -58.21 -6.23 19.07
CA VAL F 149 -59.40 -5.47 19.44
C VAL F 149 -59.70 -4.42 18.35
N GLY F 150 -60.72 -4.68 17.54
CA GLY F 150 -61.10 -3.78 16.45
C GLY F 150 -61.21 -2.30 16.78
N ALA F 151 -61.57 -1.97 18.02
CA ALA F 151 -61.71 -0.58 18.42
C ALA F 151 -60.41 0.03 18.97
N ALA F 152 -59.35 -0.77 19.02
CA ALA F 152 -58.10 -0.30 19.56
C ALA F 152 -57.34 0.67 18.66
N CYS F 153 -57.86 0.95 17.47
CA CYS F 153 -57.15 1.87 16.58
C CYS F 153 -57.13 3.26 17.13
N GLN F 154 -55.94 3.83 17.20
CA GLN F 154 -55.74 5.20 17.69
C GLN F 154 -54.54 5.74 16.95
N PRO F 155 -54.24 7.04 17.13
CA PRO F 155 -53.07 7.58 16.42
C PRO F 155 -51.78 6.85 16.82
N PHE F 156 -50.85 6.74 15.90
CA PHE F 156 -49.59 6.05 16.13
C PHE F 156 -48.91 6.51 17.41
N HIS F 157 -48.98 7.82 17.69
CA HIS F 157 -48.32 8.32 18.89
C HIS F 157 -49.08 8.06 20.18
N PHE F 158 -50.25 7.44 20.04
CA PHE F 158 -51.05 7.11 21.20
C PHE F 158 -50.37 5.93 21.88
N TYR F 159 -49.88 4.99 21.07
CA TYR F 159 -49.21 3.80 21.56
C TYR F 159 -47.69 4.01 21.63
N PHE F 160 -47.21 5.09 21.03
CA PHE F 160 -45.78 5.37 21.04
C PHE F 160 -45.56 6.85 21.34
N PRO F 161 -45.79 7.26 22.59
CA PRO F 161 -45.65 8.62 23.09
C PRO F 161 -44.34 9.29 22.73
N THR F 162 -43.25 8.52 22.67
CA THR F 162 -41.97 9.13 22.35
C THR F 162 -41.19 8.25 21.40
N PRO F 163 -40.18 8.81 20.75
CA PRO F 163 -39.36 8.03 19.81
C PRO F 163 -38.74 6.80 20.47
N THR F 164 -38.25 6.96 21.70
CA THR F 164 -37.63 5.86 22.44
C THR F 164 -38.60 4.70 22.67
N VAL F 165 -39.85 5.00 23.01
CA VAL F 165 -40.84 3.94 23.24
C VAL F 165 -41.21 3.22 21.94
N LEU F 166 -41.01 3.87 20.80
CA LEU F 166 -41.31 3.26 19.52
C LEU F 166 -40.25 2.21 19.19
N CYS F 167 -39.01 2.66 19.08
CA CYS F 167 -37.90 1.78 18.75
C CYS F 167 -37.56 0.74 19.81
N ASN F 168 -37.86 1.03 21.07
CA ASN F 168 -37.55 0.11 22.14
C ASN F 168 -38.73 -0.77 22.51
N GLU F 169 -39.83 -0.69 21.77
CA GLU F 169 -40.99 -1.48 22.14
C GLU F 169 -41.68 -2.20 21.00
N ILE F 170 -41.67 -1.60 19.82
CA ILE F 170 -42.38 -2.18 18.68
C ILE F 170 -41.95 -3.61 18.34
N TRP F 171 -40.64 -3.85 18.35
CA TRP F 171 -40.10 -5.18 18.06
C TRP F 171 -39.46 -5.73 19.34
N THR F 172 -40.25 -5.71 20.41
CA THR F 172 -39.84 -6.17 21.74
C THR F 172 -38.35 -6.08 22.05
N HIS F 173 -37.89 -4.88 22.34
CA HIS F 173 -36.50 -4.66 22.71
C HIS F 173 -35.45 -5.08 21.73
N SER F 174 -35.82 -5.26 20.47
CA SER F 174 -34.83 -5.63 19.46
C SER F 174 -33.84 -4.45 19.35
N TYR F 175 -34.34 -3.27 19.65
CA TYR F 175 -33.55 -2.05 19.61
C TYR F 175 -33.46 -1.47 21.01
N LYS F 176 -32.46 -0.60 21.22
CA LYS F 176 -32.27 0.10 22.49
C LYS F 176 -31.74 1.47 22.08
N VAL F 177 -32.64 2.38 21.73
CA VAL F 177 -32.27 3.71 21.28
C VAL F 177 -31.14 4.32 22.09
N SER F 178 -30.03 4.66 21.43
CA SER F 178 -28.89 5.24 22.13
C SER F 178 -29.02 6.74 22.11
N ASN F 179 -28.45 7.41 23.09
CA ASN F 179 -28.51 8.86 23.16
C ASN F 179 -27.40 9.41 22.25
N TYR F 180 -26.59 8.51 21.70
CA TYR F 180 -25.52 8.87 20.77
C TYR F 180 -26.15 9.26 19.44
N SER F 181 -25.46 10.10 18.67
CA SER F 181 -25.97 10.55 17.38
C SER F 181 -25.25 9.89 16.22
N ARG F 182 -25.83 10.02 15.03
CA ARG F 182 -25.24 9.45 13.82
C ARG F 182 -23.85 10.02 13.60
N GLY F 183 -22.93 9.19 13.11
CA GLY F 183 -21.57 9.64 12.86
C GLY F 183 -20.64 9.52 14.06
N SER F 184 -21.22 9.23 15.22
CA SER F 184 -20.44 9.06 16.45
C SER F 184 -19.70 7.73 16.41
N GLY F 185 -20.13 6.83 15.55
CA GLY F 185 -19.49 5.54 15.47
C GLY F 185 -19.73 4.72 16.72
N ARG F 186 -20.81 5.00 17.43
CA ARG F 186 -21.15 4.27 18.64
C ARG F 186 -22.63 3.91 18.67
N CYS F 187 -23.25 3.92 17.49
CA CYS F 187 -24.66 3.59 17.36
C CYS F 187 -24.92 3.01 15.96
N ILE F 188 -25.84 2.04 15.87
CA ILE F 188 -26.18 1.43 14.58
C ILE F 188 -27.14 2.32 13.80
N GLN F 189 -26.86 2.49 12.51
CA GLN F 189 -27.71 3.30 11.65
C GLN F 189 -28.50 2.37 10.72
N MET F 190 -29.83 2.57 10.65
CA MET F 190 -30.61 1.74 9.75
C MET F 190 -30.73 2.49 8.42
N TRP F 191 -30.35 3.75 8.43
CA TRP F 191 -30.38 4.55 7.22
C TRP F 191 -28.97 5.09 6.99
N PHE F 192 -28.39 4.80 5.83
CA PHE F 192 -27.05 5.31 5.55
C PHE F 192 -26.74 5.26 4.06
N ASP F 193 -25.86 6.15 3.63
CA ASP F 193 -25.46 6.22 2.22
C ASP F 193 -24.29 5.26 2.00
N PRO F 194 -24.53 4.14 1.28
CA PRO F 194 -23.48 3.17 1.01
C PRO F 194 -22.32 3.76 0.23
N ALA F 195 -22.59 4.84 -0.52
CA ALA F 195 -21.56 5.51 -1.31
C ALA F 195 -20.51 6.18 -0.44
N GLN F 196 -20.64 6.02 0.87
CA GLN F 196 -19.71 6.60 1.82
C GLN F 196 -19.26 5.54 2.84
N GLY F 197 -19.43 4.27 2.46
CA GLY F 197 -19.05 3.15 3.33
C GLY F 197 -20.08 2.88 4.41
N ASN F 198 -20.15 1.63 4.87
CA ASN F 198 -21.09 1.25 5.92
C ASN F 198 -20.50 1.68 7.28
N PRO F 199 -21.19 2.58 7.98
CA PRO F 199 -20.74 3.07 9.29
C PRO F 199 -20.92 2.09 10.42
N ASN F 200 -21.70 1.04 10.18
CA ASN F 200 -21.96 0.04 11.20
C ASN F 200 -20.82 -0.94 11.41
N GLU F 201 -20.03 -1.20 10.36
CA GLU F 201 -18.90 -2.13 10.47
C GLU F 201 -18.03 -1.68 11.61
N GLU F 202 -17.77 -0.37 11.66
CA GLU F 202 -16.96 0.23 12.72
C GLU F 202 -17.66 0.05 14.08
N VAL F 203 -18.94 0.41 14.13
CA VAL F 203 -19.71 0.31 15.36
C VAL F 203 -19.74 -1.12 15.89
N ALA F 204 -19.81 -2.07 14.97
CA ALA F 204 -19.84 -3.47 15.34
C ALA F 204 -18.53 -3.83 15.99
N ARG F 205 -17.44 -3.43 15.36
CA ARG F 205 -16.10 -3.70 15.86
C ARG F 205 -15.95 -3.18 17.31
N PHE F 206 -16.33 -1.93 17.52
CA PHE F 206 -16.26 -1.31 18.84
C PHE F 206 -16.95 -2.18 19.90
N TYR F 207 -18.27 -2.25 19.82
CA TYR F 207 -19.08 -3.02 20.76
C TYR F 207 -18.68 -4.50 20.88
N ALA F 208 -18.01 -5.03 19.86
CA ALA F 208 -17.58 -6.42 19.88
C ALA F 208 -16.45 -6.59 20.87
N ALA F 209 -15.45 -5.71 20.80
CA ALA F 209 -14.31 -5.74 21.70
C ALA F 209 -14.74 -5.38 23.13
N ALA F 210 -15.73 -4.52 23.24
CA ALA F 210 -16.23 -4.11 24.53
C ALA F 210 -16.76 -5.31 25.33
N MET F 211 -17.63 -6.10 24.72
CA MET F 211 -18.18 -7.26 25.41
C MET F 211 -17.26 -8.48 25.37
N SER F 212 -16.21 -8.38 24.56
CA SER F 212 -15.23 -9.46 24.45
C SER F 212 -14.12 -9.15 25.44
N GLY F 213 -14.20 -7.96 26.02
CA GLY F 213 -13.20 -7.54 26.98
C GLY F 213 -11.89 -7.19 26.31
N THR F 214 -11.63 -7.78 25.15
CA THR F 214 -10.40 -7.54 24.40
C THR F 214 -10.03 -6.06 24.25
N LEU F 215 -10.86 -5.29 23.55
CA LEU F 215 -10.58 -3.87 23.33
C LEU F 215 -9.22 -3.66 22.68
N ARG G 8 -47.47 23.98 -42.89
CA ARG G 8 -48.41 22.84 -42.67
C ARG G 8 -49.70 23.04 -43.48
N THR G 9 -50.02 24.29 -43.78
CA THR G 9 -51.20 24.64 -44.57
C THR G 9 -50.83 24.97 -46.02
N GLU G 10 -49.61 25.47 -46.20
CA GLU G 10 -49.09 25.84 -47.51
C GLU G 10 -47.77 25.11 -47.76
N LEU G 11 -47.84 23.81 -48.02
CA LEU G 11 -46.66 22.98 -48.25
C LEU G 11 -45.69 23.53 -49.30
N LEU G 12 -46.13 24.51 -50.08
CA LEU G 12 -45.28 25.09 -51.12
C LEU G 12 -44.67 26.44 -50.76
N ASN G 13 -43.43 26.65 -51.20
CA ASN G 13 -42.70 27.89 -50.97
C ASN G 13 -42.68 28.29 -49.49
N VAL G 14 -42.16 27.41 -48.65
CA VAL G 14 -42.09 27.67 -47.22
C VAL G 14 -40.76 27.25 -46.60
N CYS G 15 -40.48 27.76 -45.41
CA CYS G 15 -39.26 27.44 -44.71
C CYS G 15 -39.56 26.88 -43.33
N MET G 16 -39.19 25.62 -43.13
CA MET G 16 -39.40 24.94 -41.85
C MET G 16 -38.91 25.83 -40.72
N ASN G 17 -39.55 25.71 -39.56
CA ASN G 17 -39.16 26.49 -38.41
C ASN G 17 -37.98 25.80 -37.72
N ALA G 18 -36.77 26.13 -38.16
CA ALA G 18 -35.58 25.53 -37.58
C ALA G 18 -34.61 26.58 -37.06
N LYS G 19 -33.53 26.09 -36.46
CA LYS G 19 -32.49 26.91 -35.86
C LYS G 19 -32.06 28.14 -36.68
N HIS G 20 -31.22 27.93 -37.69
CA HIS G 20 -30.68 29.03 -38.50
C HIS G 20 -31.53 29.48 -39.70
N HIS G 21 -32.65 28.80 -39.95
CA HIS G 21 -33.48 29.14 -41.10
C HIS G 21 -33.97 30.58 -41.11
N LYS G 22 -34.85 30.87 -42.06
CA LYS G 22 -35.49 32.17 -42.18
C LYS G 22 -36.99 31.95 -42.03
N GLU G 23 -37.78 32.98 -42.27
CA GLU G 23 -39.22 32.88 -42.13
C GLU G 23 -39.87 32.38 -43.40
N LYS G 24 -39.66 33.12 -44.48
CA LYS G 24 -40.22 32.76 -45.77
C LYS G 24 -39.14 32.77 -46.87
N PRO G 25 -39.37 32.02 -47.96
CA PRO G 25 -38.43 31.94 -49.07
C PRO G 25 -38.12 33.31 -49.65
N GLY G 26 -36.82 33.64 -49.70
CA GLY G 26 -36.43 34.92 -50.23
C GLY G 26 -35.12 34.88 -50.99
N PRO G 27 -34.97 35.72 -52.04
CA PRO G 27 -33.76 35.78 -52.87
C PRO G 27 -32.47 36.04 -52.07
N GLU G 28 -31.40 35.36 -52.48
CA GLU G 28 -30.09 35.48 -51.85
C GLU G 28 -29.04 35.46 -52.97
N ASP G 29 -28.66 36.64 -53.45
CA ASP G 29 -27.70 36.73 -54.54
C ASP G 29 -26.26 36.59 -54.07
N LYS G 30 -26.04 36.31 -52.80
CA LYS G 30 -24.67 36.18 -52.33
C LYS G 30 -24.39 34.86 -51.60
N LEU G 31 -25.17 33.82 -51.88
CA LEU G 31 -24.96 32.52 -51.25
C LEU G 31 -23.58 32.03 -51.63
N HIS G 32 -22.93 31.30 -50.71
CA HIS G 32 -21.59 30.80 -50.96
C HIS G 32 -21.54 29.88 -52.16
N GLU G 33 -20.47 29.10 -52.33
CA GLU G 33 -20.35 28.23 -53.50
C GLU G 33 -21.35 27.10 -53.67
N GLN G 34 -21.13 25.97 -53.02
CA GLN G 34 -22.05 24.86 -53.15
C GLN G 34 -23.52 25.22 -52.97
N CYS G 35 -23.79 26.27 -52.20
CA CYS G 35 -25.17 26.71 -51.98
C CYS G 35 -25.66 27.65 -53.08
N ARG G 36 -24.83 27.87 -54.08
CA ARG G 36 -25.19 28.74 -55.20
C ARG G 36 -26.52 28.38 -55.89
N PRO G 37 -26.81 27.09 -56.09
CA PRO G 37 -28.04 26.65 -56.76
C PRO G 37 -29.33 27.30 -56.27
N TRP G 38 -29.32 27.84 -55.05
CA TRP G 38 -30.51 28.47 -54.50
C TRP G 38 -30.43 30.01 -54.42
N ARG G 39 -29.72 30.62 -55.37
CA ARG G 39 -29.57 32.07 -55.38
C ARG G 39 -30.84 32.83 -55.75
N LYS G 40 -31.78 32.17 -56.40
CA LYS G 40 -33.02 32.85 -56.81
C LYS G 40 -34.12 32.77 -55.78
N ASN G 41 -34.01 31.84 -54.84
CA ASN G 41 -35.03 31.67 -53.81
C ASN G 41 -34.51 30.65 -52.79
N ALA G 42 -34.18 31.15 -51.60
CA ALA G 42 -33.66 30.28 -50.54
C ALA G 42 -34.16 30.62 -49.15
N CYS G 43 -34.04 29.65 -48.25
CA CYS G 43 -34.46 29.81 -46.85
C CYS G 43 -33.24 30.13 -46.00
N CYS G 44 -32.06 30.08 -46.60
CA CYS G 44 -30.84 30.34 -45.88
C CYS G 44 -30.32 31.74 -46.16
N SER G 45 -29.45 32.21 -45.28
CA SER G 45 -28.85 33.54 -45.41
C SER G 45 -27.42 33.41 -45.93
N THR G 46 -26.81 34.54 -46.26
CA THR G 46 -25.44 34.53 -46.76
C THR G 46 -24.53 33.95 -45.70
N ASN G 47 -24.71 34.36 -44.45
CA ASN G 47 -23.89 33.87 -43.36
C ASN G 47 -24.08 32.35 -43.18
N THR G 48 -25.29 31.86 -43.40
CA THR G 48 -25.59 30.44 -43.26
C THR G 48 -24.94 29.61 -44.37
N SER G 49 -24.95 30.13 -45.59
CA SER G 49 -24.36 29.43 -46.72
C SER G 49 -22.85 29.39 -46.62
N GLN G 50 -22.26 30.35 -45.92
CA GLN G 50 -20.81 30.39 -45.78
C GLN G 50 -20.32 29.45 -44.69
N GLU G 51 -21.11 29.30 -43.64
CA GLU G 51 -20.74 28.42 -42.53
C GLU G 51 -20.82 26.93 -42.93
N ALA G 52 -21.72 26.63 -43.87
CA ALA G 52 -21.92 25.28 -44.34
C ALA G 52 -20.62 24.67 -44.87
N HIS G 53 -19.78 25.49 -45.50
CA HIS G 53 -18.53 24.99 -46.04
C HIS G 53 -17.39 24.97 -45.03
N LYS G 54 -17.72 25.22 -43.77
CA LYS G 54 -16.69 25.27 -42.73
C LYS G 54 -16.76 24.10 -41.75
N ASP G 55 -15.60 23.77 -41.19
CA ASP G 55 -15.47 22.68 -40.21
C ASP G 55 -15.81 23.23 -38.83
N VAL G 56 -16.63 22.48 -38.09
CA VAL G 56 -17.04 22.91 -36.75
C VAL G 56 -17.59 24.33 -36.87
N SER G 57 -18.42 24.53 -37.89
CA SER G 57 -19.01 25.83 -38.19
C SER G 57 -19.89 26.40 -37.09
N TYR G 58 -20.44 27.58 -37.37
CA TYR G 58 -21.31 28.31 -36.48
C TYR G 58 -22.65 27.55 -36.34
N LEU G 59 -23.12 27.00 -37.46
CA LEU G 59 -24.37 26.25 -37.50
C LEU G 59 -24.17 24.87 -36.88
N TYR G 60 -24.81 24.62 -35.73
CA TYR G 60 -24.70 23.32 -35.07
C TYR G 60 -23.28 22.99 -34.59
N ARG G 61 -22.29 23.63 -35.18
CA ARG G 61 -20.89 23.41 -34.81
C ARG G 61 -20.53 21.93 -34.91
N PHE G 62 -20.85 21.34 -36.06
CA PHE G 62 -20.59 19.93 -36.30
C PHE G 62 -19.16 19.66 -36.76
N ASN G 63 -18.66 18.47 -36.45
CA ASN G 63 -17.30 18.08 -36.83
C ASN G 63 -17.32 16.81 -37.69
N TRP G 64 -17.02 16.97 -38.98
CA TRP G 64 -17.00 15.84 -39.91
C TRP G 64 -15.75 15.00 -39.70
N ASN G 65 -14.71 15.60 -39.14
CA ASN G 65 -13.46 14.87 -38.93
C ASN G 65 -13.32 14.21 -37.56
N HIS G 66 -14.38 13.53 -37.09
CA HIS G 66 -14.33 12.85 -35.80
C HIS G 66 -13.42 11.62 -35.84
N CYS G 67 -13.28 11.03 -37.02
CA CYS G 67 -12.43 9.87 -37.21
C CYS G 67 -11.39 10.16 -38.26
N GLY G 68 -10.62 11.22 -38.04
CA GLY G 68 -9.61 11.59 -39.02
C GLY G 68 -10.18 12.57 -40.02
N GLU G 69 -9.35 13.02 -40.95
CA GLU G 69 -9.81 13.95 -41.97
C GLU G 69 -10.68 13.28 -43.02
N MET G 70 -11.94 13.72 -43.09
CA MET G 70 -12.90 13.20 -44.05
C MET G 70 -12.49 13.59 -45.47
N ALA G 71 -12.47 12.61 -46.38
CA ALA G 71 -12.09 12.85 -47.76
C ALA G 71 -12.98 13.91 -48.36
N PRO G 72 -12.39 14.84 -49.11
CA PRO G 72 -13.10 15.93 -49.76
C PRO G 72 -14.30 15.48 -50.59
N ALA G 73 -14.12 14.42 -51.37
CA ALA G 73 -15.20 13.92 -52.19
C ALA G 73 -16.41 13.50 -51.37
N CYS G 74 -16.19 13.27 -50.07
CA CYS G 74 -17.28 12.88 -49.18
C CYS G 74 -17.86 14.09 -48.46
N LYS G 75 -17.00 14.96 -47.94
CA LYS G 75 -17.46 16.15 -47.24
C LYS G 75 -18.27 17.06 -48.16
N ARG G 76 -18.05 16.95 -49.45
CA ARG G 76 -18.76 17.81 -50.40
C ARG G 76 -20.23 17.46 -50.41
N HIS G 77 -20.57 16.22 -50.06
CA HIS G 77 -21.96 15.77 -50.04
C HIS G 77 -22.64 16.30 -48.79
N PHE G 78 -21.92 16.25 -47.67
CA PHE G 78 -22.50 16.74 -46.44
C PHE G 78 -22.70 18.26 -46.51
N ILE G 79 -21.90 18.93 -47.31
CA ILE G 79 -22.06 20.36 -47.47
C ILE G 79 -23.31 20.60 -48.32
N GLN G 80 -23.47 19.82 -49.39
CA GLN G 80 -24.62 19.97 -50.28
C GLN G 80 -25.86 19.65 -49.51
N ASP G 81 -25.82 18.55 -48.76
CA ASP G 81 -26.95 18.14 -47.93
C ASP G 81 -27.35 19.30 -47.03
N THR G 82 -26.34 20.00 -46.52
CA THR G 82 -26.54 21.16 -45.65
C THR G 82 -27.15 22.34 -46.43
N CYS G 83 -26.72 22.56 -47.68
CA CYS G 83 -27.32 23.65 -48.45
C CYS G 83 -28.79 23.38 -48.73
N LEU G 84 -29.14 22.12 -49.00
CA LEU G 84 -30.52 21.74 -49.29
C LEU G 84 -31.40 21.93 -48.05
N TYR G 85 -30.99 21.30 -46.97
CA TYR G 85 -31.72 21.38 -45.72
C TYR G 85 -31.87 22.81 -45.22
N GLU G 86 -30.87 23.65 -45.45
CA GLU G 86 -30.90 25.05 -45.00
C GLU G 86 -31.43 26.07 -45.99
N CYS G 87 -31.55 25.70 -47.26
CA CYS G 87 -32.01 26.66 -48.27
C CYS G 87 -33.23 26.25 -49.10
N SER G 88 -33.38 24.95 -49.37
CA SER G 88 -34.50 24.49 -50.20
C SER G 88 -35.87 24.94 -49.74
N PRO G 89 -36.57 25.72 -50.58
CA PRO G 89 -37.91 26.21 -50.23
C PRO G 89 -38.96 25.23 -50.74
N ASN G 90 -38.53 24.00 -51.03
CA ASN G 90 -39.43 23.01 -51.58
C ASN G 90 -39.39 21.71 -50.80
N LEU G 91 -39.47 21.81 -49.48
CA LEU G 91 -39.43 20.62 -48.64
C LEU G 91 -40.67 20.51 -47.72
N GLY G 92 -41.59 21.45 -47.88
CA GLY G 92 -42.81 21.47 -47.08
C GLY G 92 -43.49 20.12 -46.90
N PRO G 93 -43.78 19.38 -48.00
CA PRO G 93 -44.45 18.07 -47.98
C PRO G 93 -43.87 17.06 -46.99
N TRP G 94 -42.71 17.38 -46.41
CA TRP G 94 -42.08 16.47 -45.46
C TRP G 94 -41.70 17.17 -44.16
N ILE G 95 -42.26 18.37 -43.94
CA ILE G 95 -42.01 19.13 -42.72
C ILE G 95 -42.97 18.71 -41.61
N GLN G 96 -42.46 18.62 -40.40
CA GLN G 96 -43.26 18.20 -39.25
C GLN G 96 -42.70 18.87 -37.99
N GLN G 97 -43.54 18.98 -36.97
CA GLN G 97 -43.13 19.62 -35.73
C GLN G 97 -42.56 18.57 -34.77
N VAL G 98 -41.35 18.81 -34.28
CA VAL G 98 -40.70 17.88 -33.37
C VAL G 98 -40.55 18.46 -31.96
N ASP G 99 -40.53 19.79 -31.87
CA ASP G 99 -40.41 20.48 -30.60
C ASP G 99 -39.19 20.06 -29.78
N GLN G 100 -38.00 20.45 -30.23
CA GLN G 100 -36.78 20.12 -29.51
C GLN G 100 -35.87 21.33 -29.33
N SER G 101 -35.06 21.27 -28.29
CA SER G 101 -34.13 22.33 -27.91
C SER G 101 -33.73 23.33 -29.01
N TRP G 102 -33.25 22.80 -30.15
CA TRP G 102 -32.78 23.60 -31.27
C TRP G 102 -33.73 23.84 -32.44
N ARG G 103 -34.82 23.09 -32.52
CA ARG G 103 -35.75 23.28 -33.61
C ARG G 103 -37.18 22.78 -33.33
N LYS G 104 -38.16 23.58 -33.72
CA LYS G 104 -39.58 23.23 -33.54
C LYS G 104 -40.03 22.27 -34.63
N GLU G 105 -39.40 22.40 -35.81
CA GLU G 105 -39.72 21.55 -36.96
C GLU G 105 -38.47 21.01 -37.67
N ARG G 106 -38.69 20.10 -38.61
CA ARG G 106 -37.62 19.50 -39.38
C ARG G 106 -38.27 18.73 -40.54
N VAL G 107 -37.48 18.01 -41.31
CA VAL G 107 -38.02 17.25 -42.43
C VAL G 107 -37.84 15.75 -42.20
N LEU G 108 -38.76 14.97 -42.77
CA LEU G 108 -38.71 13.52 -42.64
C LEU G 108 -39.12 12.80 -43.91
N ASN G 109 -38.47 11.65 -44.15
CA ASN G 109 -38.73 10.80 -45.31
C ASN G 109 -38.63 11.49 -46.65
N VAL G 110 -37.79 12.52 -46.75
CA VAL G 110 -37.63 13.24 -48.00
C VAL G 110 -37.19 12.22 -49.03
N PRO G 111 -37.91 12.14 -50.16
CA PRO G 111 -37.62 11.19 -51.25
C PRO G 111 -36.37 11.55 -52.06
N LEU G 112 -35.20 11.43 -51.42
CA LEU G 112 -33.95 11.74 -52.08
C LEU G 112 -33.82 10.80 -53.26
N CYS G 113 -33.47 11.32 -54.43
CA CYS G 113 -33.31 10.48 -55.61
C CYS G 113 -32.26 9.37 -55.43
N LYS G 114 -32.50 8.24 -56.10
CA LYS G 114 -31.63 7.08 -56.01
C LYS G 114 -30.15 7.39 -56.25
N GLU G 115 -29.85 8.09 -57.35
CA GLU G 115 -28.49 8.44 -57.71
C GLU G 115 -27.79 9.28 -56.63
N ASP G 116 -28.44 10.34 -56.18
CA ASP G 116 -27.87 11.20 -55.17
C ASP G 116 -27.41 10.41 -53.95
N CYS G 117 -28.13 9.33 -53.65
CA CYS G 117 -27.80 8.52 -52.49
C CYS G 117 -26.62 7.57 -52.79
N GLU G 118 -26.66 6.88 -53.93
CA GLU G 118 -25.57 5.96 -54.27
C GLU G 118 -24.25 6.70 -54.46
N GLN G 119 -24.30 7.86 -55.11
CA GLN G 119 -23.10 8.67 -55.34
C GLN G 119 -22.55 9.13 -54.00
N TRP G 120 -23.43 9.65 -53.16
CA TRP G 120 -23.03 10.09 -51.83
C TRP G 120 -22.33 8.91 -51.14
N TRP G 121 -23.05 7.80 -51.00
CA TRP G 121 -22.51 6.60 -50.37
C TRP G 121 -21.18 6.20 -50.97
N GLU G 122 -21.12 6.24 -52.29
CA GLU G 122 -19.92 5.84 -52.99
C GLU G 122 -18.69 6.70 -52.65
N ASP G 123 -18.86 8.01 -52.68
CA ASP G 123 -17.75 8.91 -52.43
C ASP G 123 -17.25 8.94 -50.98
N CYS G 124 -17.97 8.26 -50.09
CA CYS G 124 -17.56 8.23 -48.69
C CYS G 124 -16.86 6.95 -48.27
N ARG G 125 -16.59 6.07 -49.23
CA ARG G 125 -15.94 4.82 -48.94
C ARG G 125 -14.60 5.01 -48.24
N THR G 126 -13.76 5.89 -48.78
CA THR G 126 -12.43 6.15 -48.24
C THR G 126 -12.40 6.84 -46.88
N SER G 127 -13.54 7.32 -46.41
CA SER G 127 -13.58 7.99 -45.11
C SER G 127 -13.85 7.01 -43.97
N TYR G 128 -14.01 7.56 -42.76
CA TYR G 128 -14.26 6.77 -41.56
C TYR G 128 -15.34 7.40 -40.66
N THR G 129 -15.74 6.66 -39.63
CA THR G 129 -16.73 7.17 -38.69
C THR G 129 -16.92 6.16 -37.55
N CYS G 130 -17.58 6.59 -36.49
CA CYS G 130 -17.78 5.74 -35.31
C CYS G 130 -19.25 5.58 -35.00
N LYS G 131 -20.10 6.23 -35.78
CA LYS G 131 -21.54 6.14 -35.57
C LYS G 131 -22.36 6.07 -36.85
N SER G 132 -23.55 5.48 -36.75
CA SER G 132 -24.47 5.36 -37.89
C SER G 132 -25.60 6.39 -37.70
N ASN G 133 -25.70 6.89 -36.48
CA ASN G 133 -26.69 7.91 -36.15
C ASN G 133 -25.93 9.16 -35.77
N TRP G 134 -26.04 10.20 -36.60
CA TRP G 134 -25.34 11.45 -36.37
C TRP G 134 -26.17 12.54 -35.70
N HIS G 135 -27.37 12.18 -35.26
CA HIS G 135 -28.24 13.15 -34.59
C HIS G 135 -28.20 13.07 -33.07
N LYS G 136 -27.93 11.87 -32.54
CA LYS G 136 -27.86 11.67 -31.10
C LYS G 136 -26.66 10.80 -30.72
N GLY G 137 -26.12 11.01 -29.52
CA GLY G 137 -25.03 10.17 -29.08
C GLY G 137 -23.62 10.74 -29.08
N TRP G 138 -23.47 11.98 -29.51
CA TRP G 138 -22.14 12.57 -29.54
C TRP G 138 -21.71 13.18 -28.19
N ASN G 139 -20.40 13.22 -27.98
CA ASN G 139 -19.82 13.79 -26.78
C ASN G 139 -19.34 15.21 -27.10
N TRP G 140 -20.18 16.19 -26.78
CA TRP G 140 -19.86 17.59 -27.05
C TRP G 140 -19.06 18.31 -25.97
N THR G 141 -18.31 17.56 -25.17
CA THR G 141 -17.52 18.16 -24.11
C THR G 141 -16.54 19.23 -24.59
N SER G 142 -15.77 18.90 -25.63
CA SER G 142 -14.77 19.81 -26.18
C SER G 142 -15.34 21.03 -26.90
N GLY G 143 -16.66 21.07 -27.07
CA GLY G 143 -17.25 22.19 -27.78
C GLY G 143 -17.84 21.73 -29.11
N PHE G 144 -17.33 20.61 -29.61
CA PHE G 144 -17.81 20.01 -30.85
C PHE G 144 -17.91 18.50 -30.65
N ASN G 145 -18.69 17.84 -31.50
CA ASN G 145 -18.90 16.39 -31.41
C ASN G 145 -17.67 15.51 -31.58
N LYS G 146 -17.51 14.57 -30.65
CA LYS G 146 -16.40 13.62 -30.66
C LYS G 146 -17.01 12.24 -30.46
N CYS G 147 -16.27 11.19 -30.82
CA CYS G 147 -16.78 9.83 -30.68
C CYS G 147 -17.06 9.43 -29.25
N ALA G 148 -18.22 8.80 -29.05
CA ALA G 148 -18.63 8.36 -27.73
C ALA G 148 -17.73 7.20 -27.31
N VAL G 149 -17.20 6.51 -28.32
CA VAL G 149 -16.30 5.38 -28.14
C VAL G 149 -15.12 5.52 -29.12
N GLY G 150 -14.07 6.18 -28.65
CA GLY G 150 -12.89 6.44 -29.47
C GLY G 150 -12.43 5.31 -30.37
N ALA G 151 -12.45 4.08 -29.87
CA ALA G 151 -11.99 2.92 -30.66
C ALA G 151 -12.98 2.43 -31.71
N ALA G 152 -14.09 3.14 -31.86
CA ALA G 152 -15.10 2.75 -32.83
C ALA G 152 -14.83 3.30 -34.23
N CYS G 153 -13.68 3.91 -34.43
CA CYS G 153 -13.38 4.46 -35.76
C CYS G 153 -13.08 3.38 -36.78
N GLN G 154 -14.06 3.08 -37.61
CA GLN G 154 -13.91 2.05 -38.65
C GLN G 154 -14.25 2.66 -40.01
N PRO G 155 -13.99 1.92 -41.10
CA PRO G 155 -14.30 2.44 -42.44
C PRO G 155 -15.77 2.90 -42.51
N PHE G 156 -16.01 3.98 -43.25
CA PHE G 156 -17.35 4.55 -43.38
C PHE G 156 -18.41 3.51 -43.76
N HIS G 157 -18.07 2.62 -44.67
CA HIS G 157 -19.02 1.60 -45.10
C HIS G 157 -19.21 0.48 -44.07
N PHE G 158 -18.45 0.56 -42.98
CA PHE G 158 -18.57 -0.44 -41.92
C PHE G 158 -19.86 -0.16 -41.14
N TYR G 159 -20.15 1.11 -40.90
CA TYR G 159 -21.33 1.52 -40.17
C TYR G 159 -22.47 1.78 -41.15
N PHE G 160 -22.12 1.84 -42.44
CA PHE G 160 -23.09 2.08 -43.50
C PHE G 160 -22.85 1.07 -44.60
N PRO G 161 -23.33 -0.16 -44.40
CA PRO G 161 -23.21 -1.27 -45.33
C PRO G 161 -23.70 -0.98 -46.74
N THR G 162 -24.84 -0.29 -46.86
CA THR G 162 -25.38 0.02 -48.18
C THR G 162 -25.82 1.46 -48.28
N PRO G 163 -26.00 1.97 -49.51
CA PRO G 163 -26.43 3.35 -49.73
C PRO G 163 -27.72 3.69 -48.98
N THR G 164 -28.63 2.73 -48.93
CA THR G 164 -29.91 2.94 -48.26
C THR G 164 -29.72 3.22 -46.77
N VAL G 165 -28.84 2.46 -46.13
CA VAL G 165 -28.55 2.62 -44.71
C VAL G 165 -28.05 4.05 -44.44
N LEU G 166 -27.15 4.52 -45.28
CA LEU G 166 -26.58 5.85 -45.14
C LEU G 166 -27.58 6.99 -45.21
N CYS G 167 -28.09 7.27 -46.40
CA CYS G 167 -29.03 8.37 -46.59
C CYS G 167 -30.25 8.34 -45.71
N ASN G 168 -30.50 7.21 -45.08
CA ASN G 168 -31.67 7.08 -44.24
C ASN G 168 -31.38 7.16 -42.73
N GLU G 169 -30.38 6.43 -42.28
CA GLU G 169 -30.02 6.39 -40.85
C GLU G 169 -29.10 7.50 -40.37
N ILE G 170 -28.35 8.12 -41.29
CA ILE G 170 -27.41 9.17 -40.90
C ILE G 170 -28.09 10.38 -40.27
N TRP G 171 -29.20 10.81 -40.85
CA TRP G 171 -29.90 11.96 -40.29
C TRP G 171 -31.26 11.56 -39.76
N THR G 172 -31.30 10.42 -39.07
CA THR G 172 -32.52 9.89 -38.45
C THR G 172 -33.78 9.98 -39.31
N HIS G 173 -33.74 9.36 -40.49
CA HIS G 173 -34.88 9.33 -41.39
C HIS G 173 -35.32 10.66 -41.98
N SER G 174 -34.42 11.62 -42.08
CA SER G 174 -34.77 12.90 -42.71
C SER G 174 -34.98 12.59 -44.19
N TYR G 175 -34.24 11.60 -44.68
CA TYR G 175 -34.31 11.15 -46.07
C TYR G 175 -34.86 9.73 -46.14
N LYS G 176 -35.47 9.41 -47.29
CA LYS G 176 -36.04 8.10 -47.56
C LYS G 176 -35.76 7.83 -49.04
N VAL G 177 -34.62 7.21 -49.26
CA VAL G 177 -34.16 6.90 -50.60
C VAL G 177 -35.30 6.42 -51.50
N SER G 178 -35.64 7.23 -52.49
CA SER G 178 -36.71 6.89 -53.43
C SER G 178 -36.16 5.93 -54.47
N ASN G 179 -37.04 5.09 -55.05
CA ASN G 179 -36.62 4.16 -56.07
C ASN G 179 -36.51 4.88 -57.40
N TYR G 180 -37.17 6.04 -57.50
CA TYR G 180 -37.15 6.84 -58.72
C TYR G 180 -35.76 7.44 -58.95
N SER G 181 -35.41 7.65 -60.21
CA SER G 181 -34.10 8.18 -60.56
C SER G 181 -34.19 9.67 -60.80
N ARG G 182 -33.03 10.33 -60.86
CA ARG G 182 -32.97 11.76 -61.10
C ARG G 182 -33.74 12.15 -62.36
N GLY G 183 -34.46 13.26 -62.30
CA GLY G 183 -35.21 13.71 -63.46
C GLY G 183 -36.54 13.00 -63.67
N SER G 184 -37.05 12.36 -62.62
CA SER G 184 -38.31 11.67 -62.71
C SER G 184 -39.43 12.54 -62.14
N GLY G 185 -39.07 13.72 -61.63
CA GLY G 185 -40.07 14.60 -61.04
C GLY G 185 -40.83 13.94 -59.89
N ARG G 186 -40.30 12.84 -59.37
CA ARG G 186 -40.93 12.12 -58.28
C ARG G 186 -40.01 12.04 -57.07
N CYS G 187 -38.80 12.56 -57.21
CA CYS G 187 -37.84 12.53 -56.11
C CYS G 187 -37.07 13.86 -56.02
N ILE G 188 -36.50 14.12 -54.85
CA ILE G 188 -35.75 15.35 -54.60
C ILE G 188 -34.25 15.11 -54.74
N GLN G 189 -33.60 16.02 -55.45
CA GLN G 189 -32.15 15.95 -55.67
C GLN G 189 -31.47 17.03 -54.84
N MET G 190 -30.40 16.68 -54.15
CA MET G 190 -29.68 17.68 -53.38
C MET G 190 -28.62 18.25 -54.32
N TRP G 191 -28.41 17.57 -55.43
CA TRP G 191 -27.46 18.01 -56.42
C TRP G 191 -28.22 18.36 -57.68
N PHE G 192 -27.93 19.52 -58.26
CA PHE G 192 -28.58 19.90 -59.51
C PHE G 192 -27.99 21.18 -60.07
N ASP G 193 -28.04 21.34 -61.39
CA ASP G 193 -27.53 22.52 -62.09
C ASP G 193 -28.63 23.57 -62.19
N PRO G 194 -28.43 24.71 -61.52
CA PRO G 194 -29.43 25.78 -61.56
C PRO G 194 -29.61 26.36 -62.96
N ALA G 195 -28.60 26.18 -63.81
CA ALA G 195 -28.66 26.68 -65.17
C ALA G 195 -29.73 25.94 -65.95
N GLN G 196 -30.19 24.82 -65.40
CA GLN G 196 -31.22 24.01 -66.04
C GLN G 196 -32.52 24.19 -65.27
N GLY G 197 -32.46 24.92 -64.16
CA GLY G 197 -33.63 25.16 -63.33
C GLY G 197 -33.65 24.24 -62.12
N ASN G 198 -34.42 24.61 -61.11
CA ASN G 198 -34.53 23.78 -59.90
C ASN G 198 -35.58 22.69 -60.15
N PRO G 199 -35.15 21.43 -60.18
CA PRO G 199 -36.06 20.29 -60.41
C PRO G 199 -36.93 19.92 -59.22
N ASN G 200 -36.58 20.41 -58.03
CA ASN G 200 -37.33 20.09 -56.82
C ASN G 200 -38.66 20.82 -56.71
N GLU G 201 -38.83 21.92 -57.42
CA GLU G 201 -40.09 22.67 -57.41
C GLU G 201 -41.22 21.77 -57.93
N GLU G 202 -40.95 21.14 -59.06
CA GLU G 202 -41.89 20.23 -59.69
C GLU G 202 -42.23 19.05 -58.79
N VAL G 203 -41.23 18.57 -58.05
CA VAL G 203 -41.42 17.42 -57.18
C VAL G 203 -42.21 17.81 -55.93
N ALA G 204 -42.08 19.05 -55.51
CA ALA G 204 -42.78 19.53 -54.32
C ALA G 204 -44.25 19.74 -54.62
N ARG G 205 -44.54 20.16 -55.84
CA ARG G 205 -45.91 20.42 -56.27
C ARG G 205 -46.67 19.09 -56.40
N PHE G 206 -46.03 18.10 -57.01
CA PHE G 206 -46.63 16.77 -57.22
C PHE G 206 -47.01 16.10 -55.91
N TYR G 207 -46.18 16.27 -54.89
CA TYR G 207 -46.41 15.67 -53.60
C TYR G 207 -47.33 16.49 -52.69
N ALA G 208 -47.61 17.72 -53.09
CA ALA G 208 -48.50 18.59 -52.30
C ALA G 208 -49.96 18.30 -52.64
N ALA G 209 -50.18 17.86 -53.88
CA ALA G 209 -51.51 17.53 -54.37
C ALA G 209 -51.89 16.10 -54.04
N ALA G 210 -50.92 15.30 -53.63
CA ALA G 210 -51.18 13.90 -53.26
C ALA G 210 -51.72 13.82 -51.83
N MET G 211 -51.73 14.96 -51.14
CA MET G 211 -52.21 15.05 -49.77
C MET G 211 -53.47 15.91 -49.71
N SER G 212 -53.84 16.46 -50.87
CA SER G 212 -55.01 17.31 -51.01
C SER G 212 -54.96 18.49 -50.04
N ARG H 8 -20.47 -6.96 39.94
CA ARG H 8 -20.95 -5.71 39.27
C ARG H 8 -20.94 -5.79 37.74
N THR H 9 -20.01 -5.06 37.14
CA THR H 9 -19.87 -4.97 35.68
C THR H 9 -19.67 -6.27 34.92
N GLU H 10 -19.08 -6.13 33.72
CA GLU H 10 -18.84 -7.25 32.81
C GLU H 10 -17.83 -8.29 33.25
N LEU H 11 -17.18 -8.09 34.39
CA LEU H 11 -16.21 -9.07 34.86
C LEU H 11 -15.07 -9.26 33.86
N LEU H 12 -15.12 -8.55 32.75
CA LEU H 12 -14.07 -8.67 31.74
C LEU H 12 -13.27 -7.39 31.65
N ASN H 13 -11.96 -7.55 31.50
CA ASN H 13 -11.04 -6.42 31.41
C ASN H 13 -11.31 -5.43 32.55
N VAL H 14 -11.22 -5.92 33.78
CA VAL H 14 -11.43 -5.13 34.98
C VAL H 14 -10.42 -5.48 36.07
N CYS H 15 -10.24 -4.58 37.03
CA CYS H 15 -9.31 -4.80 38.13
C CYS H 15 -10.04 -4.87 39.44
N MET H 16 -9.65 -5.81 40.29
CA MET H 16 -10.29 -5.97 41.59
C MET H 16 -9.96 -4.74 42.43
N ASN H 17 -10.60 -4.59 43.58
CA ASN H 17 -10.30 -3.45 44.43
C ASN H 17 -9.43 -3.86 45.61
N ALA H 18 -8.13 -3.93 45.34
CA ALA H 18 -7.16 -4.34 46.35
C ALA H 18 -6.19 -3.21 46.69
N LYS H 19 -5.29 -3.51 47.61
CA LYS H 19 -4.32 -2.53 48.06
C LYS H 19 -3.61 -1.70 46.97
N HIS H 20 -2.94 -2.36 46.04
CA HIS H 20 -2.19 -1.64 45.01
C HIS H 20 -2.79 -1.58 43.60
N HIS H 21 -3.94 -2.22 43.40
CA HIS H 21 -4.55 -2.20 42.08
C HIS H 21 -5.02 -0.84 41.60
N LYS H 22 -4.96 -0.64 40.28
CA LYS H 22 -5.44 0.60 39.67
C LYS H 22 -6.96 0.48 39.62
N GLU H 23 -7.65 1.52 39.14
CA GLU H 23 -9.09 1.43 39.08
C GLU H 23 -9.55 0.56 37.92
N LYS H 24 -8.91 0.78 36.76
CA LYS H 24 -9.23 0.01 35.57
C LYS H 24 -7.97 -0.29 34.77
N PRO H 25 -7.98 -1.40 34.00
CA PRO H 25 -6.85 -1.83 33.17
C PRO H 25 -6.30 -0.74 32.28
N GLY H 26 -5.17 -1.00 31.66
CA GLY H 26 -4.57 -0.01 30.79
C GLY H 26 -3.17 -0.41 30.42
N PRO H 27 -2.69 -0.09 29.22
CA PRO H 27 -1.34 -0.43 28.76
C PRO H 27 -0.25 -0.01 29.75
N GLU H 28 0.80 -0.83 29.83
CA GLU H 28 1.91 -0.57 30.73
C GLU H 28 3.16 -1.17 30.11
N ASP H 29 3.87 -0.37 29.33
CA ASP H 29 5.07 -0.86 28.64
C ASP H 29 6.33 -0.93 29.51
N LYS H 30 6.21 -0.47 30.75
CA LYS H 30 7.37 -0.48 31.63
C LYS H 30 7.33 -1.54 32.74
N LEU H 31 6.44 -2.51 32.66
CA LEU H 31 6.35 -3.54 33.69
C LEU H 31 7.70 -4.20 33.78
N HIS H 32 8.08 -4.73 34.95
CA HIS H 32 9.42 -5.32 35.12
C HIS H 32 9.73 -6.67 34.46
N GLU H 33 10.56 -7.55 35.04
CA GLU H 33 10.91 -8.79 34.38
C GLU H 33 9.76 -9.76 34.17
N GLN H 34 9.47 -10.56 35.19
CA GLN H 34 8.42 -11.56 35.05
C GLN H 34 7.04 -11.00 34.75
N CYS H 35 6.78 -9.75 35.12
CA CYS H 35 5.48 -9.14 34.86
C CYS H 35 5.36 -8.66 33.40
N ARG H 36 6.39 -8.91 32.60
CA ARG H 36 6.39 -8.46 31.21
C ARG H 36 5.20 -8.87 30.37
N PRO H 37 4.82 -10.15 30.46
CA PRO H 37 3.69 -10.69 29.69
C PRO H 37 2.39 -9.91 29.77
N TRP H 38 2.29 -8.97 30.71
CA TRP H 38 1.09 -8.17 30.89
C TRP H 38 1.25 -6.70 30.48
N ARG H 39 2.25 -6.42 29.65
CA ARG H 39 2.48 -5.07 29.18
C ARG H 39 1.33 -4.51 28.34
N LYS H 40 0.66 -5.36 27.57
CA LYS H 40 -0.47 -4.94 26.72
C LYS H 40 -1.58 -4.28 27.53
N ASN H 41 -2.07 -4.98 28.54
CA ASN H 41 -3.13 -4.45 29.37
C ASN H 41 -2.99 -5.03 30.76
N ALA H 42 -2.59 -4.19 31.71
CA ALA H 42 -2.37 -4.63 33.09
C ALA H 42 -3.10 -3.79 34.13
N CYS H 43 -3.23 -4.35 35.33
CA CYS H 43 -3.88 -3.66 36.45
C CYS H 43 -2.87 -3.13 37.44
N CYS H 44 -1.60 -3.46 37.19
CA CYS H 44 -0.49 -3.05 38.06
C CYS H 44 0.35 -1.94 37.42
N SER H 45 0.96 -1.11 38.26
CA SER H 45 1.79 -0.01 37.80
C SER H 45 3.24 -0.46 37.71
N THR H 46 4.03 0.27 36.92
CA THR H 46 5.46 -0.03 36.76
C THR H 46 6.09 -0.34 38.12
N ASN H 47 5.85 0.54 39.08
CA ASN H 47 6.38 0.39 40.44
C ASN H 47 6.08 -0.99 40.99
N THR H 48 4.80 -1.32 41.10
CA THR H 48 4.41 -2.61 41.63
C THR H 48 5.19 -3.75 40.99
N SER H 49 5.14 -3.84 39.67
CA SER H 49 5.84 -4.91 38.98
C SER H 49 7.31 -4.99 39.36
N GLN H 50 7.88 -3.90 39.88
CA GLN H 50 9.29 -3.88 40.23
C GLN H 50 9.47 -4.45 41.62
N GLU H 51 8.54 -4.11 42.50
CA GLU H 51 8.58 -4.60 43.87
C GLU H 51 8.32 -6.10 43.92
N ALA H 52 7.57 -6.60 42.94
CA ALA H 52 7.24 -8.02 42.88
C ALA H 52 8.48 -8.89 42.81
N HIS H 53 9.59 -8.31 42.36
CA HIS H 53 10.83 -9.08 42.26
C HIS H 53 11.80 -8.85 43.43
N LYS H 54 11.35 -8.13 44.46
CA LYS H 54 12.22 -7.82 45.58
C LYS H 54 11.81 -8.51 46.88
N ASP H 55 12.79 -8.81 47.71
CA ASP H 55 12.54 -9.48 48.98
C ASP H 55 11.99 -8.49 49.97
N VAL H 56 10.95 -8.88 50.67
CA VAL H 56 10.34 -7.99 51.64
C VAL H 56 10.04 -6.68 50.92
N SER H 57 9.38 -6.80 49.76
CA SER H 57 9.03 -5.64 48.94
C SER H 57 8.17 -4.57 49.64
N TYR H 58 7.95 -3.49 48.91
CA TYR H 58 7.14 -2.39 49.37
C TYR H 58 5.65 -2.74 49.37
N LEU H 59 5.27 -3.74 48.56
CA LEU H 59 3.88 -4.15 48.43
C LEU H 59 3.26 -4.59 49.74
N TYR H 60 3.83 -5.63 50.34
CA TYR H 60 3.31 -6.10 51.61
C TYR H 60 4.44 -6.42 52.58
N ARG H 61 5.68 -6.10 52.20
CA ARG H 61 6.85 -6.40 53.03
C ARG H 61 6.84 -7.90 53.40
N PHE H 62 6.49 -8.76 52.44
CA PHE H 62 6.43 -10.18 52.72
C PHE H 62 7.78 -10.78 52.59
N ASN H 63 8.17 -11.58 53.57
CA ASN H 63 9.47 -12.21 53.56
C ASN H 63 9.43 -13.65 53.03
N TRP H 64 9.99 -13.84 51.85
CA TRP H 64 10.02 -15.17 51.22
C TRP H 64 11.04 -16.06 51.94
N ASN H 65 12.00 -15.43 52.61
CA ASN H 65 13.06 -16.16 53.29
C ASN H 65 12.83 -16.35 54.78
N HIS H 66 11.60 -16.68 55.16
CA HIS H 66 11.28 -16.87 56.56
C HIS H 66 11.88 -18.12 57.17
N CYS H 67 12.43 -19.01 56.34
CA CYS H 67 13.06 -20.25 56.81
C CYS H 67 14.31 -20.50 55.98
N GLY H 68 15.21 -19.53 55.94
CA GLY H 68 16.41 -19.71 55.15
C GLY H 68 16.22 -19.05 53.80
N GLU H 69 17.24 -19.06 52.97
CA GLU H 69 17.11 -18.44 51.68
C GLU H 69 16.29 -19.33 50.75
N MET H 70 15.19 -18.77 50.23
CA MET H 70 14.30 -19.50 49.34
C MET H 70 14.99 -19.66 48.00
N ALA H 71 15.01 -20.89 47.49
CA ALA H 71 15.67 -21.19 46.23
C ALA H 71 15.06 -20.39 45.11
N PRO H 72 15.88 -19.81 44.24
CA PRO H 72 15.44 -19.02 43.09
C PRO H 72 14.44 -19.76 42.21
N ALA H 73 14.65 -21.07 42.04
CA ALA H 73 13.75 -21.86 41.22
C ALA H 73 12.33 -21.88 41.81
N CYS H 74 12.21 -21.51 43.09
CA CYS H 74 10.92 -21.48 43.77
C CYS H 74 10.38 -20.06 43.89
N LYS H 75 11.27 -19.11 44.14
CA LYS H 75 10.89 -17.72 44.28
C LYS H 75 10.26 -17.17 42.98
N ARG H 76 10.79 -17.59 41.84
CA ARG H 76 10.28 -17.09 40.55
C ARG H 76 8.78 -17.33 40.46
N HIS H 77 8.36 -18.52 40.83
CA HIS H 77 6.94 -18.80 40.78
C HIS H 77 6.19 -17.79 41.64
N PHE H 78 6.70 -17.50 42.82
CA PHE H 78 6.03 -16.59 43.72
C PHE H 78 5.94 -15.20 43.15
N ILE H 79 7.00 -14.82 42.44
CA ILE H 79 7.01 -13.54 41.76
C ILE H 79 5.91 -13.56 40.68
N GLN H 80 5.85 -14.65 39.90
CA GLN H 80 4.86 -14.78 38.84
C GLN H 80 3.47 -14.64 39.40
N ASP H 81 3.23 -15.30 40.53
CA ASP H 81 1.93 -15.24 41.19
C ASP H 81 1.62 -13.77 41.49
N THR H 82 2.59 -13.03 41.98
CA THR H 82 2.38 -11.63 42.27
C THR H 82 2.02 -10.88 40.99
N CYS H 83 2.73 -11.15 39.90
CA CYS H 83 2.41 -10.48 38.64
C CYS H 83 0.96 -10.76 38.25
N LEU H 84 0.58 -12.03 38.28
CA LEU H 84 -0.76 -12.41 37.90
C LEU H 84 -1.79 -11.73 38.78
N TYR H 85 -1.61 -11.85 40.08
CA TYR H 85 -2.57 -11.28 41.00
C TYR H 85 -2.67 -9.76 40.95
N GLU H 86 -1.53 -9.11 40.70
CA GLU H 86 -1.48 -7.67 40.67
C GLU H 86 -1.63 -7.04 39.28
N CYS H 87 -1.46 -7.83 38.22
CA CYS H 87 -1.58 -7.28 36.86
C CYS H 87 -2.66 -7.83 35.94
N SER H 88 -3.09 -9.07 36.17
CA SER H 88 -4.10 -9.69 35.31
C SER H 88 -5.44 -9.00 35.32
N PRO H 89 -5.92 -8.62 34.14
CA PRO H 89 -7.21 -7.95 34.00
C PRO H 89 -8.24 -8.98 33.58
N ASN H 90 -7.89 -10.24 33.70
CA ASN H 90 -8.78 -11.30 33.26
C ASN H 90 -9.19 -12.17 34.41
N LEU H 91 -9.34 -11.60 35.60
CA LEU H 91 -9.73 -12.40 36.76
C LEU H 91 -11.07 -11.96 37.32
N GLY H 92 -11.79 -11.15 36.57
CA GLY H 92 -13.07 -10.67 37.04
C GLY H 92 -14.06 -11.73 37.48
N PRO H 93 -14.18 -12.82 36.72
CA PRO H 93 -15.11 -13.91 37.06
C PRO H 93 -14.92 -14.50 38.44
N TRP H 94 -13.79 -14.21 39.08
CA TRP H 94 -13.54 -14.78 40.40
C TRP H 94 -13.44 -13.76 41.50
N ILE H 95 -13.63 -12.49 41.18
CA ILE H 95 -13.56 -11.47 42.20
C ILE H 95 -14.73 -11.58 43.15
N GLN H 96 -14.47 -11.29 44.43
CA GLN H 96 -15.47 -11.31 45.48
C GLN H 96 -15.25 -10.18 46.47
N GLN H 97 -16.29 -9.79 47.19
CA GLN H 97 -16.16 -8.71 48.14
C GLN H 97 -15.85 -9.24 49.53
N VAL H 98 -14.77 -8.76 50.11
CA VAL H 98 -14.37 -9.22 51.43
C VAL H 98 -14.34 -8.08 52.45
N ASP H 99 -14.04 -6.87 51.98
CA ASP H 99 -13.97 -5.72 52.88
C ASP H 99 -13.06 -5.96 54.11
N GLN H 100 -11.75 -5.92 53.89
CA GLN H 100 -10.81 -6.11 54.96
C GLN H 100 -9.72 -5.04 54.95
N SER H 101 -9.21 -4.74 56.14
CA SER H 101 -8.18 -3.72 56.34
C SER H 101 -7.46 -3.20 55.10
N TRP H 102 -6.89 -4.13 54.32
CA TRP H 102 -6.10 -3.73 53.16
C TRP H 102 -6.70 -3.94 51.77
N ARG H 103 -7.85 -4.57 51.68
CA ARG H 103 -8.48 -4.76 50.38
C ARG H 103 -9.99 -5.02 50.47
N LYS H 104 -10.75 -4.28 49.68
CA LYS H 104 -12.20 -4.42 49.67
C LYS H 104 -12.63 -5.67 48.92
N GLU H 105 -11.81 -6.05 47.94
CA GLU H 105 -12.05 -7.23 47.12
C GLU H 105 -10.81 -8.11 46.98
N ARG H 106 -11.00 -9.33 46.49
CA ARG H 106 -9.91 -10.26 46.26
C ARG H 106 -10.43 -11.39 45.38
N VAL H 107 -9.56 -12.13 44.69
CA VAL H 107 -10.02 -13.23 43.86
C VAL H 107 -10.08 -14.52 44.69
N LEU H 108 -11.02 -15.40 44.35
CA LEU H 108 -11.20 -16.68 45.03
C LEU H 108 -11.51 -17.82 44.07
N ASN H 109 -10.81 -18.93 44.26
CA ASN H 109 -11.00 -20.10 43.44
C ASN H 109 -10.62 -19.93 41.97
N VAL H 110 -9.51 -19.25 41.71
CA VAL H 110 -9.08 -19.09 40.33
C VAL H 110 -8.60 -20.46 39.83
N PRO H 111 -9.20 -20.98 38.75
CA PRO H 111 -8.83 -22.28 38.17
C PRO H 111 -7.42 -22.31 37.55
N LEU H 112 -6.39 -22.31 38.39
CA LEU H 112 -5.00 -22.35 37.93
C LEU H 112 -4.80 -23.65 37.16
N CYS H 113 -4.13 -23.58 36.01
CA CYS H 113 -3.93 -24.77 35.21
C CYS H 113 -3.09 -25.83 35.94
N LYS H 114 -3.42 -27.09 35.71
CA LYS H 114 -2.76 -28.20 36.34
C LYS H 114 -1.23 -28.15 36.30
N GLU H 115 -0.66 -27.92 35.13
CA GLU H 115 0.79 -27.86 34.99
C GLU H 115 1.43 -26.74 35.80
N ASP H 116 0.89 -25.54 35.69
CA ASP H 116 1.42 -24.40 36.43
C ASP H 116 1.54 -24.73 37.91
N CYS H 117 0.50 -25.32 38.48
CA CYS H 117 0.51 -25.69 39.88
C CYS H 117 1.46 -26.86 40.17
N GLU H 118 1.70 -27.71 39.18
CA GLU H 118 2.59 -28.83 39.40
C GLU H 118 4.03 -28.38 39.38
N GLN H 119 4.36 -27.44 38.49
CA GLN H 119 5.73 -26.97 38.40
C GLN H 119 6.05 -26.13 39.62
N TRP H 120 5.11 -25.29 39.98
CA TRP H 120 5.28 -24.45 41.14
C TRP H 120 5.67 -25.33 42.33
N TRP H 121 4.96 -26.45 42.49
CA TRP H 121 5.20 -27.37 43.59
C TRP H 121 6.56 -28.03 43.49
N GLU H 122 6.86 -28.53 42.32
CA GLU H 122 8.10 -29.24 42.10
C GLU H 122 9.33 -28.34 42.25
N ASP H 123 9.22 -27.11 41.80
CA ASP H 123 10.34 -26.20 41.91
C ASP H 123 10.59 -25.76 43.33
N CYS H 124 9.63 -25.99 44.23
CA CYS H 124 9.79 -25.60 45.63
C CYS H 124 10.19 -26.78 46.52
N ARG H 125 10.55 -27.89 45.92
CA ARG H 125 10.94 -29.06 46.70
C ARG H 125 12.11 -28.77 47.66
N THR H 126 13.13 -28.06 47.19
CA THR H 126 14.30 -27.77 47.99
C THR H 126 14.19 -26.59 48.91
N SER H 127 13.04 -25.92 48.89
CA SER H 127 12.87 -24.77 49.75
C SER H 127 12.23 -25.15 51.07
N TYR H 128 12.12 -24.19 51.99
CA TYR H 128 11.56 -24.44 53.31
C TYR H 128 10.51 -23.40 53.72
N THR H 129 9.70 -23.74 54.71
CA THR H 129 8.67 -22.83 55.20
C THR H 129 8.17 -23.34 56.54
N CYS H 130 7.45 -22.49 57.27
CA CYS H 130 6.90 -22.88 58.57
C CYS H 130 5.40 -22.77 58.65
N LYS H 131 4.76 -22.55 57.51
CA LYS H 131 3.31 -22.38 57.48
C LYS H 131 2.68 -22.89 56.21
N SER H 132 1.39 -23.21 56.27
CA SER H 132 0.67 -23.69 55.11
C SER H 132 -0.27 -22.59 54.66
N ASN H 133 -0.64 -21.73 55.60
CA ASN H 133 -1.50 -20.58 55.33
C ASN H 133 -0.62 -19.36 55.48
N TRP H 134 -0.28 -18.70 54.37
CA TRP H 134 0.58 -17.53 54.39
C TRP H 134 -0.15 -16.21 54.43
N HIS H 135 -1.46 -16.22 54.65
CA HIS H 135 -2.20 -14.96 54.73
C HIS H 135 -2.38 -14.47 56.16
N LYS H 136 -2.53 -15.41 57.09
CA LYS H 136 -2.72 -15.05 58.49
C LYS H 136 -1.84 -15.88 59.39
N GLY H 137 -1.40 -15.26 60.49
CA GLY H 137 -0.59 -16.00 61.44
C GLY H 137 0.82 -15.57 61.69
N TRP H 138 1.42 -14.85 60.76
CA TRP H 138 2.81 -14.44 60.92
C TRP H 138 3.04 -13.49 62.09
N ASN H 139 4.31 -13.22 62.37
CA ASN H 139 4.69 -12.28 63.42
C ASN H 139 5.33 -11.09 62.71
N TRP H 140 4.65 -9.95 62.70
CA TRP H 140 5.14 -8.75 62.01
C TRP H 140 5.86 -7.72 62.88
N THR H 141 6.12 -8.08 64.13
CA THR H 141 6.76 -7.17 65.06
C THR H 141 8.05 -6.58 64.53
N SER H 142 8.79 -7.36 63.75
CA SER H 142 10.07 -6.90 63.24
C SER H 142 9.99 -6.02 62.02
N GLY H 143 8.78 -5.82 61.50
CA GLY H 143 8.62 -5.01 60.30
C GLY H 143 8.14 -5.88 59.15
N PHE H 144 8.59 -7.13 59.13
CA PHE H 144 8.16 -8.07 58.11
C PHE H 144 7.74 -9.35 58.81
N ASN H 145 7.19 -10.30 58.05
CA ASN H 145 6.72 -11.56 58.63
C ASN H 145 7.80 -12.56 58.98
N LYS H 146 7.72 -13.07 60.19
CA LYS H 146 8.65 -14.07 60.71
C LYS H 146 7.82 -15.23 61.19
N CYS H 147 8.43 -16.39 61.38
CA CYS H 147 7.67 -17.56 61.81
C CYS H 147 6.92 -17.44 63.13
N ALA H 148 5.67 -17.90 63.13
CA ALA H 148 4.86 -17.86 64.33
C ALA H 148 5.49 -18.79 65.37
N VAL H 149 6.19 -19.81 64.89
CA VAL H 149 6.85 -20.75 65.77
C VAL H 149 8.18 -21.07 65.13
N GLY H 150 9.23 -20.49 65.71
CA GLY H 150 10.57 -20.66 65.18
C GLY H 150 10.98 -22.05 64.78
N ALA H 151 10.62 -23.05 65.58
CA ALA H 151 11.01 -24.43 65.30
C ALA H 151 10.13 -25.13 64.27
N ALA H 152 9.17 -24.40 63.73
CA ALA H 152 8.27 -24.97 62.74
C ALA H 152 8.79 -24.97 61.29
N CYS H 153 10.09 -24.76 61.10
CA CYS H 153 10.62 -24.78 59.74
C CYS H 153 10.91 -26.19 59.24
N GLN H 154 10.19 -26.63 58.23
CA GLN H 154 10.40 -27.96 57.65
C GLN H 154 10.50 -27.79 56.15
N PRO H 155 10.78 -28.86 55.40
CA PRO H 155 10.87 -28.73 53.94
C PRO H 155 9.52 -28.32 53.40
N PHE H 156 9.50 -27.65 52.25
CA PHE H 156 8.26 -27.17 51.64
C PHE H 156 7.13 -28.21 51.53
N HIS H 157 7.45 -29.36 50.96
CA HIS H 157 6.44 -30.40 50.82
C HIS H 157 5.93 -30.99 52.13
N PHE H 158 6.46 -30.53 53.25
CA PHE H 158 6.02 -31.01 54.54
C PHE H 158 4.74 -30.29 54.85
N TYR H 159 4.65 -29.03 54.43
CA TYR H 159 3.46 -28.22 54.68
C TYR H 159 2.57 -28.18 53.46
N PHE H 160 3.09 -28.65 52.33
CA PHE H 160 2.33 -28.67 51.09
C PHE H 160 2.62 -30.02 50.46
N PRO H 161 1.95 -31.06 50.98
CA PRO H 161 2.09 -32.45 50.53
C PRO H 161 1.85 -32.68 49.04
N THR H 162 0.95 -31.90 48.44
CA THR H 162 0.66 -32.07 47.02
C THR H 162 0.55 -30.74 46.33
N PRO H 163 0.59 -30.71 45.00
CA PRO H 163 0.49 -29.44 44.30
C PRO H 163 -0.83 -28.74 44.61
N THR H 164 -1.92 -29.51 44.71
CA THR H 164 -3.21 -28.93 44.98
C THR H 164 -3.28 -28.22 46.33
N VAL H 165 -2.64 -28.80 47.33
CA VAL H 165 -2.62 -28.18 48.66
C VAL H 165 -1.82 -26.87 48.62
N LEU H 166 -0.70 -26.89 47.91
CA LEU H 166 0.15 -25.70 47.76
C LEU H 166 -0.66 -24.54 47.22
N CYS H 167 -1.06 -24.66 45.96
CA CYS H 167 -1.81 -23.63 45.25
C CYS H 167 -3.14 -23.22 45.92
N ASN H 168 -3.86 -24.20 46.45
CA ASN H 168 -5.13 -23.89 47.09
C ASN H 168 -5.04 -23.30 48.49
N GLU H 169 -4.11 -23.79 49.30
CA GLU H 169 -3.96 -23.32 50.68
C GLU H 169 -3.07 -22.10 50.87
N ILE H 170 -1.94 -22.07 50.17
CA ILE H 170 -0.99 -20.99 50.35
C ILE H 170 -1.58 -19.59 50.44
N TRP H 171 -2.58 -19.27 49.62
CA TRP H 171 -3.19 -17.95 49.66
C TRP H 171 -4.66 -18.04 50.01
N THR H 172 -4.96 -18.81 51.05
CA THR H 172 -6.34 -19.00 51.52
C THR H 172 -7.42 -19.07 50.43
N HIS H 173 -7.26 -20.06 49.55
CA HIS H 173 -8.19 -20.33 48.47
C HIS H 173 -8.27 -19.33 47.34
N SER H 174 -7.22 -18.52 47.18
CA SER H 174 -7.21 -17.57 46.08
C SER H 174 -7.24 -18.39 44.79
N TYR H 175 -6.70 -19.61 44.87
CA TYR H 175 -6.67 -20.53 43.75
C TYR H 175 -7.51 -21.77 44.04
N LYS H 176 -7.82 -22.51 42.98
CA LYS H 176 -8.55 -23.76 43.06
C LYS H 176 -8.09 -24.56 41.83
N VAL H 177 -6.90 -25.14 41.94
CA VAL H 177 -6.30 -25.88 40.85
C VAL H 177 -7.31 -26.65 40.07
N SER H 178 -7.42 -26.35 38.77
CA SER H 178 -8.38 -27.05 37.91
C SER H 178 -7.70 -28.28 37.33
N ASN H 179 -8.45 -29.36 37.15
CA ASN H 179 -7.85 -30.58 36.61
C ASN H 179 -7.66 -30.47 35.10
N TYR H 180 -7.98 -29.30 34.56
CA TYR H 180 -7.77 -29.04 33.13
C TYR H 180 -6.29 -28.75 32.92
N SER H 181 -5.85 -28.63 31.68
CA SER H 181 -4.44 -28.38 31.45
C SER H 181 -4.18 -27.13 30.63
N ARG H 182 -2.92 -26.75 30.52
CA ARG H 182 -2.55 -25.57 29.76
C ARG H 182 -3.02 -25.72 28.32
N GLY H 183 -3.46 -24.62 27.73
CA GLY H 183 -3.91 -24.68 26.35
C GLY H 183 -5.27 -25.31 26.17
N SER H 184 -6.07 -25.33 27.24
CA SER H 184 -7.41 -25.91 27.15
C SER H 184 -8.47 -24.81 27.17
N GLY H 185 -8.01 -23.57 27.32
CA GLY H 185 -8.95 -22.46 27.36
C GLY H 185 -9.96 -22.60 28.48
N ARG H 186 -9.71 -23.52 29.41
CA ARG H 186 -10.62 -23.73 30.53
C ARG H 186 -10.00 -23.46 31.92
N CYS H 187 -8.70 -23.15 31.93
CA CYS H 187 -8.00 -22.86 33.18
C CYS H 187 -7.07 -21.66 32.98
N ILE H 188 -6.81 -20.95 34.08
CA ILE H 188 -5.94 -19.77 34.05
C ILE H 188 -4.47 -20.13 34.12
N GLN H 189 -3.69 -19.60 33.19
CA GLN H 189 -2.27 -19.86 33.17
C GLN H 189 -1.53 -18.77 33.93
N MET H 190 -0.55 -19.17 34.72
CA MET H 190 0.24 -18.23 35.49
C MET H 190 1.45 -17.85 34.64
N TRP H 191 1.94 -18.80 33.85
CA TRP H 191 3.10 -18.56 32.99
C TRP H 191 2.61 -18.71 31.57
N PHE H 192 3.02 -17.79 30.69
CA PHE H 192 2.61 -17.85 29.29
C PHE H 192 3.41 -16.95 28.38
N ASP H 193 3.70 -17.45 27.18
CA ASP H 193 4.45 -16.67 26.20
C ASP H 193 3.56 -15.60 25.57
N PRO H 194 3.80 -14.32 25.93
CA PRO H 194 3.00 -13.24 25.38
C PRO H 194 3.05 -13.19 23.84
N ALA H 195 4.11 -13.73 23.26
CA ALA H 195 4.26 -13.75 21.82
C ALA H 195 3.19 -14.63 21.21
N GLN H 196 2.38 -15.24 22.06
CA GLN H 196 1.32 -16.10 21.57
C GLN H 196 -0.01 -15.59 22.07
N GLY H 197 -0.01 -14.37 22.61
CA GLY H 197 -1.22 -13.78 23.15
C GLY H 197 -1.59 -14.25 24.56
N ASN H 198 -2.41 -13.46 25.25
CA ASN H 198 -2.83 -13.81 26.60
C ASN H 198 -3.89 -14.91 26.51
N PRO H 199 -3.58 -16.11 27.03
CA PRO H 199 -4.50 -17.25 27.00
C PRO H 199 -5.63 -17.18 28.03
N ASN H 200 -5.54 -16.23 28.95
CA ASN H 200 -6.55 -16.09 29.99
C ASN H 200 -7.76 -15.27 29.57
N GLU H 201 -7.60 -14.44 28.55
CA GLU H 201 -8.69 -13.61 28.06
C GLU H 201 -9.86 -14.51 27.72
N GLU H 202 -9.59 -15.50 26.88
CA GLU H 202 -10.59 -16.46 26.46
C GLU H 202 -11.19 -17.15 27.68
N VAL H 203 -10.33 -17.60 28.59
CA VAL H 203 -10.77 -18.29 29.80
C VAL H 203 -11.71 -17.45 30.65
N ALA H 204 -11.39 -16.16 30.78
CA ALA H 204 -12.23 -15.27 31.57
C ALA H 204 -13.60 -15.15 30.91
N ARG H 205 -13.59 -15.00 29.59
CA ARG H 205 -14.80 -14.88 28.80
C ARG H 205 -15.72 -16.09 29.03
N PHE H 206 -15.19 -17.28 28.78
CA PHE H 206 -15.93 -18.51 28.94
C PHE H 206 -16.62 -18.58 30.30
N TYR H 207 -15.86 -18.39 31.36
CA TYR H 207 -16.39 -18.47 32.72
C TYR H 207 -17.31 -17.32 33.08
N ALA H 208 -17.08 -16.15 32.50
CA ALA H 208 -17.92 -14.99 32.79
C ALA H 208 -19.35 -15.25 32.31
N ALA H 209 -19.45 -15.79 31.10
CA ALA H 209 -20.75 -16.09 30.54
C ALA H 209 -21.44 -17.20 31.31
N ALA H 210 -20.71 -18.27 31.62
CA ALA H 210 -21.27 -19.40 32.36
C ALA H 210 -21.82 -19.03 33.75
N MET H 211 -21.64 -17.79 34.15
CA MET H 211 -22.11 -17.32 35.46
C MET H 211 -22.96 -16.07 35.31
N1 FOL I . 30.42 18.85 9.61
C2 FOL I . 29.61 17.90 9.11
NA2 FOL I . 29.17 18.04 7.84
N3 FOL I . 29.25 16.81 9.81
C4 FOL I . 29.68 16.61 11.09
O4 FOL I . 29.34 15.63 11.72
C4A FOL I . 30.55 17.60 11.71
N5 FOL I . 31.02 17.47 12.97
C6 FOL I . 31.84 18.40 13.49
C7 FOL I . 32.19 19.54 12.72
N8 FOL I . 31.72 19.68 11.46
C8A FOL I . 30.91 18.75 10.92
C9 FOL I . 32.36 18.23 14.88
N10 FOL I . 33.69 17.61 14.80
C11 FOL I . 35.23 15.55 18.19
C12 FOL I . 35.39 15.03 16.88
C13 FOL I . 34.87 15.71 15.77
C14 FOL I . 34.19 16.94 15.93
C15 FOL I . 34.02 17.48 17.25
C16 FOL I . 34.54 16.79 18.36
C FOL I . 35.78 14.81 19.36
O FOL I . 35.90 15.38 20.45
N FOL I . 36.12 13.51 19.18
CA FOL I . 36.51 12.72 20.36
CB FOL I . 35.25 12.18 21.14
CG FOL I . 34.05 11.89 20.20
CD FOL I . 32.86 11.38 20.99
OE1 FOL I . 32.91 11.24 22.20
OE2 FOL I . 31.72 11.07 20.33
CT FOL I . 37.42 11.58 19.88
O1 FOL I . 36.98 10.45 19.71
O2 FOL I . 38.72 11.83 19.63
C1 NAG J . 30.75 32.73 22.26
C2 NAG J . 31.85 33.78 22.42
C3 NAG J . 32.93 33.23 23.34
C4 NAG J . 32.30 32.81 24.66
C5 NAG J . 31.20 31.81 24.40
C6 NAG J . 30.51 31.35 25.66
C7 NAG J . 32.83 35.36 20.88
C8 NAG J . 33.57 35.59 19.58
N2 NAG J . 32.42 34.12 21.13
O3 NAG J . 33.91 34.23 23.56
O4 NAG J . 33.29 32.21 25.49
O5 NAG J . 30.22 32.40 23.54
O6 NAG J . 30.13 32.45 26.47
O7 NAG J . 32.63 36.31 21.65
C1 NAG K . 48.26 11.45 24.17
C2 NAG K . 49.10 10.15 24.18
C3 NAG K . 49.90 10.09 25.48
C4 NAG K . 50.74 11.36 25.62
C5 NAG K . 49.85 12.60 25.53
C6 NAG K . 50.66 13.88 25.55
C7 NAG K . 47.72 8.63 22.90
C8 NAG K . 46.21 8.40 22.82
N2 NAG K . 48.23 8.99 24.08
O3 NAG K . 50.75 8.95 25.47
O4 NAG K . 51.40 11.35 26.88
O5 NAG K . 49.12 12.59 24.29
O6 NAG K . 49.88 14.98 25.99
O7 NAG K . 48.42 8.47 21.90
C1 NAG L . 24.36 8.98 -9.73
C2 NAG L . 23.34 8.04 -9.04
C3 NAG L . 22.36 7.44 -10.08
C4 NAG L . 21.80 8.55 -11.00
C5 NAG L . 22.89 9.51 -11.53
C6 NAG L . 22.35 10.71 -12.28
C7 NAG L . 24.92 6.19 -8.95
C8 NAG L . 25.83 5.34 -8.05
N2 NAG L . 24.02 6.97 -8.34
O3 NAG L . 21.30 6.77 -9.44
O4 NAG L . 21.14 7.93 -12.11
O5 NAG L . 23.67 10.03 -10.43
O6 NAG L . 23.33 11.73 -12.41
O7 NAG L . 25.05 6.15 -10.17
N1 FOL M . 60.23 -5.66 5.83
C2 FOL M . 59.63 -6.32 4.78
NA2 FOL M . 58.53 -5.72 4.18
N3 FOL M . 60.08 -7.51 4.32
C4 FOL M . 61.18 -8.14 4.88
O4 FOL M . 61.57 -9.21 4.45
C4A FOL M . 61.88 -7.45 6.01
N5 FOL M . 62.99 -7.95 6.62
C6 FOL M . 63.58 -7.28 7.62
C7 FOL M . 63.07 -6.06 8.07
N8 FOL M . 61.97 -5.55 7.49
C8A FOL M . 61.36 -6.19 6.45
C9 FOL M . 64.81 -7.85 8.27
N10 FOL M . 66.01 -7.26 7.65
C11 FOL M . 69.75 -9.25 8.00
C12 FOL M . 69.36 -8.60 6.79
C13 FOL M . 68.12 -7.95 6.70
C14 FOL M . 67.24 -7.93 7.80
C15 FOL M . 67.63 -8.57 9.02
C16 FOL M . 68.86 -9.23 9.12
C FOL M . 71.06 -9.93 8.07
O FOL M . 71.54 -10.25 9.15
N FOL M . 71.73 -10.19 6.91
CA FOL M . 72.97 -11.00 6.96
CB FOL M . 72.67 -12.53 6.92
CG FOL M . 71.40 -12.87 6.08
CD FOL M . 71.12 -14.37 6.07
OE1 FOL M . 71.84 -15.14 6.68
OE2 FOL M . 70.05 -14.85 5.39
CT FOL M . 73.90 -10.54 5.81
O1 FOL M . 74.69 -11.30 5.31
O2 FOL M . 73.83 -9.28 5.34
C1 NAG N . 62.37 -7.27 24.29
C2 NAG N . 62.90 -6.22 25.26
C3 NAG N . 64.42 -6.18 25.19
C4 NAG N . 64.99 -7.57 25.47
C5 NAG N . 64.37 -8.58 24.48
C6 NAG N . 64.81 -10.01 24.70
C7 NAG N . 61.49 -4.33 25.73
C8 NAG N . 60.01 -4.73 25.63
N2 NAG N . 62.34 -4.93 24.90
O3 NAG N . 64.95 -5.27 26.15
O4 NAG N . 66.40 -7.53 25.31
O5 NAG N . 62.92 -8.55 24.60
O6 NAG N . 64.49 -10.47 26.01
O7 NAG N . 61.84 -3.49 26.54
C1 NAG O . 83.89 -6.42 8.41
C2 NAG O . 85.03 -6.67 7.42
C3 NAG O . 86.39 -6.85 8.14
C4 NAG O . 86.61 -5.82 9.26
C5 NAG O . 85.37 -5.68 10.14
C6 NAG O . 85.49 -4.61 11.20
C7 NAG O . 84.93 -7.91 5.36
C8 NAG O . 85.14 -9.31 4.72
N2 NAG O . 84.71 -7.87 6.67
O3 NAG O . 87.44 -6.74 7.20
O4 NAG O . 87.71 -6.22 10.07
O5 NAG O . 84.22 -5.35 9.32
O6 NAG O . 86.45 -3.63 10.83
O7 NAG O . 84.98 -6.91 4.64
C1 NAG P . 49.27 2.57 -13.15
C2 NAG P . 47.77 2.11 -13.11
C3 NAG P . 46.85 3.00 -13.99
C4 NAG P . 47.18 4.50 -13.86
C5 NAG P . 48.69 4.74 -13.98
C6 NAG P . 49.09 6.18 -13.85
C7 NAG P . 46.77 -0.13 -13.05
C8 NAG P . 47.11 -1.62 -13.11
N2 NAG P . 47.66 0.72 -13.59
O3 NAG P . 45.50 2.81 -13.58
O4 NAG P . 46.50 5.21 -14.89
O5 NAG P . 49.38 3.99 -12.94
O6 NAG P . 50.52 6.32 -13.88
O7 NAG P . 45.71 0.22 -12.53
N1 FOL Q . -17.37 21.94 -4.70
C2 FOL Q . -16.27 21.55 -3.96
NA2 FOL Q . -15.83 22.37 -2.96
N3 FOL Q . -15.62 20.40 -4.20
C4 FOL Q . -16.00 19.52 -5.18
O4 FOL Q . -15.39 18.47 -5.37
C4A FOL Q . -17.21 19.88 -6.01
N5 FOL Q . -17.67 19.10 -7.00
C6 FOL Q . -18.75 19.45 -7.72
C7 FOL Q . -19.41 20.67 -7.45
N8 FOL Q . -18.95 21.48 -6.47
C8A FOL Q . -17.87 21.13 -5.73
C9 FOL Q . -19.24 18.53 -8.79
N10 FOL Q . -20.31 17.66 -8.26
C11 FOL Q . -21.14 13.94 -10.13
C12 FOL Q . -21.08 14.06 -8.72
C13 FOL Q . -20.81 15.30 -8.12
C14 FOL Q . -20.58 16.44 -8.92
C15 FOL Q . -20.63 16.33 -10.34
C16 FOL Q . -20.92 15.09 -10.93
C FOL Q . -21.42 12.63 -10.75
O FOL Q . -21.75 12.58 -11.94
N FOL Q . -21.31 11.49 -9.99
CA FOL Q . -21.44 10.17 -10.65
CB FOL Q . -20.09 9.67 -11.25
CG FOL Q . -18.84 10.11 -10.44
CD FOL Q . -17.53 9.60 -11.08
OE1 FOL Q . -17.55 8.93 -12.10
OE2 FOL Q . -16.35 9.89 -10.51
CT FOL Q . -22.00 9.17 -9.65
O1 FOL Q . -21.39 8.17 -9.34
O2 FOL Q . -23.22 9.40 -9.11
C1 NAG R . -23.01 27.92 -21.30
C2 NAG R . -24.35 28.42 -21.85
C3 NAG R . -25.26 27.21 -22.11
C4 NAG R . -24.55 26.15 -22.98
C5 NAG R . -23.16 25.83 -22.44
C6 NAG R . -22.37 24.95 -23.38
C7 NAG R . -24.86 30.65 -21.08
C8 NAG R . -25.91 31.35 -21.94
N2 NAG R . -24.98 29.33 -20.91
O3 NAG R . -26.43 27.64 -22.78
O4 NAG R . -25.34 24.97 -22.99
O5 NAG R . -22.40 27.05 -22.25
O6 NAG R . -21.97 25.66 -24.54
O7 NAG R . -23.96 31.30 -20.57
C1 NAG S . -32.33 4.64 -12.47
C2 NAG S . -32.79 3.23 -12.05
C3 NAG S . -33.85 2.65 -12.99
C4 NAG S . -34.89 3.68 -13.45
C5 NAG S . -34.26 5.03 -13.79
C6 NAG S . -35.26 6.13 -14.10
C7 NAG S . -30.66 2.50 -11.17
C8 NAG S . -29.32 2.99 -11.71
N2 NAG S . -31.65 2.34 -12.05
O3 NAG S . -34.54 1.61 -12.31
O4 NAG S . -35.56 3.17 -14.61
O5 NAG S . -33.46 5.48 -12.68
O6 NAG S . -34.63 7.31 -14.57
O7 NAG S . -30.80 2.26 -9.98
N1 FOL T . -14.45 -14.61 -26.98
C2 FOL T . -15.18 -15.52 -27.71
NA2 FOL T . -15.91 -15.07 -28.79
N3 FOL T . -15.20 -16.82 -27.41
C4 FOL T . -14.49 -17.34 -26.36
O4 FOL T . -14.53 -18.53 -26.11
C4A FOL T . -13.67 -16.43 -25.52
N5 FOL T . -12.93 -16.86 -24.48
C6 FOL T . -12.21 -15.99 -23.76
C7 FOL T . -12.22 -14.60 -24.09
N8 FOL T . -12.95 -14.16 -25.13
C8A FOL T . -13.68 -15.03 -25.87
C9 FOL T . -11.37 -16.49 -22.60
N10 FOL T . -9.98 -16.74 -23.03
C11 FOL T . -7.57 -19.52 -20.92
C12 FOL T . -7.48 -19.38 -22.34
C13 FOL T . -8.29 -18.46 -23.02
C14 FOL T . -9.19 -17.64 -22.31
C15 FOL T . -9.28 -17.76 -20.89
C16 FOL T . -8.47 -18.69 -20.20
C FOL T . -6.71 -20.50 -20.22
O FOL T . -6.54 -20.42 -19.01
N FOL T . -6.09 -21.48 -20.94
CA FOL T . -5.37 -22.55 -20.21
CB FOL T . -6.32 -23.67 -19.66
CG FOL T . -7.55 -23.93 -20.58
CD FOL T . -8.45 -25.01 -20.00
OE1 FOL T . -8.19 -25.57 -18.96
OE2 FOL T . -9.56 -25.37 -20.67
CT FOL T . -4.30 -23.13 -21.12
O1 FOL T . -4.30 -24.29 -21.45
O2 FOL T . -3.34 -22.33 -21.59
C1 NAG U . -14.12 -6.58 -10.03
C2 NAG U . -13.19 -5.42 -9.68
C3 NAG U . -11.80 -5.98 -9.35
C4 NAG U . -11.91 -7.06 -8.27
C5 NAG U . -12.96 -8.11 -8.64
C6 NAG U . -13.20 -9.12 -7.54
C7 NAG U . -12.99 -3.23 -10.65
C8 NAG U . -11.59 -2.62 -10.77
N2 NAG U . -13.10 -4.53 -10.83
O3 NAG U . -10.97 -4.94 -8.88
O4 NAG U . -10.63 -7.69 -8.13
O5 NAG U . -14.22 -7.47 -8.91
O6 NAG U . -14.02 -8.58 -6.52
O7 NAG U . -13.97 -2.50 -10.43
C1 NAG V . 6.87 -21.81 -18.24
C2 NAG V . 8.02 -22.75 -18.68
C3 NAG V . 9.01 -22.96 -17.51
C4 NAG V . 9.38 -21.64 -16.81
C5 NAG V . 8.14 -20.75 -16.55
C6 NAG V . 8.49 -19.37 -16.05
C7 NAG V . 7.08 -24.91 -18.18
C8 NAG V . 7.91 -26.18 -18.02
N2 NAG V . 7.47 -24.03 -19.09
O3 NAG V . 10.22 -23.55 -17.99
O4 NAG V . 10.00 -21.93 -15.56
O5 NAG V . 7.40 -20.57 -17.78
O6 NAG V . 9.68 -18.87 -16.65
O7 NAG V . 6.10 -24.73 -17.45
C1 NAG W . -22.77 -17.60 -47.88
C2 NAG W . -23.79 -18.75 -47.96
C3 NAG W . -24.76 -18.57 -49.16
C4 NAG W . -25.26 -17.12 -49.31
C5 NAG W . -24.15 -16.08 -49.11
C6 NAG W . -24.65 -14.65 -49.07
C7 NAG W . -23.69 -21.16 -47.98
C8 NAG W . -23.76 -22.05 -49.23
N2 NAG W . -23.07 -19.99 -48.09
O3 NAG W . -25.88 -19.43 -48.97
O4 NAG W . -25.82 -16.97 -50.62
O5 NAG W . -23.46 -16.33 -47.87
O6 NAG W . -23.64 -13.74 -49.50
O7 NAG W . -24.19 -21.57 -46.93
N1 FOL X . 10.95 -24.63 10.23
C2 FOL X . 9.65 -24.56 9.76
NA2 FOL X . 9.00 -25.70 9.46
N3 FOL X . 9.02 -23.39 9.61
C4 FOL X . 9.60 -22.19 9.90
O4 FOL X . 8.98 -21.15 9.75
C4A FOL X . 11.01 -22.18 10.41
N5 FOL X . 11.67 -21.04 10.73
C6 FOL X . 12.93 -21.10 11.19
C7 FOL X . 13.60 -22.35 11.33
N8 FOL X . 12.95 -23.51 11.01
C8A FOL X . 11.67 -23.47 10.55
C9 FOL X . 13.65 -19.83 11.55
N10 FOL X . 13.51 -19.56 12.98
C11 FOL X . 13.91 -15.59 14.39
C12 FOL X . 12.91 -16.46 14.92
C13 FOL X . 12.80 -17.76 14.45
C14 FOL X . 13.66 -18.24 13.43
C15 FOL X . 14.66 -17.38 12.89
C16 FOL X . 14.78 -16.06 13.36
C FOL X . 14.03 -14.21 14.88
O FOL X . 15.02 -13.58 14.65
N FOL X . 13.02 -13.66 15.63
CA FOL X . 13.13 -12.22 15.98
CB FOL X . 12.60 -11.29 14.84
CG FOL X . 11.42 -11.90 14.05
CD FOL X . 10.91 -11.00 12.94
OE1 FOL X . 11.43 -9.92 12.72
OE2 FOL X . 9.89 -11.40 12.17
CT FOL X . 12.38 -11.97 17.30
O1 FOL X . 11.19 -12.17 17.38
O2 FOL X . 13.04 -11.54 18.39
C1 NAG Y . 28.50 -20.97 5.18
C2 NAG Y . 29.84 -21.14 5.93
C3 NAG Y . 30.09 -19.99 6.91
C4 NAG Y . 29.83 -18.63 6.25
C5 NAG Y . 28.50 -18.61 5.50
C6 NAG Y . 28.26 -17.33 4.73
C7 NAG Y . 30.76 -23.28 6.56
C8 NAG Y . 31.87 -23.23 7.59
N2 NAG Y . 29.78 -22.39 6.67
O3 NAG Y . 31.43 -20.04 7.36
O4 NAG Y . 29.83 -17.63 7.26
O5 NAG Y . 28.45 -19.69 4.54
O6 NAG Y . 28.26 -16.20 5.60
O7 NAG Y . 30.79 -24.13 5.66
C1 NAG Z . 18.08 -7.99 26.28
C2 NAG Z . 17.39 -7.03 27.27
C3 NAG Z . 18.42 -6.16 27.99
C4 NAG Z . 19.53 -7.03 28.59
C5 NAG Z . 20.14 -7.90 27.51
C6 NAG Z . 21.24 -8.81 28.05
C7 NAG Z . 15.23 -6.03 27.00
C8 NAG Z . 14.63 -4.62 26.93
N2 NAG Z . 16.46 -6.20 26.53
O3 NAG Z . 17.79 -5.43 29.04
O4 NAG Z . 20.54 -6.19 29.15
O5 NAG Z . 19.11 -8.75 26.94
O6 NAG Z . 22.37 -8.79 27.20
O7 NAG Z . 14.59 -6.94 27.50
C1 NAG AA . -7.84 -35.70 13.29
C2 NAG AA . -8.68 -34.77 12.38
C3 NAG AA . -8.56 -33.31 12.87
C4 NAG AA . -8.84 -33.21 14.38
C5 NAG AA . -8.04 -34.26 15.18
C6 NAG AA . -8.39 -34.30 16.65
C7 NAG AA . -8.90 -35.58 10.09
C8 NAG AA . -8.18 -35.88 8.77
N2 NAG AA . -8.23 -34.87 10.99
O3 NAG AA . -9.51 -32.49 12.18
O4 NAG AA . -8.49 -31.91 14.82
O5 NAG AA . -8.28 -35.58 14.64
O6 NAG AA . -9.26 -35.39 16.95
O7 NAG AA . -10.05 -35.99 10.25
N1 FOL BA . -36.90 -5.96 12.76
C2 FOL BA . -36.10 -5.88 13.87
NA2 FOL BA . -35.21 -4.87 13.94
N3 FOL BA . -36.17 -6.76 14.86
C4 FOL BA . -37.04 -7.80 14.86
O4 FOL BA . -37.07 -8.57 15.79
C4A FOL BA . -37.95 -7.96 13.69
N5 FOL BA . -38.87 -8.95 13.59
C6 FOL BA . -39.67 -9.04 12.52
C7 FOL BA . -39.56 -8.10 11.48
N8 FOL BA . -38.64 -7.11 11.56
C8A FOL BA . -37.84 -6.99 12.63
C9 FOL BA . -40.68 -10.14 12.43
N10 FOL BA . -41.98 -9.64 12.92
C11 FOL BA . -44.96 -12.37 14.18
C12 FOL BA . -44.64 -11.21 14.95
C13 FOL BA . -43.66 -10.32 14.51
C14 FOL BA . -42.96 -10.56 13.31
C15 FOL BA . -43.26 -11.72 12.53
C16 FOL BA . -44.26 -12.62 12.96
C FOL BA . -45.99 -13.29 14.67
O FOL BA . -46.49 -14.12 13.93
N FOL BA . -46.39 -13.18 15.97
CA FOL BA . -47.31 -14.20 16.50
CB FOL BA . -46.55 -15.48 17.00
CG FOL BA . -45.13 -15.16 17.55
CD FOL BA . -44.40 -16.40 18.03
OE1 FOL BA . -44.90 -17.51 17.97
OE2 FOL BA . -43.16 -16.27 18.53
CT FOL BA . -48.13 -13.56 17.62
O1 FOL BA . -48.81 -12.58 17.39
O2 FOL BA . -48.12 -14.07 18.87
C1 NAG CA . -39.69 -15.40 -2.83
C2 NAG CA . -40.61 -14.96 -3.98
C3 NAG CA . -42.06 -15.40 -3.69
C4 NAG CA . -42.14 -16.88 -3.29
C5 NAG CA . -41.14 -17.18 -2.18
C6 NAG CA . -41.10 -18.64 -1.82
C7 NAG CA . -40.20 -12.99 -5.30
C8 NAG CA . -40.50 -11.50 -5.52
N2 NAG CA . -40.55 -13.53 -4.14
O3 NAG CA . -42.85 -15.20 -4.85
O4 NAG CA . -43.45 -17.15 -2.82
O5 NAG CA . -39.81 -16.80 -2.60
O6 NAG CA . -39.96 -19.28 -2.40
O7 NAG CA . -39.67 -13.63 -6.21
C1 NAG DA . -59.43 -14.05 15.36
C2 NAG DA . -60.43 -14.26 16.50
C3 NAG DA . -61.61 -15.13 16.04
C4 NAG DA . -62.22 -14.57 14.75
C5 NAG DA . -61.13 -14.39 13.70
C6 NAG DA . -61.64 -13.80 12.40
C7 NAG DA . -59.27 -14.24 18.61
C8 NAG DA . -57.92 -14.67 19.19
N2 NAG DA . -59.75 -14.94 17.59
O3 NAG DA . -62.62 -15.17 17.05
O4 NAG DA . -63.21 -15.48 14.27
O5 NAG DA . -60.11 -13.50 14.21
O6 NAG DA . -62.44 -12.65 12.62
O7 NAG DA . -59.88 -13.28 19.10
C1 NAG EA . -24.90 9.66 25.93
C2 NAG EA . -24.36 11.11 25.96
C3 NAG EA . -22.82 11.07 25.84
C4 NAG EA . -22.21 10.15 26.92
C5 NAG EA . -22.91 8.76 26.92
C6 NAG EA . -22.48 7.87 28.06
C7 NAG EA . -25.82 12.85 25.13
C8 NAG EA . -25.39 14.28 24.81
N2 NAG EA . -24.95 11.87 24.88
O3 NAG EA . -22.28 12.38 26.03
O4 NAG EA . -20.82 10.00 26.66
O5 NAG EA . -24.35 8.92 27.03
O6 NAG EA . -23.25 6.67 28.10
O7 NAG EA . -26.96 12.65 25.60
N1 FOL FA . -29.32 17.60 -43.00
C2 FOL FA . -30.49 16.91 -43.21
NA2 FOL FA . -30.83 16.55 -44.48
N3 FOL FA . -31.30 16.56 -42.22
C4 FOL FA . -31.02 16.86 -40.92
O4 FOL FA . -31.78 16.53 -40.04
C4A FOL FA . -29.77 17.62 -40.62
N5 FOL FA . -29.42 17.97 -39.36
C6 FOL FA . -28.29 18.66 -39.13
C7 FOL FA . -27.46 19.02 -40.21
N8 FOL FA . -27.80 18.67 -41.48
C8A FOL FA . -28.94 17.98 -41.71
C9 FOL FA . -27.89 19.05 -37.73
N10 FOL FA . -26.97 18.05 -37.18
C11 FOL FA . -26.54 17.66 -32.97
C12 FOL FA . -26.80 16.52 -33.80
C13 FOL FA . -26.94 16.67 -35.18
C14 FOL FA . -26.84 17.94 -35.78
C15 FOL FA . -26.57 19.10 -34.96
C16 FOL FA . -26.43 18.95 -33.56
C FOL FA . -26.39 17.48 -31.50
O FOL FA . -25.88 18.38 -30.81
N FOL FA . -26.81 16.30 -30.94
CA FOL FA . -26.80 16.16 -29.47
CB FOL FA . -28.13 16.69 -28.83
CG FOL FA . -29.34 16.46 -29.76
CD FOL FA . -30.62 16.98 -29.13
OE1 FOL FA . -30.61 17.49 -28.02
OE2 FOL FA . -31.78 16.85 -29.80
CT FOL FA . -26.55 14.70 -29.09
O1 FOL FA . -26.00 13.93 -29.87
O2 FOL FA . -26.93 14.22 -27.88
C1 NAG GA . -21.92 34.39 -39.11
C2 NAG GA . -20.42 34.68 -39.15
C3 NAG GA . -19.78 34.26 -37.82
C4 NAG GA . -20.55 34.81 -36.61
C5 NAG GA . -22.05 34.56 -36.74
C6 NAG GA . -22.86 35.23 -35.66
C7 NAG GA . -19.43 34.54 -41.33
C8 NAG GA . -17.94 34.88 -41.43
N2 NAG GA . -19.82 33.93 -40.23
O3 NAG GA . -18.44 34.74 -37.76
O4 NAG GA . -20.11 34.17 -35.43
O5 NAG GA . -22.52 35.09 -38.01
O6 NAG GA . -24.25 35.00 -35.83
O7 NAG GA . -20.19 34.83 -42.26
C1 NAG HA . -17.05 13.19 -22.89
C2 NAG HA . -17.03 12.06 -21.83
C3 NAG HA . -16.09 12.43 -20.67
C4 NAG HA . -14.75 12.98 -21.16
C5 NAG HA . -14.95 14.06 -22.22
C6 NAG HA . -13.67 14.60 -22.82
C7 NAG HA . -19.01 10.73 -21.39
C8 NAG HA . -19.15 9.92 -20.10
N2 NAG HA . -18.38 11.90 -21.31
O3 NAG HA . -15.84 11.27 -19.88
O4 NAG HA . -14.05 13.53 -20.04
O5 NAG HA . -15.73 13.51 -23.30
O6 NAG HA . -12.69 13.59 -22.94
O7 NAG HA . -19.48 10.30 -22.44
N1 FOL IA . -1.45 -14.05 45.21
C2 FOL IA . -2.72 -14.55 45.04
NA2 FOL IA . -2.97 -15.37 43.96
N3 FOL IA . -3.72 -14.26 45.88
C4 FOL IA . -3.54 -13.45 46.96
O4 FOL IA . -4.45 -13.20 47.73
C4A FOL IA . -2.20 -12.90 47.22
N5 FOL IA . -1.93 -12.11 48.27
C6 FOL IA . -0.71 -11.62 48.47
C7 FOL IA . 0.32 -11.93 47.56
N8 FOL IA . 0.07 -12.72 46.50
C8A FOL IA . -1.16 -13.22 46.29
C9 FOL IA . -0.42 -10.76 49.66
N10 FOL IA . 0.13 -11.62 50.74
C11 FOL IA . -0.19 -10.40 54.78
C12 FOL IA . -0.31 -11.76 54.43
C13 FOL IA . -0.20 -12.15 53.09
C14 FOL IA . 0.04 -11.19 52.08
C15 FOL IA . 0.17 -9.83 52.42
C16 FOL IA . 0.06 -9.43 53.77
C FOL IA . -0.32 -9.98 56.22
O FOL IA . 0.06 -8.86 56.60
N FOL IA . -0.87 -10.88 57.11
CA FOL IA . -1.13 -10.41 58.48
CB FOL IA . -2.40 -9.51 58.61
CG FOL IA . -3.49 -9.91 57.60
CD FOL IA . -4.71 -9.04 57.73
OE1 FOL IA . -4.77 -8.15 58.54
OE2 FOL IA . -5.76 -9.27 56.92
CT FOL IA . -1.18 -11.64 59.37
O1 FOL IA . -2.19 -11.93 59.99
O2 FOL IA . -0.09 -12.42 59.48
C1 NAG JA . 7.89 1.99 44.42
C2 NAG JA . 9.42 2.26 44.39
C3 NAG JA . 9.98 2.43 45.79
C4 NAG JA . 9.16 3.46 46.55
C5 NAG JA . 7.70 3.05 46.56
C6 NAG JA . 6.79 4.02 47.32
C7 NAG JA . 11.23 1.32 43.09
C8 NAG JA . 12.13 0.11 42.95
N2 NAG JA . 10.10 1.14 43.77
O3 NAG JA . 11.31 2.88 45.70
O4 NAG JA . 9.67 3.56 47.86
O5 NAG JA . 7.21 2.98 45.21
O6 NAG JA . 7.08 5.38 47.06
O7 NAG JA . 11.55 2.39 42.57
C1 NAG KA . 7.20 -11.77 67.61
C2 NAG KA . 6.44 -12.41 68.77
C3 NAG KA . 6.72 -11.66 70.09
C4 NAG KA . 8.24 -11.56 70.31
C5 NAG KA . 8.92 -10.94 69.09
C6 NAG KA . 10.42 -10.91 69.20
C7 NAG KA . 4.19 -13.15 69.15
C8 NAG KA . 2.98 -12.47 69.79
N2 NAG KA . 5.03 -12.38 68.48
O3 NAG KA . 6.12 -12.34 71.17
O4 NAG KA . 8.49 -10.74 71.46
O5 NAG KA . 8.61 -11.72 67.89
O6 NAG KA . 11.01 -10.33 68.06
O7 NAG KA . 4.37 -14.36 69.29
C1 NAG LA . -10.62 -33.87 35.49
C2 NAG LA . -10.91 -33.32 34.06
C3 NAG LA . -10.38 -34.22 32.91
C4 NAG LA . -9.08 -34.97 33.25
C5 NAG LA . -9.05 -35.49 34.70
C6 NAG LA . -7.73 -36.13 35.10
C7 NAG LA . -12.84 -32.14 33.19
C8 NAG LA . -13.25 -32.45 31.76
N2 NAG LA . -12.34 -33.15 33.91
O3 NAG LA . -10.15 -33.42 31.75
O4 NAG LA . -8.92 -36.07 32.35
O5 NAG LA . -9.29 -34.41 35.62
O6 NAG LA . -6.67 -35.19 35.09
O7 NAG LA . -13.01 -31.01 33.66
#